data_7LX8
# 
_entry.id   7LX8 
# 
_audit_conform.dict_name       mmcif_pdbx.dic 
_audit_conform.dict_version    5.380 
_audit_conform.dict_location   http://mmcif.pdb.org/dictionaries/ascii/mmcif_pdbx.dic 
# 
loop_
_database_2.database_id 
_database_2.database_code 
_database_2.pdbx_database_accession 
_database_2.pdbx_DOI 
PDB   7LX8         pdb_00007lx8 10.2210/pdb7lx8/pdb 
WWPDB D_1000254729 ?            ?                   
# 
_pdbx_database_status.status_code                     REL 
_pdbx_database_status.status_code_sf                  REL 
_pdbx_database_status.status_code_mr                  ? 
_pdbx_database_status.entry_id                        7LX8 
_pdbx_database_status.recvd_initial_deposition_date   2021-03-03 
_pdbx_database_status.SG_entry                        N 
_pdbx_database_status.deposit_site                    RCSB 
_pdbx_database_status.process_site                    RCSB 
_pdbx_database_status.status_code_cs                  ? 
_pdbx_database_status.status_code_nmr_data            ? 
_pdbx_database_status.methods_development_category    ? 
_pdbx_database_status.pdb_format_compatible           Y 
# 
loop_
_audit_author.name 
_audit_author.pdbx_ordinal 
_audit_author.identifier_ORCID 
'Kamenik, A.S.'  1 ? 
'Singh, I.'      2 ? 
'Lak, P.'        3 ? 
'Balius, T.E.'   4 ? 
'Liedl, K.R.'    5 ? 
'Shoichet, B.K.' 6 ? 
# 
_citation.abstract                  ? 
_citation.abstract_id_CAS           ? 
_citation.book_id_ISBN              ? 
_citation.book_publisher            ? 
_citation.book_publisher_city       ? 
_citation.book_title                ? 
_citation.coordinate_linkage        ? 
_citation.country                   US 
_citation.database_id_Medline       ? 
_citation.details                   ? 
_citation.id                        primary 
_citation.journal_abbrev            Proc.Natl.Acad.Sci.USA 
_citation.journal_id_ASTM           PNASA6 
_citation.journal_id_CSD            0040 
_citation.journal_id_ISSN           1091-6490 
_citation.journal_full              ? 
_citation.journal_issue             ? 
_citation.journal_volume            118 
_citation.language                  ? 
_citation.page_first                ? 
_citation.page_last                 ? 
_citation.title                     'Energy penalties enhance flexible receptor docking in a model cavity.' 
_citation.year                      2021 
_citation.database_id_CSD           ? 
_citation.pdbx_database_id_DOI      10.1073/pnas.2106195118 
_citation.pdbx_database_id_PubMed   34475217 
_citation.pdbx_database_id_patent   ? 
_citation.unpublished_flag          ? 
# 
loop_
_citation_author.citation_id 
_citation_author.name 
_citation_author.ordinal 
_citation_author.identifier_ORCID 
primary 'Kamenik, A.S.'  1 0000-0001-8657-0036 
primary 'Singh, I.'      2 ?                   
primary 'Lak, P.'        3 ?                   
primary 'Balius, T.E.'   4 0000-0002-6811-4667 
primary 'Liedl, K.R.'    5 ?                   
primary 'Shoichet, B.K.' 6 0000-0002-6098-7367 
# 
_cell.angle_alpha                  90.000 
_cell.angle_alpha_esd              ? 
_cell.angle_beta                   90.000 
_cell.angle_beta_esd               ? 
_cell.angle_gamma                  120.000 
_cell.angle_gamma_esd              ? 
_cell.entry_id                     7LX8 
_cell.details                      ? 
_cell.formula_units_Z              ? 
_cell.length_a                     60.289 
_cell.length_a_esd                 ? 
_cell.length_b                     60.289 
_cell.length_b_esd                 ? 
_cell.length_c                     96.328 
_cell.length_c_esd                 ? 
_cell.volume                       ? 
_cell.volume_esd                   ? 
_cell.Z_PDB                        6 
_cell.reciprocal_angle_alpha       ? 
_cell.reciprocal_angle_beta        ? 
_cell.reciprocal_angle_gamma       ? 
_cell.reciprocal_angle_alpha_esd   ? 
_cell.reciprocal_angle_beta_esd    ? 
_cell.reciprocal_angle_gamma_esd   ? 
_cell.reciprocal_length_a          ? 
_cell.reciprocal_length_b          ? 
_cell.reciprocal_length_c          ? 
_cell.reciprocal_length_a_esd      ? 
_cell.reciprocal_length_b_esd      ? 
_cell.reciprocal_length_c_esd      ? 
_cell.pdbx_unique_axis             ? 
# 
_symmetry.entry_id                         7LX8 
_symmetry.cell_setting                     ? 
_symmetry.Int_Tables_number                154 
_symmetry.space_group_name_Hall            ? 
_symmetry.space_group_name_H-M             'P 32 2 1' 
_symmetry.pdbx_full_space_group_name_H-M   ? 
# 
loop_
_entity.id 
_entity.type 
_entity.src_method 
_entity.pdbx_description 
_entity.formula_weight 
_entity.pdbx_number_of_molecules 
_entity.pdbx_ec 
_entity.pdbx_mutation 
_entity.pdbx_fragment 
_entity.details 
1 polymer     man Lysozyme                                 19691.541 1   3.2.1.17 L99A ? ? 
2 non-polymer syn '1-chloro-2-(methylsulfanyl)benzene'     158.648   1   ?        ?    ? ? 
3 non-polymer syn 2-AMINO-2-HYDROXYMETHYL-PROPANE-1,3-DIOL 122.143   1   ?        ?    ? ? 
4 water       nat water                                    18.015    116 ?        ?    ? ? 
# 
_entity_name_com.entity_id   1 
_entity_name_com.name        'Lysis protein,Endolysin,Muramidase' 
# 
_entity_poly.entity_id                      1 
_entity_poly.type                           'polypeptide(L)' 
_entity_poly.nstd_linkage                   no 
_entity_poly.nstd_monomer                   no 
_entity_poly.pdbx_seq_one_letter_code       
;MNIFEMLRIDEGLRLKIYKDTEGYYTIGIGHLLTKSPSLNAAKSELDKAIGRNCNGVITKDEAEKLFNQDVDAAVRGILR
NAKLKPVYDSLDAVRRCAAINMVFQMGETGVAGFTNSLRMLQQKRWDEAAVNLAKSRWYNQTPNRAKRVITTFRTGTWDA
YKNLLEHHHHHH
;
_entity_poly.pdbx_seq_one_letter_code_can   
;MNIFEMLRIDEGLRLKIYKDTEGYYTIGIGHLLTKSPSLNAAKSELDKAIGRNCNGVITKDEAEKLFNQDVDAAVRGILR
NAKLKPVYDSLDAVRRCAAINMVFQMGETGVAGFTNSLRMLQQKRWDEAAVNLAKSRWYNQTPNRAKRVITTFRTGTWDA
YKNLLEHHHHHH
;
_entity_poly.pdbx_strand_id                 A 
_entity_poly.pdbx_target_identifier         ? 
# 
loop_
_entity_poly_seq.entity_id 
_entity_poly_seq.num 
_entity_poly_seq.mon_id 
_entity_poly_seq.hetero 
1 1   MET n 
1 2   ASN n 
1 3   ILE n 
1 4   PHE n 
1 5   GLU n 
1 6   MET n 
1 7   LEU n 
1 8   ARG n 
1 9   ILE n 
1 10  ASP n 
1 11  GLU n 
1 12  GLY n 
1 13  LEU n 
1 14  ARG n 
1 15  LEU n 
1 16  LYS n 
1 17  ILE n 
1 18  TYR n 
1 19  LYS n 
1 20  ASP n 
1 21  THR n 
1 22  GLU n 
1 23  GLY n 
1 24  TYR n 
1 25  TYR n 
1 26  THR n 
1 27  ILE n 
1 28  GLY n 
1 29  ILE n 
1 30  GLY n 
1 31  HIS n 
1 32  LEU n 
1 33  LEU n 
1 34  THR n 
1 35  LYS n 
1 36  SER n 
1 37  PRO n 
1 38  SER n 
1 39  LEU n 
1 40  ASN n 
1 41  ALA n 
1 42  ALA n 
1 43  LYS n 
1 44  SER n 
1 45  GLU n 
1 46  LEU n 
1 47  ASP n 
1 48  LYS n 
1 49  ALA n 
1 50  ILE n 
1 51  GLY n 
1 52  ARG n 
1 53  ASN n 
1 54  CYS n 
1 55  ASN n 
1 56  GLY n 
1 57  VAL n 
1 58  ILE n 
1 59  THR n 
1 60  LYS n 
1 61  ASP n 
1 62  GLU n 
1 63  ALA n 
1 64  GLU n 
1 65  LYS n 
1 66  LEU n 
1 67  PHE n 
1 68  ASN n 
1 69  GLN n 
1 70  ASP n 
1 71  VAL n 
1 72  ASP n 
1 73  ALA n 
1 74  ALA n 
1 75  VAL n 
1 76  ARG n 
1 77  GLY n 
1 78  ILE n 
1 79  LEU n 
1 80  ARG n 
1 81  ASN n 
1 82  ALA n 
1 83  LYS n 
1 84  LEU n 
1 85  LYS n 
1 86  PRO n 
1 87  VAL n 
1 88  TYR n 
1 89  ASP n 
1 90  SER n 
1 91  LEU n 
1 92  ASP n 
1 93  ALA n 
1 94  VAL n 
1 95  ARG n 
1 96  ARG n 
1 97  CYS n 
1 98  ALA n 
1 99  ALA n 
1 100 ILE n 
1 101 ASN n 
1 102 MET n 
1 103 VAL n 
1 104 PHE n 
1 105 GLN n 
1 106 MET n 
1 107 GLY n 
1 108 GLU n 
1 109 THR n 
1 110 GLY n 
1 111 VAL n 
1 112 ALA n 
1 113 GLY n 
1 114 PHE n 
1 115 THR n 
1 116 ASN n 
1 117 SER n 
1 118 LEU n 
1 119 ARG n 
1 120 MET n 
1 121 LEU n 
1 122 GLN n 
1 123 GLN n 
1 124 LYS n 
1 125 ARG n 
1 126 TRP n 
1 127 ASP n 
1 128 GLU n 
1 129 ALA n 
1 130 ALA n 
1 131 VAL n 
1 132 ASN n 
1 133 LEU n 
1 134 ALA n 
1 135 LYS n 
1 136 SER n 
1 137 ARG n 
1 138 TRP n 
1 139 TYR n 
1 140 ASN n 
1 141 GLN n 
1 142 THR n 
1 143 PRO n 
1 144 ASN n 
1 145 ARG n 
1 146 ALA n 
1 147 LYS n 
1 148 ARG n 
1 149 VAL n 
1 150 ILE n 
1 151 THR n 
1 152 THR n 
1 153 PHE n 
1 154 ARG n 
1 155 THR n 
1 156 GLY n 
1 157 THR n 
1 158 TRP n 
1 159 ASP n 
1 160 ALA n 
1 161 TYR n 
1 162 LYS n 
1 163 ASN n 
1 164 LEU n 
1 165 LEU n 
1 166 GLU n 
1 167 HIS n 
1 168 HIS n 
1 169 HIS n 
1 170 HIS n 
1 171 HIS n 
1 172 HIS n 
# 
_entity_src_gen.entity_id                          1 
_entity_src_gen.pdbx_src_id                        1 
_entity_src_gen.pdbx_alt_source_flag               sample 
_entity_src_gen.pdbx_seq_type                      'Biological sequence' 
_entity_src_gen.pdbx_beg_seq_num                   1 
_entity_src_gen.pdbx_end_seq_num                   172 
_entity_src_gen.gene_src_common_name               'Bacteriophage T4' 
_entity_src_gen.gene_src_genus                     ? 
_entity_src_gen.pdbx_gene_src_gene                 'e, T4Tp126' 
_entity_src_gen.gene_src_species                   ? 
_entity_src_gen.gene_src_strain                    ? 
_entity_src_gen.gene_src_tissue                    ? 
_entity_src_gen.gene_src_tissue_fraction           ? 
_entity_src_gen.gene_src_details                   ? 
_entity_src_gen.pdbx_gene_src_fragment             ? 
_entity_src_gen.pdbx_gene_src_scientific_name      'Enterobacteria phage T4' 
_entity_src_gen.pdbx_gene_src_ncbi_taxonomy_id     10665 
_entity_src_gen.pdbx_gene_src_variant              ? 
_entity_src_gen.pdbx_gene_src_cell_line            ? 
_entity_src_gen.pdbx_gene_src_atcc                 ? 
_entity_src_gen.pdbx_gene_src_organ                ? 
_entity_src_gen.pdbx_gene_src_organelle            ? 
_entity_src_gen.pdbx_gene_src_cell                 ? 
_entity_src_gen.pdbx_gene_src_cellular_location    ? 
_entity_src_gen.host_org_common_name               ? 
_entity_src_gen.pdbx_host_org_scientific_name      
;Escherichia coli 'BL21-Gold(DE3)pLysS AG'
;
_entity_src_gen.pdbx_host_org_ncbi_taxonomy_id     866768 
_entity_src_gen.host_org_genus                     ? 
_entity_src_gen.pdbx_host_org_gene                 ? 
_entity_src_gen.pdbx_host_org_organ                ? 
_entity_src_gen.host_org_species                   ? 
_entity_src_gen.pdbx_host_org_tissue               ? 
_entity_src_gen.pdbx_host_org_tissue_fraction      ? 
_entity_src_gen.pdbx_host_org_strain               ? 
_entity_src_gen.pdbx_host_org_variant              ? 
_entity_src_gen.pdbx_host_org_cell_line            ? 
_entity_src_gen.pdbx_host_org_atcc                 ? 
_entity_src_gen.pdbx_host_org_culture_collection   ? 
_entity_src_gen.pdbx_host_org_cell                 ? 
_entity_src_gen.pdbx_host_org_organelle            ? 
_entity_src_gen.pdbx_host_org_cellular_location    ? 
_entity_src_gen.pdbx_host_org_vector_type          ? 
_entity_src_gen.pdbx_host_org_vector               ? 
_entity_src_gen.host_org_details                   ? 
_entity_src_gen.expression_system_id               ? 
_entity_src_gen.plasmid_name                       ? 
_entity_src_gen.plasmid_details                    ? 
_entity_src_gen.pdbx_description                   ? 
# 
_struct_ref.id                         1 
_struct_ref.db_name                    UNP 
_struct_ref.db_code                    D9IEF7_BPT4 
_struct_ref.pdbx_db_accession          D9IEF7 
_struct_ref.pdbx_db_isoform            ? 
_struct_ref.entity_id                  1 
_struct_ref.pdbx_seq_one_letter_code   
;MNIFEMLRIDEGLRLKIYKDTEGYYTIGIGHLLTKSPSLNAAKSELDKAIGRNCNGVITKDEAEKLFNQDVDAAVRGILR
NAKLKPVYDSLDAVRRCALINMVFQMGETGVAGFTNSLRMLQQKRWDEAAVNLAKSRWYNQTPNRAKRVITTFRTGTWDA
YKNL
;
_struct_ref.pdbx_align_begin           1 
# 
_struct_ref_seq.align_id                      1 
_struct_ref_seq.ref_id                        1 
_struct_ref_seq.pdbx_PDB_id_code              7LX8 
_struct_ref_seq.pdbx_strand_id                A 
_struct_ref_seq.seq_align_beg                 1 
_struct_ref_seq.pdbx_seq_align_beg_ins_code   ? 
_struct_ref_seq.seq_align_end                 164 
_struct_ref_seq.pdbx_seq_align_end_ins_code   ? 
_struct_ref_seq.pdbx_db_accession             D9IEF7 
_struct_ref_seq.db_align_beg                  1 
_struct_ref_seq.pdbx_db_align_beg_ins_code    ? 
_struct_ref_seq.db_align_end                  164 
_struct_ref_seq.pdbx_db_align_end_ins_code    ? 
_struct_ref_seq.pdbx_auth_seq_align_beg       1 
_struct_ref_seq.pdbx_auth_seq_align_end       164 
# 
loop_
_struct_ref_seq_dif.align_id 
_struct_ref_seq_dif.pdbx_pdb_id_code 
_struct_ref_seq_dif.mon_id 
_struct_ref_seq_dif.pdbx_pdb_strand_id 
_struct_ref_seq_dif.seq_num 
_struct_ref_seq_dif.pdbx_pdb_ins_code 
_struct_ref_seq_dif.pdbx_seq_db_name 
_struct_ref_seq_dif.pdbx_seq_db_accession_code 
_struct_ref_seq_dif.db_mon_id 
_struct_ref_seq_dif.pdbx_seq_db_seq_num 
_struct_ref_seq_dif.details 
_struct_ref_seq_dif.pdbx_auth_seq_num 
_struct_ref_seq_dif.pdbx_ordinal 
1 7LX8 ALA A 99  ? UNP D9IEF7 LEU 99 'engineered mutation' 99  1 
1 7LX8 LEU A 165 ? UNP D9IEF7 ?   ?  'expression tag'      165 2 
1 7LX8 GLU A 166 ? UNP D9IEF7 ?   ?  'expression tag'      166 3 
1 7LX8 HIS A 167 ? UNP D9IEF7 ?   ?  'expression tag'      167 4 
1 7LX8 HIS A 168 ? UNP D9IEF7 ?   ?  'expression tag'      168 5 
1 7LX8 HIS A 169 ? UNP D9IEF7 ?   ?  'expression tag'      169 6 
1 7LX8 HIS A 170 ? UNP D9IEF7 ?   ?  'expression tag'      170 7 
1 7LX8 HIS A 171 ? UNP D9IEF7 ?   ?  'expression tag'      171 8 
1 7LX8 HIS A 172 ? UNP D9IEF7 ?   ?  'expression tag'      172 9 
# 
loop_
_chem_comp.id 
_chem_comp.type 
_chem_comp.mon_nstd_flag 
_chem_comp.name 
_chem_comp.pdbx_synonyms 
_chem_comp.formula 
_chem_comp.formula_weight 
ALA 'L-peptide linking' y ALANINE                                  ?             'C3 H7 N O2'     89.093  
ARG 'L-peptide linking' y ARGININE                                 ?             'C6 H15 N4 O2 1' 175.209 
ASN 'L-peptide linking' y ASPARAGINE                               ?             'C4 H8 N2 O3'    132.118 
ASP 'L-peptide linking' y 'ASPARTIC ACID'                          ?             'C4 H7 N O4'     133.103 
CYS 'L-peptide linking' y CYSTEINE                                 ?             'C3 H7 N O2 S'   121.158 
GLN 'L-peptide linking' y GLUTAMINE                                ?             'C5 H10 N2 O3'   146.144 
GLU 'L-peptide linking' y 'GLUTAMIC ACID'                          ?             'C5 H9 N O4'     147.129 
GLY 'peptide linking'   y GLYCINE                                  ?             'C2 H5 N O2'     75.067  
HIS 'L-peptide linking' y HISTIDINE                                ?             'C6 H10 N3 O2 1' 156.162 
HOH non-polymer         . WATER                                    ?             'H2 O'           18.015  
ILE 'L-peptide linking' y ISOLEUCINE                               ?             'C6 H13 N O2'    131.173 
LEU 'L-peptide linking' y LEUCINE                                  ?             'C6 H13 N O2'    131.173 
LYS 'L-peptide linking' y LYSINE                                   ?             'C6 H15 N2 O2 1' 147.195 
MET 'L-peptide linking' y METHIONINE                               ?             'C5 H11 N O2 S'  149.211 
PHE 'L-peptide linking' y PHENYLALANINE                            ?             'C9 H11 N O2'    165.189 
PRO 'L-peptide linking' y PROLINE                                  ?             'C5 H9 N O2'     115.130 
SER 'L-peptide linking' y SERINE                                   ?             'C3 H7 N O3'     105.093 
THR 'L-peptide linking' y THREONINE                                ?             'C4 H9 N O3'     119.119 
TRP 'L-peptide linking' y TRYPTOPHAN                               ?             'C11 H12 N2 O2'  204.225 
TRS non-polymer         . 2-AMINO-2-HYDROXYMETHYL-PROPANE-1,3-DIOL 'TRIS BUFFER' 'C4 H12 N O3 1'  122.143 
TYR 'L-peptide linking' y TYROSINE                                 ?             'C9 H11 N O3'    181.189 
VAL 'L-peptide linking' y VALINE                                   ?             'C5 H11 N O2'    117.146 
YGV non-polymer         . '1-chloro-2-(methylsulfanyl)benzene'     ?             'C7 H7 Cl S'     158.648 
# 
_exptl.absorpt_coefficient_mu     ? 
_exptl.absorpt_correction_T_max   ? 
_exptl.absorpt_correction_T_min   ? 
_exptl.absorpt_correction_type    ? 
_exptl.absorpt_process_details    ? 
_exptl.entry_id                   7LX8 
_exptl.crystals_number            1 
_exptl.details                    ? 
_exptl.method                     'X-RAY DIFFRACTION' 
_exptl.method_details             ? 
# 
_exptl_crystal.colour                      ? 
_exptl_crystal.density_diffrn              ? 
_exptl_crystal.density_Matthews            2.57 
_exptl_crystal.density_method              ? 
_exptl_crystal.density_percent_sol         52.07 
_exptl_crystal.description                 ? 
_exptl_crystal.F_000                       ? 
_exptl_crystal.id                          1 
_exptl_crystal.preparation                 ? 
_exptl_crystal.size_max                    ? 
_exptl_crystal.size_mid                    ? 
_exptl_crystal.size_min                    ? 
_exptl_crystal.size_rad                    ? 
_exptl_crystal.colour_lustre               ? 
_exptl_crystal.colour_modifier             ? 
_exptl_crystal.colour_primary              ? 
_exptl_crystal.density_meas                ? 
_exptl_crystal.density_meas_esd            ? 
_exptl_crystal.density_meas_gt             ? 
_exptl_crystal.density_meas_lt             ? 
_exptl_crystal.density_meas_temp           ? 
_exptl_crystal.density_meas_temp_esd       ? 
_exptl_crystal.density_meas_temp_gt        ? 
_exptl_crystal.density_meas_temp_lt        ? 
_exptl_crystal.pdbx_crystal_image_url      ? 
_exptl_crystal.pdbx_crystal_image_format   ? 
_exptl_crystal.pdbx_mosaicity              ? 
_exptl_crystal.pdbx_mosaicity_esd          ? 
# 
_exptl_crystal_grow.apparatus       ? 
_exptl_crystal_grow.atmosphere      ? 
_exptl_crystal_grow.crystal_id      1 
_exptl_crystal_grow.details         ? 
_exptl_crystal_grow.method          'VAPOR DIFFUSION, HANGING DROP' 
_exptl_crystal_grow.method_ref      ? 
_exptl_crystal_grow.pH              8 
_exptl_crystal_grow.pressure        ? 
_exptl_crystal_grow.pressure_esd    ? 
_exptl_crystal_grow.seeding         ? 
_exptl_crystal_grow.seeding_ref     ? 
_exptl_crystal_grow.temp            294 
_exptl_crystal_grow.temp_details    ? 
_exptl_crystal_grow.temp_esd        ? 
_exptl_crystal_grow.time            ? 
_exptl_crystal_grow.pdbx_details    'Isopropanol, PEG 4000, Tris-Cl pH 8.0, Beta-mercaptoethanol,  2-hyrdoxyethyl disulfide' 
_exptl_crystal_grow.pdbx_pH_range   ? 
# 
_diffrn.ambient_environment              ? 
_diffrn.ambient_temp                     100 
_diffrn.ambient_temp_details             ? 
_diffrn.ambient_temp_esd                 ? 
_diffrn.crystal_id                       1 
_diffrn.crystal_support                  ? 
_diffrn.crystal_treatment                ? 
_diffrn.details                          ? 
_diffrn.id                               1 
_diffrn.ambient_pressure                 ? 
_diffrn.ambient_pressure_esd             ? 
_diffrn.ambient_pressure_gt              ? 
_diffrn.ambient_pressure_lt              ? 
_diffrn.ambient_temp_gt                  ? 
_diffrn.ambient_temp_lt                  ? 
_diffrn.pdbx_serial_crystal_experiment   N 
# 
_diffrn_detector.details                      ? 
_diffrn_detector.detector                     PIXEL 
_diffrn_detector.diffrn_id                    1 
_diffrn_detector.type                         'DECTRIS PILATUS3 S 6M' 
_diffrn_detector.area_resol_mean              ? 
_diffrn_detector.dtime                        ? 
_diffrn_detector.pdbx_frames_total            ? 
_diffrn_detector.pdbx_collection_time_total   ? 
_diffrn_detector.pdbx_collection_date         2020-11-24 
_diffrn_detector.pdbx_frequency               ? 
# 
_diffrn_radiation.collimation                      ? 
_diffrn_radiation.diffrn_id                        1 
_diffrn_radiation.filter_edge                      ? 
_diffrn_radiation.inhomogeneity                    ? 
_diffrn_radiation.monochromator                    M 
_diffrn_radiation.polarisn_norm                    ? 
_diffrn_radiation.polarisn_ratio                   ? 
_diffrn_radiation.probe                            ? 
_diffrn_radiation.type                             ? 
_diffrn_radiation.xray_symbol                      ? 
_diffrn_radiation.wavelength_id                    1 
_diffrn_radiation.pdbx_monochromatic_or_laue_m_l   M 
_diffrn_radiation.pdbx_wavelength_list             ? 
_diffrn_radiation.pdbx_wavelength                  ? 
_diffrn_radiation.pdbx_diffrn_protocol             'SINGLE WAVELENGTH' 
_diffrn_radiation.pdbx_analyzer                    ? 
_diffrn_radiation.pdbx_scattering_type             x-ray 
# 
_diffrn_radiation_wavelength.id           1 
_diffrn_radiation_wavelength.wavelength   0.9537 
_diffrn_radiation_wavelength.wt           1.0 
# 
_diffrn_source.current                     ? 
_diffrn_source.details                     ? 
_diffrn_source.diffrn_id                   1 
_diffrn_source.power                       ? 
_diffrn_source.size                        ? 
_diffrn_source.source                      SYNCHROTRON 
_diffrn_source.target                      ? 
_diffrn_source.type                        'ALS BEAMLINE 8.3.1' 
_diffrn_source.voltage                     ? 
_diffrn_source.take-off_angle              ? 
_diffrn_source.pdbx_wavelength_list        0.9537 
_diffrn_source.pdbx_wavelength             ? 
_diffrn_source.pdbx_synchrotron_beamline   8.3.1 
_diffrn_source.pdbx_synchrotron_site       ALS 
# 
_reflns.B_iso_Wilson_estimate            14.200 
_reflns.entry_id                         7LX8 
_reflns.data_reduction_details           ? 
_reflns.data_reduction_method            ? 
_reflns.d_resolution_high                1.030 
_reflns.d_resolution_low                 48.160 
_reflns.details                          ? 
_reflns.limit_h_max                      ? 
_reflns.limit_h_min                      ? 
_reflns.limit_k_max                      ? 
_reflns.limit_k_min                      ? 
_reflns.limit_l_max                      ? 
_reflns.limit_l_min                      ? 
_reflns.number_all                       ? 
_reflns.number_obs                       99343 
_reflns.observed_criterion               ? 
_reflns.observed_criterion_F_max         ? 
_reflns.observed_criterion_F_min         ? 
_reflns.observed_criterion_I_max         ? 
_reflns.observed_criterion_I_min         ? 
_reflns.observed_criterion_sigma_F       ? 
_reflns.observed_criterion_sigma_I       ? 
_reflns.percent_possible_obs             98.800 
_reflns.R_free_details                   ? 
_reflns.Rmerge_F_all                     ? 
_reflns.Rmerge_F_obs                     ? 
_reflns.Friedel_coverage                 ? 
_reflns.number_gt                        ? 
_reflns.threshold_expression             ? 
_reflns.pdbx_redundancy                  17.400 
_reflns.pdbx_Rmerge_I_obs                0.048 
_reflns.pdbx_Rmerge_I_all                ? 
_reflns.pdbx_Rsym_value                  ? 
_reflns.pdbx_netI_over_av_sigmaI         ? 
_reflns.pdbx_netI_over_sigmaI            21.500 
_reflns.pdbx_res_netI_over_av_sigmaI_2   ? 
_reflns.pdbx_res_netI_over_sigmaI_2      ? 
_reflns.pdbx_chi_squared                 ? 
_reflns.pdbx_scaling_rejects             5 
_reflns.pdbx_d_res_high_opt              ? 
_reflns.pdbx_d_res_low_opt               ? 
_reflns.pdbx_d_res_opt_method            ? 
_reflns.phase_calculation_details        ? 
_reflns.pdbx_Rrim_I_all                  0.049 
_reflns.pdbx_Rpim_I_all                  0.011 
_reflns.pdbx_d_opt                       ? 
_reflns.pdbx_number_measured_all         1733212 
_reflns.pdbx_diffrn_id                   1 
_reflns.pdbx_ordinal                     1 
_reflns.pdbx_CC_half                     1.000 
_reflns.pdbx_CC_star                     ? 
_reflns.pdbx_R_split                     ? 
# 
loop_
_reflns_shell.d_res_high 
_reflns_shell.d_res_low 
_reflns_shell.meanI_over_sigI_all 
_reflns_shell.meanI_over_sigI_obs 
_reflns_shell.number_measured_all 
_reflns_shell.number_measured_obs 
_reflns_shell.number_possible 
_reflns_shell.number_unique_all 
_reflns_shell.number_unique_obs 
_reflns_shell.percent_possible_all 
_reflns_shell.percent_possible_obs 
_reflns_shell.Rmerge_F_all 
_reflns_shell.Rmerge_F_obs 
_reflns_shell.Rmerge_I_all 
_reflns_shell.Rmerge_I_obs 
_reflns_shell.meanI_over_sigI_gt 
_reflns_shell.meanI_over_uI_all 
_reflns_shell.meanI_over_uI_gt 
_reflns_shell.number_measured_gt 
_reflns_shell.number_unique_gt 
_reflns_shell.percent_possible_gt 
_reflns_shell.Rmerge_F_gt 
_reflns_shell.Rmerge_I_gt 
_reflns_shell.pdbx_redundancy 
_reflns_shell.pdbx_Rsym_value 
_reflns_shell.pdbx_chi_squared 
_reflns_shell.pdbx_netI_over_sigmaI_all 
_reflns_shell.pdbx_netI_over_sigmaI_obs 
_reflns_shell.pdbx_Rrim_I_all 
_reflns_shell.pdbx_Rpim_I_all 
_reflns_shell.pdbx_rejects 
_reflns_shell.pdbx_ordinal 
_reflns_shell.pdbx_diffrn_id 
_reflns_shell.pdbx_CC_half 
_reflns_shell.pdbx_CC_star 
_reflns_shell.pdbx_R_split 
1.030 1.050  ? ? 33145 ? ? ? 4185 86.700 ? ? ? ? 2.634 ? ? ? ? ? ? ? ? 7.900  ? ? ? 0.700  2.817 0.974 ? 1 1 0.355 ? ? 
5.640 48.160 ? ? 13315 ? ? ? 721  99.900 ? ? ? ? 0.028 ? ? ? ? ? ? ? ? 18.500 ? ? ? 74.700 0.028 0.006 ? 2 1 1.000 ? ? 
# 
_refine.aniso_B[1][1]                            ? 
_refine.aniso_B[1][2]                            ? 
_refine.aniso_B[1][3]                            ? 
_refine.aniso_B[2][2]                            ? 
_refine.aniso_B[2][3]                            ? 
_refine.aniso_B[3][3]                            ? 
_refine.B_iso_max                                38.360 
_refine.B_iso_mean                               17.1019 
_refine.B_iso_min                                10.540 
_refine.correlation_coeff_Fo_to_Fc               ? 
_refine.correlation_coeff_Fo_to_Fc_free          ? 
_refine.details                                  ? 
_refine.diff_density_max                         ? 
_refine.diff_density_max_esd                     ? 
_refine.diff_density_min                         ? 
_refine.diff_density_min_esd                     ? 
_refine.diff_density_rms                         ? 
_refine.diff_density_rms_esd                     ? 
_refine.entry_id                                 7LX8 
_refine.pdbx_refine_id                           'X-RAY DIFFRACTION' 
_refine.ls_abs_structure_details                 ? 
_refine.ls_abs_structure_Flack                   ? 
_refine.ls_abs_structure_Flack_esd               ? 
_refine.ls_abs_structure_Rogers                  ? 
_refine.ls_abs_structure_Rogers_esd              ? 
_refine.ls_d_res_high                            1.0300 
_refine.ls_d_res_low                             45.9030 
_refine.ls_extinction_coef                       ? 
_refine.ls_extinction_coef_esd                   ? 
_refine.ls_extinction_expression                 ? 
_refine.ls_extinction_method                     ? 
_refine.ls_goodness_of_fit_all                   ? 
_refine.ls_goodness_of_fit_all_esd               ? 
_refine.ls_goodness_of_fit_obs                   ? 
_refine.ls_goodness_of_fit_obs_esd               ? 
_refine.ls_hydrogen_treatment                    ? 
_refine.ls_matrix_type                           ? 
_refine.ls_number_constraints                    ? 
_refine.ls_number_parameters                     ? 
_refine.ls_number_reflns_all                     ? 
_refine.ls_number_reflns_obs                     99239 
_refine.ls_number_reflns_R_free                  5034 
_refine.ls_number_reflns_R_work                  94205 
_refine.ls_number_restraints                     ? 
_refine.ls_percent_reflns_obs                    98.7100 
_refine.ls_percent_reflns_R_free                 5.0700 
_refine.ls_R_factor_all                          ? 
_refine.ls_R_factor_obs                          0.2066 
_refine.ls_R_factor_R_free                       0.2122 
_refine.ls_R_factor_R_free_error                 ? 
_refine.ls_R_factor_R_free_error_details         ? 
_refine.ls_R_factor_R_work                       0.2063 
_refine.ls_R_Fsqd_factor_obs                     ? 
_refine.ls_R_I_factor_obs                        ? 
_refine.ls_redundancy_reflns_all                 ? 
_refine.ls_redundancy_reflns_obs                 ? 
_refine.ls_restrained_S_all                      ? 
_refine.ls_restrained_S_obs                      ? 
_refine.ls_shift_over_esd_max                    ? 
_refine.ls_shift_over_esd_mean                   ? 
_refine.ls_structure_factor_coef                 ? 
_refine.ls_weighting_details                     ? 
_refine.ls_weighting_scheme                      ? 
_refine.ls_wR_factor_all                         ? 
_refine.ls_wR_factor_obs                         ? 
_refine.ls_wR_factor_R_free                      ? 
_refine.ls_wR_factor_R_work                      ? 
_refine.occupancy_max                            ? 
_refine.occupancy_min                            ? 
_refine.solvent_model_details                    'FLAT BULK SOLVENT MODEL' 
_refine.solvent_model_param_bsol                 ? 
_refine.solvent_model_param_ksol                 ? 
_refine.pdbx_R_complete                          ? 
_refine.ls_R_factor_gt                           ? 
_refine.ls_goodness_of_fit_gt                    ? 
_refine.ls_goodness_of_fit_ref                   ? 
_refine.ls_shift_over_su_max                     ? 
_refine.ls_shift_over_su_max_lt                  ? 
_refine.ls_shift_over_su_mean                    ? 
_refine.ls_shift_over_su_mean_lt                 ? 
_refine.pdbx_ls_sigma_I                          ? 
_refine.pdbx_ls_sigma_F                          1.340 
_refine.pdbx_ls_sigma_Fsqd                       ? 
_refine.pdbx_data_cutoff_high_absF               ? 
_refine.pdbx_data_cutoff_high_rms_absF           ? 
_refine.pdbx_data_cutoff_low_absF                ? 
_refine.pdbx_isotropic_thermal_model             ? 
_refine.pdbx_ls_cross_valid_method               THROUGHOUT 
_refine.pdbx_method_to_determine_struct          'MOLECULAR REPLACEMENT' 
_refine.pdbx_starting_model                      4W57 
_refine.pdbx_stereochemistry_target_values       ML 
_refine.pdbx_R_Free_selection_details            ? 
_refine.pdbx_stereochem_target_val_spec_case     ? 
_refine.pdbx_overall_ESU_R                       ? 
_refine.pdbx_overall_ESU_R_Free                  ? 
_refine.pdbx_solvent_vdw_probe_radii             1.1100 
_refine.pdbx_solvent_ion_probe_radii             ? 
_refine.pdbx_solvent_shrinkage_radii             0.9000 
_refine.pdbx_real_space_R                        ? 
_refine.pdbx_density_correlation                 ? 
_refine.pdbx_pd_number_of_powder_patterns        ? 
_refine.pdbx_pd_number_of_points                 ? 
_refine.pdbx_pd_meas_number_of_points            ? 
_refine.pdbx_pd_proc_ls_prof_R_factor            ? 
_refine.pdbx_pd_proc_ls_prof_wR_factor           ? 
_refine.pdbx_pd_Marquardt_correlation_coeff      ? 
_refine.pdbx_pd_Fsqrd_R_factor                   ? 
_refine.pdbx_pd_ls_matrix_band_width             ? 
_refine.pdbx_overall_phase_error                 21.4400 
_refine.pdbx_overall_SU_R_free_Cruickshank_DPI   ? 
_refine.pdbx_overall_SU_R_free_Blow_DPI          ? 
_refine.pdbx_overall_SU_R_Blow_DPI               ? 
_refine.pdbx_TLS_residual_ADP_flag               ? 
_refine.pdbx_diffrn_id                           1 
_refine.overall_SU_B                             ? 
_refine.overall_SU_ML                            0.1100 
_refine.overall_SU_R_Cruickshank_DPI             ? 
_refine.overall_SU_R_free                        ? 
_refine.overall_FOM_free_R_set                   ? 
_refine.overall_FOM_work_R_set                   ? 
_refine.pdbx_average_fsc_overall                 ? 
_refine.pdbx_average_fsc_work                    ? 
_refine.pdbx_average_fsc_free                    ? 
# 
_refine_hist.pdbx_refine_id                   'X-RAY DIFFRACTION' 
_refine_hist.cycle_id                         final 
_refine_hist.details                          ? 
_refine_hist.d_res_high                       1.0300 
_refine_hist.d_res_low                        45.9030 
_refine_hist.number_atoms_solvent             116 
_refine_hist.number_atoms_total               1407 
_refine_hist.number_reflns_all                ? 
_refine_hist.number_reflns_obs                ? 
_refine_hist.number_reflns_R_free             ? 
_refine_hist.number_reflns_R_work             ? 
_refine_hist.R_factor_all                     ? 
_refine_hist.R_factor_obs                     ? 
_refine_hist.R_factor_R_free                  ? 
_refine_hist.R_factor_R_work                  ? 
_refine_hist.pdbx_number_residues_total       162 
_refine_hist.pdbx_B_iso_mean_ligand           18.70 
_refine_hist.pdbx_B_iso_mean_solvent          24.11 
_refine_hist.pdbx_number_atoms_protein        1274 
_refine_hist.pdbx_number_atoms_nucleic_acid   0 
_refine_hist.pdbx_number_atoms_ligand         17 
_refine_hist.pdbx_number_atoms_lipid          ? 
_refine_hist.pdbx_number_atoms_carb           ? 
_refine_hist.pdbx_pseudo_atom_details         ? 
# 
loop_
_refine_ls_restr.pdbx_refine_id 
_refine_ls_restr.criterion 
_refine_ls_restr.dev_ideal 
_refine_ls_restr.dev_ideal_target 
_refine_ls_restr.number 
_refine_ls_restr.rejects 
_refine_ls_restr.type 
_refine_ls_restr.weight 
_refine_ls_restr.pdbx_restraint_function 
'X-RAY DIFFRACTION' ? 0.004 ? 1333 ? f_bond_d           ? ? 
'X-RAY DIFFRACTION' ? 0.756 ? 1796 ? f_angle_d          ? ? 
'X-RAY DIFFRACTION' ? 0.062 ? 196  ? f_chiral_restr     ? ? 
'X-RAY DIFFRACTION' ? 0.004 ? 230  ? f_plane_restr      ? ? 
'X-RAY DIFFRACTION' ? 2.570 ? 805  ? f_dihedral_angle_d ? ? 
# 
loop_
_refine_ls_shell.pdbx_refine_id 
_refine_ls_shell.d_res_high 
_refine_ls_shell.d_res_low 
_refine_ls_shell.number_reflns_all 
_refine_ls_shell.number_reflns_obs 
_refine_ls_shell.number_reflns_R_free 
_refine_ls_shell.number_reflns_R_work 
_refine_ls_shell.percent_reflns_obs 
_refine_ls_shell.percent_reflns_R_free 
_refine_ls_shell.R_factor_all 
_refine_ls_shell.R_factor_obs 
_refine_ls_shell.R_factor_R_free 
_refine_ls_shell.R_factor_R_free_error 
_refine_ls_shell.R_factor_R_work 
_refine_ls_shell.redundancy_reflns_all 
_refine_ls_shell.redundancy_reflns_obs 
_refine_ls_shell.wR_factor_all 
_refine_ls_shell.wR_factor_obs 
_refine_ls_shell.wR_factor_R_free 
_refine_ls_shell.wR_factor_R_work 
_refine_ls_shell.pdbx_R_complete 
_refine_ls_shell.pdbx_total_number_of_bins_used 
_refine_ls_shell.pdbx_phase_error 
_refine_ls_shell.pdbx_fsc_work 
_refine_ls_shell.pdbx_fsc_free 
'X-RAY DIFFRACTION' 1.0300 1.0417  . . 150 2629 84.0000  . . . 0.3741 0.0000 0.3698 . . . . . . . . . . . 
'X-RAY DIFFRACTION' 1.0417 1.0540  . . 142 2782 89.0000  . . . 0.3587 0.0000 0.3526 . . . . . . . . . . . 
'X-RAY DIFFRACTION' 1.0540 1.0668  . . 153 2901 93.0000  . . . 0.2948 0.0000 0.3262 . . . . . . . . . . . 
'X-RAY DIFFRACTION' 1.0668 1.0803  . . 183 3043 97.0000  . . . 0.3060 0.0000 0.2984 . . . . . . . . . . . 
'X-RAY DIFFRACTION' 1.0803 1.0946  . . 182 3115 99.0000  . . . 0.2759 0.0000 0.2819 . . . . . . . . . . . 
'X-RAY DIFFRACTION' 1.0946 1.1095  . . 155 3141 100.0000 . . . 0.2548 0.0000 0.2602 . . . . . . . . . . . 
'X-RAY DIFFRACTION' 1.1095 1.1254  . . 203 3102 100.0000 . . . 0.2428 0.0000 0.2466 . . . . . . . . . . . 
'X-RAY DIFFRACTION' 1.1254 1.1422  . . 185 3166 100.0000 . . . 0.2271 0.0000 0.2296 . . . . . . . . . . . 
'X-RAY DIFFRACTION' 1.1422 1.1600  . . 176 3160 100.0000 . . . 0.2245 0.0000 0.2233 . . . . . . . . . . . 
'X-RAY DIFFRACTION' 1.1600 1.1791  . . 188 3096 100.0000 . . . 0.2480 0.0000 0.2210 . . . . . . . . . . . 
'X-RAY DIFFRACTION' 1.1791 1.1994  . . 176 3140 100.0000 . . . 0.2340 0.0000 0.2131 . . . . . . . . . . . 
'X-RAY DIFFRACTION' 1.1994 1.2212  . . 158 3147 100.0000 . . . 0.2100 0.0000 0.2131 . . . . . . . . . . . 
'X-RAY DIFFRACTION' 1.2212 1.2447  . . 167 3205 100.0000 . . . 0.2037 0.0000 0.2134 . . . . . . . . . . . 
'X-RAY DIFFRACTION' 1.2447 1.2701  . . 176 3123 100.0000 . . . 0.2211 0.0000 0.2090 . . . . . . . . . . . 
'X-RAY DIFFRACTION' 1.2701 1.2977  . . 173 3142 100.0000 . . . 0.1936 0.0000 0.2024 . . . . . . . . . . . 
'X-RAY DIFFRACTION' 1.2977 1.3279  . . 169 3187 100.0000 . . . 0.1896 0.0000 0.2071 . . . . . . . . . . . 
'X-RAY DIFFRACTION' 1.3279 1.3611  . . 181 3152 100.0000 . . . 0.2368 0.0000 0.2035 . . . . . . . . . . . 
'X-RAY DIFFRACTION' 1.3611 1.3979  . . 159 3193 100.0000 . . . 0.1851 0.0000 0.2051 . . . . . . . . . . . 
'X-RAY DIFFRACTION' 1.3979 1.4391  . . 159 3177 100.0000 . . . 0.1988 0.0000 0.2048 . . . . . . . . . . . 
'X-RAY DIFFRACTION' 1.4391 1.4855  . . 161 3164 100.0000 . . . 0.2180 0.0000 0.2017 . . . . . . . . . . . 
'X-RAY DIFFRACTION' 1.4855 1.5386  . . 161 3200 100.0000 . . . 0.2024 0.0000 0.1921 . . . . . . . . . . . 
'X-RAY DIFFRACTION' 1.5386 1.6002  . . 165 3199 100.0000 . . . 0.1972 0.0000 0.1922 . . . . . . . . . . . 
'X-RAY DIFFRACTION' 1.6002 1.6731  . . 178 3185 100.0000 . . . 0.2107 0.0000 0.1962 . . . . . . . . . . . 
'X-RAY DIFFRACTION' 1.6731 1.7613  . . 174 3169 100.0000 . . . 0.2006 0.0000 0.1992 . . . . . . . . . . . 
'X-RAY DIFFRACTION' 1.7613 1.8716  . . 173 3211 100.0000 . . . 0.2277 0.0000 0.1960 . . . . . . . . . . . 
'X-RAY DIFFRACTION' 1.8716 2.0161  . . 124 3264 100.0000 . . . 0.1886 0.0000 0.2032 . . . . . . . . . . . 
'X-RAY DIFFRACTION' 2.0161 2.2190  . . 136 3269 100.0000 . . . 0.2293 0.0000 0.1963 . . . . . . . . . . . 
'X-RAY DIFFRACTION' 2.2190 2.5401  . . 171 3233 100.0000 . . . 0.2095 0.0000 0.2030 . . . . . . . . . . . 
'X-RAY DIFFRACTION' 2.5401 3.2001  . . 181 3277 100.0000 . . . 0.2490 0.0000 0.2151 . . . . . . . . . . . 
'X-RAY DIFFRACTION' 3.2001 45.9030 . . 175 3433 100.0000 . . . 0.1794 0.0000 0.1983 . . . . . . . . . . . 
# 
_struct.entry_id                     7LX8 
_struct.title                        'T4 lysozyme mutant L99A' 
_struct.pdbx_model_details           ? 
_struct.pdbx_formula_weight          ? 
_struct.pdbx_formula_weight_method   ? 
_struct.pdbx_model_type_details      ? 
_struct.pdbx_CASP_flag               N 
# 
_struct_keywords.entry_id        7LX8 
_struct_keywords.text            'mutant, lysozyme, small molecule, L99A, complex, PROTEIN BINDING' 
_struct_keywords.pdbx_keywords   'PROTEIN BINDING' 
# 
loop_
_struct_asym.id 
_struct_asym.pdbx_blank_PDB_chainid_flag 
_struct_asym.pdbx_modified 
_struct_asym.entity_id 
_struct_asym.details 
A N N 1 ? 
B N N 2 ? 
C N N 3 ? 
D N N 4 ? 
# 
loop_
_struct_conf.conf_type_id 
_struct_conf.id 
_struct_conf.pdbx_PDB_helix_id 
_struct_conf.beg_label_comp_id 
_struct_conf.beg_label_asym_id 
_struct_conf.beg_label_seq_id 
_struct_conf.pdbx_beg_PDB_ins_code 
_struct_conf.end_label_comp_id 
_struct_conf.end_label_asym_id 
_struct_conf.end_label_seq_id 
_struct_conf.pdbx_end_PDB_ins_code 
_struct_conf.beg_auth_comp_id 
_struct_conf.beg_auth_asym_id 
_struct_conf.beg_auth_seq_id 
_struct_conf.end_auth_comp_id 
_struct_conf.end_auth_asym_id 
_struct_conf.end_auth_seq_id 
_struct_conf.pdbx_PDB_helix_class 
_struct_conf.details 
_struct_conf.pdbx_PDB_helix_length 
HELX_P HELX_P1 AA1 ASN A 2   ? GLY A 12  ? ASN A 2   GLY A 12  1 ? 11 
HELX_P HELX_P2 AA2 SER A 38  ? GLY A 51  ? SER A 38  GLY A 51  1 ? 14 
HELX_P HELX_P3 AA3 THR A 59  ? ASN A 81  ? THR A 59  ASN A 81  1 ? 23 
HELX_P HELX_P4 AA4 LYS A 83  ? LEU A 91  ? LYS A 83  LEU A 91  1 ? 9  
HELX_P HELX_P5 AA5 ASP A 92  ? GLY A 107 ? ASP A 92  GLY A 107 1 ? 16 
HELX_P HELX_P6 AA6 PHE A 114 ? GLN A 123 ? PHE A 114 GLN A 123 1 ? 10 
HELX_P HELX_P7 AA7 ARG A 125 ? ALA A 134 ? ARG A 125 ALA A 134 1 ? 10 
HELX_P HELX_P8 AA8 SER A 136 ? THR A 142 ? SER A 136 THR A 142 1 ? 7  
HELX_P HELX_P9 AA9 THR A 142 ? GLY A 156 ? THR A 142 GLY A 156 1 ? 15 
# 
_struct_conf_type.id          HELX_P 
_struct_conf_type.criteria    ? 
_struct_conf_type.reference   ? 
# 
_struct_sheet.id               AA1 
_struct_sheet.type             ? 
_struct_sheet.number_strands   3 
_struct_sheet.details          ? 
# 
loop_
_struct_sheet_order.sheet_id 
_struct_sheet_order.range_id_1 
_struct_sheet_order.range_id_2 
_struct_sheet_order.offset 
_struct_sheet_order.sense 
AA1 1 2 ? anti-parallel 
AA1 2 3 ? anti-parallel 
# 
loop_
_struct_sheet_range.sheet_id 
_struct_sheet_range.id 
_struct_sheet_range.beg_label_comp_id 
_struct_sheet_range.beg_label_asym_id 
_struct_sheet_range.beg_label_seq_id 
_struct_sheet_range.pdbx_beg_PDB_ins_code 
_struct_sheet_range.end_label_comp_id 
_struct_sheet_range.end_label_asym_id 
_struct_sheet_range.end_label_seq_id 
_struct_sheet_range.pdbx_end_PDB_ins_code 
_struct_sheet_range.beg_auth_comp_id 
_struct_sheet_range.beg_auth_asym_id 
_struct_sheet_range.beg_auth_seq_id 
_struct_sheet_range.end_auth_comp_id 
_struct_sheet_range.end_auth_asym_id 
_struct_sheet_range.end_auth_seq_id 
AA1 1 ARG A 14 ? LYS A 19 ? ARG A 14 LYS A 19 
AA1 2 TYR A 25 ? GLY A 28 ? TYR A 25 GLY A 28 
AA1 3 HIS A 31 ? THR A 34 ? HIS A 31 THR A 34 
# 
loop_
_pdbx_struct_sheet_hbond.sheet_id 
_pdbx_struct_sheet_hbond.range_id_1 
_pdbx_struct_sheet_hbond.range_id_2 
_pdbx_struct_sheet_hbond.range_1_label_atom_id 
_pdbx_struct_sheet_hbond.range_1_label_comp_id 
_pdbx_struct_sheet_hbond.range_1_label_asym_id 
_pdbx_struct_sheet_hbond.range_1_label_seq_id 
_pdbx_struct_sheet_hbond.range_1_PDB_ins_code 
_pdbx_struct_sheet_hbond.range_1_auth_atom_id 
_pdbx_struct_sheet_hbond.range_1_auth_comp_id 
_pdbx_struct_sheet_hbond.range_1_auth_asym_id 
_pdbx_struct_sheet_hbond.range_1_auth_seq_id 
_pdbx_struct_sheet_hbond.range_2_label_atom_id 
_pdbx_struct_sheet_hbond.range_2_label_comp_id 
_pdbx_struct_sheet_hbond.range_2_label_asym_id 
_pdbx_struct_sheet_hbond.range_2_label_seq_id 
_pdbx_struct_sheet_hbond.range_2_PDB_ins_code 
_pdbx_struct_sheet_hbond.range_2_auth_atom_id 
_pdbx_struct_sheet_hbond.range_2_auth_comp_id 
_pdbx_struct_sheet_hbond.range_2_auth_asym_id 
_pdbx_struct_sheet_hbond.range_2_auth_seq_id 
AA1 1 2 N TYR A 18 ? N TYR A 18 O THR A 26 ? O THR A 26 
AA1 2 3 N TYR A 25 ? N TYR A 25 O LEU A 33 ? O LEU A 33 
# 
loop_
_struct_site.id 
_struct_site.pdbx_evidence_code 
_struct_site.pdbx_auth_asym_id 
_struct_site.pdbx_auth_comp_id 
_struct_site.pdbx_auth_seq_id 
_struct_site.pdbx_auth_ins_code 
_struct_site.pdbx_num_residues 
_struct_site.details 
AC1 Software A YGV 201 ? 5 'binding site for residue YGV A 201' 
AC2 Software A TRS 202 ? 4 'binding site for residue TRS A 202' 
# 
loop_
_struct_site_gen.id 
_struct_site_gen.site_id 
_struct_site_gen.pdbx_num_res 
_struct_site_gen.label_comp_id 
_struct_site_gen.label_asym_id 
_struct_site_gen.label_seq_id 
_struct_site_gen.pdbx_auth_ins_code 
_struct_site_gen.auth_comp_id 
_struct_site_gen.auth_asym_id 
_struct_site_gen.auth_seq_id 
_struct_site_gen.label_atom_id 
_struct_site_gen.label_alt_id 
_struct_site_gen.symmetry 
_struct_site_gen.details 
1 AC1 5 LEU A 84  ? LEU A 84  . ? 1_555 ? 
2 AC1 5 ALA A 99  ? ALA A 99  . ? 1_555 ? 
3 AC1 5 MET A 102 ? MET A 102 . ? 1_555 ? 
4 AC1 5 LEU A 118 ? LEU A 118 . ? 1_555 ? 
5 AC1 5 LEU A 121 ? LEU A 121 . ? 1_555 ? 
6 AC2 4 GLU A 11  ? GLU A 11  . ? 1_555 ? 
7 AC2 4 GLY A 30  ? GLY A 30  . ? 1_555 ? 
8 AC2 4 GLN A 105 ? GLN A 105 . ? 1_555 ? 
9 AC2 4 HOH D .   ? HOH A 304 . ? 1_555 ? 
# 
_atom_sites.entry_id                    7LX8 
_atom_sites.Cartn_transf_matrix[1][1]   ? 
_atom_sites.Cartn_transf_matrix[1][2]   ? 
_atom_sites.Cartn_transf_matrix[1][3]   ? 
_atom_sites.Cartn_transf_matrix[2][1]   ? 
_atom_sites.Cartn_transf_matrix[2][2]   ? 
_atom_sites.Cartn_transf_matrix[2][3]   ? 
_atom_sites.Cartn_transf_matrix[3][1]   ? 
_atom_sites.Cartn_transf_matrix[3][2]   ? 
_atom_sites.Cartn_transf_matrix[3][3]   ? 
_atom_sites.Cartn_transf_vector[1]      ? 
_atom_sites.Cartn_transf_vector[2]      ? 
_atom_sites.Cartn_transf_vector[3]      ? 
_atom_sites.fract_transf_matrix[1][1]   -0.00212502 
_atom_sites.fract_transf_matrix[1][2]   -0.01840254 
_atom_sites.fract_transf_matrix[1][3]   0.00486407 
_atom_sites.fract_transf_matrix[2][1]   0.01258637 
_atom_sites.fract_transf_matrix[2][2]   -0.01305115 
_atom_sites.fract_transf_matrix[2][3]   -0.00617156 
_atom_sites.fract_transf_matrix[3][1]   0.00578549 
_atom_sites.fract_transf_matrix[3][2]   0.00157194 
_atom_sites.fract_transf_matrix[3][3]   0.00847480 
_atom_sites.fract_transf_vector[1]      -0.462430 
_atom_sites.fract_transf_vector[2]      0.313521 
_atom_sites.fract_transf_vector[3]      -0.064337 
_atom_sites.solution_primary            ? 
_atom_sites.solution_secondary          ? 
_atom_sites.solution_hydrogens          ? 
_atom_sites.special_details             ? 
# 
loop_
_atom_type.symbol 
C  
CL 
N  
O  
S  
# 
loop_
_atom_site.group_PDB 
_atom_site.id 
_atom_site.type_symbol 
_atom_site.label_atom_id 
_atom_site.label_alt_id 
_atom_site.label_comp_id 
_atom_site.label_asym_id 
_atom_site.label_entity_id 
_atom_site.label_seq_id 
_atom_site.pdbx_PDB_ins_code 
_atom_site.Cartn_x 
_atom_site.Cartn_y 
_atom_site.Cartn_z 
_atom_site.occupancy 
_atom_site.B_iso_or_equiv 
_atom_site.pdbx_formal_charge 
_atom_site.auth_seq_id 
_atom_site.auth_comp_id 
_atom_site.auth_asym_id 
_atom_site.auth_atom_id 
_atom_site.pdbx_PDB_model_num 
ATOM   1    N  N    . MET A 1 1   ? 8.299   12.338  -8.703  1.00 20.67 ? 1   MET A N    1 
ATOM   2    C  CA   . MET A 1 1   ? 7.473   11.286  -8.130  1.00 18.51 ? 1   MET A CA   1 
ATOM   3    C  C    . MET A 1 1   ? 8.244   10.022  -7.791  1.00 15.70 ? 1   MET A C    1 
ATOM   4    O  O    . MET A 1 1   ? 9.141   9.597   -8.525  1.00 16.27 ? 1   MET A O    1 
ATOM   5    C  CB   . MET A 1 1   ? 6.309   10.974  -9.039  1.00 24.43 ? 1   MET A CB   1 
ATOM   6    C  CG   . MET A 1 1   ? 5.461   12.167  -9.267  1.00 28.84 ? 1   MET A CG   1 
ATOM   7    S  SD   . MET A 1 1   ? 3.797   11.660  -8.934  1.00 22.69 ? 1   MET A SD   1 
ATOM   8    C  CE   . MET A 1 1   ? 3.899   11.075  -7.234  1.00 19.86 ? 1   MET A CE   1 
ATOM   9    N  N    . ASN A 1 2   ? 7.886   9.447   -6.644  1.00 13.98 ? 2   ASN A N    1 
ATOM   10   C  CA   . ASN A 1 2   ? 8.509   8.241   -6.126  1.00 13.15 ? 2   ASN A CA   1 
ATOM   11   C  C    . ASN A 1 2   ? 7.470   7.555   -5.250  1.00 11.96 ? 2   ASN A C    1 
ATOM   12   O  O    . ASN A 1 2   ? 6.387   8.092   -5.010  1.00 12.16 ? 2   ASN A O    1 
ATOM   13   C  CB   . ASN A 1 2   ? 9.808   8.571   -5.374  1.00 13.84 ? 2   ASN A CB   1 
ATOM   14   C  CG   . ASN A 1 2   ? 9.576   9.498   -4.199  1.00 13.30 ? 2   ASN A CG   1 
ATOM   15   O  OD1  . ASN A 1 2   ? 8.778   9.198   -3.311  1.00 13.77 ? 2   ASN A OD1  1 
ATOM   16   N  ND2  . ASN A 1 2   ? 10.284  10.626  -4.176  1.00 15.23 ? 2   ASN A ND2  1 
ATOM   17   N  N    . ILE A 1 3   ? 7.818   6.370   -4.746  1.00 11.70 ? 3   ILE A N    1 
ATOM   18   C  CA   . ILE A 1 3   ? 6.855   5.568   -3.992  1.00 12.18 ? 3   ILE A CA   1 
ATOM   19   C  C    . ILE A 1 3   ? 6.376   6.303   -2.744  1.00 11.18 ? 3   ILE A C    1 
ATOM   20   O  O    . ILE A 1 3   ? 5.216   6.166   -2.337  1.00 11.72 ? 3   ILE A O    1 
ATOM   21   C  CB   . ILE A 1 3   ? 7.432   4.173   -3.674  1.00 11.70 ? 3   ILE A CB   1 
ATOM   22   C  CG1  . ILE A 1 3   ? 6.414   3.303   -2.932  1.00 12.99 ? 3   ILE A CG1  1 
ATOM   23   C  CG2  . ILE A 1 3   ? 8.741   4.258   -2.886  1.00 13.29 ? 3   ILE A CG2  1 
ATOM   24   C  CD1  . ILE A 1 3   ? 5.088   3.123   -3.649  1.00 12.21 ? 3   ILE A CD1  1 
ATOM   25   N  N    . PHE A 1 4   ? 7.263   7.067   -2.099  1.00 11.85 ? 4   PHE A N    1 
ATOM   26   C  CA   . PHE A 1 4   ? 6.864   7.782   -0.892  1.00 12.18 ? 4   PHE A CA   1 
ATOM   27   C  C    . PHE A 1 4   ? 5.824   8.853   -1.199  1.00 12.47 ? 4   PHE A C    1 
ATOM   28   O  O    . PHE A 1 4   ? 4.812   8.956   -0.501  1.00 12.98 ? 4   PHE A O    1 
ATOM   29   C  CB   . PHE A 1 4   ? 8.088   8.360   -0.179  1.00 12.87 ? 4   PHE A CB   1 
ATOM   30   C  CG   . PHE A 1 4   ? 9.024   7.305   0.322   1.00 12.95 ? 4   PHE A CG   1 
ATOM   31   C  CD1  . PHE A 1 4   ? 8.804   6.683   1.539   1.00 17.14 ? 4   PHE A CD1  1 
ATOM   32   C  CD2  . PHE A 1 4   ? 10.100  6.905   -0.440  1.00 14.11 ? 4   PHE A CD2  1 
ATOM   33   C  CE1  . PHE A 1 4   ? 9.665   5.691   1.992   1.00 17.85 ? 4   PHE A CE1  1 
ATOM   34   C  CE2  . PHE A 1 4   ? 10.955  5.919   0.003   1.00 17.21 ? 4   PHE A CE2  1 
ATOM   35   C  CZ   . PHE A 1 4   ? 10.735  5.310   1.220   1.00 17.43 ? 4   PHE A CZ   1 
ATOM   36   N  N    A GLU A 1 5   ? 6.070   9.660   -2.235  0.64 12.65 ? 5   GLU A N    1 
ATOM   37   N  N    B GLU A 1 5   ? 6.058   9.651   -2.241  0.36 12.67 ? 5   GLU A N    1 
ATOM   38   C  CA   A GLU A 1 5   ? 5.097   10.681  -2.616  0.64 13.37 ? 5   GLU A CA   1 
ATOM   39   C  CA   B GLU A 1 5   ? 5.086   10.683  -2.597  0.36 13.40 ? 5   GLU A CA   1 
ATOM   40   C  C    A GLU A 1 5   ? 3.780   10.049  -3.041  0.64 12.89 ? 5   GLU A C    1 
ATOM   41   C  C    B GLU A 1 5   ? 3.776   10.067  -3.070  0.36 12.91 ? 5   GLU A C    1 
ATOM   42   O  O    A GLU A 1 5   ? 2.699   10.542  -2.688  0.64 12.84 ? 5   GLU A O    1 
ATOM   43   O  O    B GLU A 1 5   ? 2.695   10.596  -2.782  0.36 12.93 ? 5   GLU A O    1 
ATOM   44   C  CB   A GLU A 1 5   ? 5.652   11.555  -3.746  0.64 14.46 ? 5   GLU A CB   1 
ATOM   45   C  CB   B GLU A 1 5   ? 5.664   11.612  -3.666  0.36 14.48 ? 5   GLU A CB   1 
ATOM   46   C  CG   A GLU A 1 5   ? 6.840   12.415  -3.353  0.64 17.25 ? 5   GLU A CG   1 
ATOM   47   C  CG   B GLU A 1 5   ? 6.880   12.400  -3.210  0.36 17.28 ? 5   GLU A CG   1 
ATOM   48   C  CD   A GLU A 1 5   ? 7.263   13.386  -4.445  0.64 18.82 ? 5   GLU A CD   1 
ATOM   49   C  CD   B GLU A 1 5   ? 6.615   13.197  -1.948  0.36 16.45 ? 5   GLU A CD   1 
ATOM   50   O  OE1  A GLU A 1 5   ? 6.538   13.526  -5.454  0.64 23.72 ? 5   GLU A OE1  1 
ATOM   51   O  OE1  B GLU A 1 5   ? 5.537   13.819  -1.852  0.36 18.94 ? 5   GLU A OE1  1 
ATOM   52   O  OE2  A GLU A 1 5   ? 8.332   14.014  -4.288  0.64 22.22 ? 5   GLU A OE2  1 
ATOM   53   O  OE2  B GLU A 1 5   ? 7.484   13.194  -1.051  0.36 20.87 ? 5   GLU A OE2  1 
ATOM   54   N  N    . MET A 1 6   ? 3.857   8.947   -3.792  1.00 12.14 ? 6   MET A N    1 
ATOM   55   C  CA   . MET A 1 6   ? 2.659   8.284   -4.297  1.00 11.87 ? 6   MET A CA   1 
ATOM   56   C  C    . MET A 1 6   ? 1.788   7.793   -3.148  1.00 11.27 ? 6   MET A C    1 
ATOM   57   O  O    . MET A 1 6   ? 0.584   8.073   -3.091  1.00 11.78 ? 6   MET A O    1 
ATOM   58   C  CB   . MET A 1 6   ? 3.095   7.115   -5.174  1.00 11.93 ? 6   MET A CB   1 
ATOM   59   C  CG   . MET A 1 6   ? 1.958   6.356   -5.809  1.00 11.83 ? 6   MET A CG   1 
ATOM   60   S  SD   . MET A 1 6   ? 2.551   4.741   -6.358  1.00 11.93 ? 6   MET A SD   1 
ATOM   61   C  CE   . MET A 1 6   ? 1.399   4.335   -7.676  1.00 13.30 ? 6   MET A CE   1 
ATOM   62   N  N    . LEU A 1 7   ? 2.394   7.072   -2.202  1.00 11.86 ? 7   LEU A N    1 
ATOM   63   C  CA   . LEU A 1 7   ? 1.622   6.557   -1.082  1.00 11.74 ? 7   LEU A CA   1 
ATOM   64   C  C    . LEU A 1 7   ? 1.194   7.667   -0.129  1.00 12.19 ? 7   LEU A C    1 
ATOM   65   O  O    . LEU A 1 7   ? 0.135   7.564   0.497   1.00 12.87 ? 7   LEU A O    1 
ATOM   66   C  CB   . LEU A 1 7   ? 2.405   5.464   -0.353  1.00 12.24 ? 7   LEU A CB   1 
ATOM   67   C  CG   . LEU A 1 7   ? 2.269   4.076   -0.977  1.00 11.96 ? 7   LEU A CG   1 
ATOM   68   C  CD1  . LEU A 1 7   ? 3.320   3.136   -0.421  1.00 12.77 ? 7   LEU A CD1  1 
ATOM   69   C  CD2  . LEU A 1 7   ? 0.870   3.512   -0.764  1.00 12.12 ? 7   LEU A CD2  1 
ATOM   70   N  N    . ARG A 1 8   ? 1.992   8.729   0.013   1.00 12.60 ? 8   ARG A N    1 
ATOM   71   C  CA   . ARG A 1 8   ? 1.550   9.855   0.832   1.00 13.40 ? 8   ARG A CA   1 
ATOM   72   C  C    . ARG A 1 8   ? 0.275   10.473  0.268   1.00 14.46 ? 8   ARG A C    1 
ATOM   73   O  O    . ARG A 1 8   ? -0.628  10.859  1.023   1.00 15.00 ? 8   ARG A O    1 
ATOM   74   C  CB   . ARG A 1 8   ? 2.675   10.887  0.945   1.00 14.61 ? 8   ARG A CB   1 
ATOM   75   C  CG   . ARG A 1 8   ? 2.286   12.204  1.594   1.00 15.96 ? 8   ARG A CG   1 
ATOM   76   C  CD   . ARG A 1 8   ? 1.871   12.044  3.047   1.00 17.67 ? 8   ARG A CD   1 
ATOM   77   N  NE   . ARG A 1 8   ? 1.542   13.340  3.629   1.00 20.40 ? 8   ARG A NE   1 
ATOM   78   C  CZ   . ARG A 1 8   ? 0.379   13.959  3.460   1.00 23.37 ? 8   ARG A CZ   1 
ATOM   79   N  NH1  . ARG A 1 8   ? -0.569  13.400  2.725   1.00 23.42 ? 8   ARG A NH1  1 
ATOM   80   N  NH2  . ARG A 1 8   ? 0.166   15.141  4.022   1.00 27.58 ? 8   ARG A NH2  1 
ATOM   81   N  N    . ILE A 1 9   ? 0.178   10.568  -1.061  1.00 13.82 ? 9   ILE A N    1 
ATOM   82   C  CA   . ILE A 1 9   ? -1.054  11.041  -1.693  1.00 14.48 ? 9   ILE A CA   1 
ATOM   83   C  C    . ILE A 1 9   ? -2.205  10.087  -1.402  1.00 13.12 ? 9   ILE A C    1 
ATOM   84   O  O    . ILE A 1 9   ? -3.303  10.509  -1.025  1.00 15.22 ? 9   ILE A O    1 
ATOM   85   C  CB   . ILE A 1 9   ? -0.845  11.232  -3.206  1.00 14.59 ? 9   ILE A CB   1 
ATOM   86   C  CG1  . ILE A 1 9   ? 0.025   12.463  -3.475  1.00 16.50 ? 9   ILE A CG1  1 
ATOM   87   C  CG2  . ILE A 1 9   ? -2.190  11.324  -3.952  1.00 16.27 ? 9   ILE A CG2  1 
ATOM   88   C  CD1  . ILE A 1 9   ? 0.608   12.501  -4.882  1.00 17.50 ? 9   ILE A CD1  1 
ATOM   89   N  N    . ASP A 1 10  ? -1.972  8.786   -1.582  1.00 12.26 ? 10  ASP A N    1 
ATOM   90   C  CA   . ASP A 1 10  ? -3.056  7.821   -1.453  1.00 11.58 ? 10  ASP A CA   1 
ATOM   91   C  C    . ASP A 1 10  ? -3.495  7.634   -0.010  1.00 12.17 ? 10  ASP A C    1 
ATOM   92   O  O    . ASP A 1 10  ? -4.668  7.337   0.236   1.00 13.82 ? 10  ASP A O    1 
ATOM   93   C  CB   . ASP A 1 10  ? -2.646  6.478   -2.055  1.00 12.36 ? 10  ASP A CB   1 
ATOM   94   C  CG   . ASP A 1 10  ? -2.648  6.488   -3.574  1.00 12.45 ? 10  ASP A CG   1 
ATOM   95   O  OD1  . ASP A 1 10  ? -3.422  7.282   -4.159  1.00 12.59 ? 10  ASP A OD1  1 
ATOM   96   O  OD2  . ASP A 1 10  ? -1.884  5.691   -4.179  1.00 12.88 ? 10  ASP A OD2  1 
ATOM   97   N  N    . GLU A 1 11  ? -2.584  7.788   0.951   1.00 12.05 ? 11  GLU A N    1 
ATOM   98   C  CA   . GLU A 1 11  ? -2.894  7.486   2.344   1.00 12.36 ? 11  GLU A CA   1 
ATOM   99   C  C    . GLU A 1 11  ? -3.169  8.714   3.202   1.00 12.41 ? 11  GLU A C    1 
ATOM   100  O  O    . GLU A 1 11  ? -3.805  8.579   4.258   1.00 14.45 ? 11  GLU A O    1 
ATOM   101  C  CB   . GLU A 1 11  ? -1.760  6.679   2.991   1.00 13.22 ? 11  GLU A CB   1 
ATOM   102  C  CG   . GLU A 1 11  ? -1.458  5.353   2.308   1.00 14.02 ? 11  GLU A CG   1 
ATOM   103  C  CD   . GLU A 1 11  ? -2.533  4.303   2.514   1.00 12.71 ? 11  GLU A CD   1 
ATOM   104  O  OE1  . GLU A 1 11  ? -3.367  4.445   3.441   1.00 15.06 ? 11  GLU A OE1  1 
ATOM   105  O  OE2  . GLU A 1 11  ? -2.537  3.317   1.740   1.00 15.39 ? 11  GLU A OE2  1 
ATOM   106  N  N    . GLY A 1 12  ? -2.702  9.882   2.803   1.00 13.12 ? 12  GLY A N    1 
ATOM   107  C  CA   . GLY A 1 12  ? -2.839  11.055  3.643   1.00 14.34 ? 12  GLY A CA   1 
ATOM   108  C  C    . GLY A 1 12  ? -1.903  10.990  4.842   1.00 13.18 ? 12  GLY A C    1 
ATOM   109  O  O    . GLY A 1 12  ? -1.021  10.135  4.950   1.00 13.94 ? 12  GLY A O    1 
ATOM   110  N  N    . LEU A 1 13  ? -2.119  11.923  5.767   1.00 14.35 ? 13  LEU A N    1 
ATOM   111  C  CA   . LEU A 1 13  ? -1.341  11.986  7.000   1.00 15.47 ? 13  LEU A CA   1 
ATOM   112  C  C    . LEU A 1 13  ? -2.259  12.412  8.131   1.00 16.35 ? 13  LEU A C    1 
ATOM   113  O  O    . LEU A 1 13  ? -2.841  13.500  8.082   1.00 17.29 ? 13  LEU A O    1 
ATOM   114  C  CB   . LEU A 1 13  ? -0.180  12.978  6.869   1.00 17.94 ? 13  LEU A CB   1 
ATOM   115  C  CG   . LEU A 1 13  ? 0.577   13.313  8.157   1.00 19.20 ? 13  LEU A CG   1 
ATOM   116  C  CD1  . LEU A 1 13  ? 1.298   12.091  8.693   1.00 17.99 ? 13  LEU A CD1  1 
ATOM   117  C  CD2  . LEU A 1 13  ? 1.551   14.464  7.940   1.00 21.63 ? 13  LEU A CD2  1 
ATOM   118  N  N    . ARG A 1 14  ? -2.388  11.559  9.145   1.00 15.16 ? 14  ARG A N    1 
ATOM   119  C  CA   . ARG A 1 14  ? -3.149  11.877  10.346  1.00 16.00 ? 14  ARG A CA   1 
ATOM   120  C  C    . ARG A 1 14  ? -2.330  11.488  11.568  1.00 15.29 ? 14  ARG A C    1 
ATOM   121  O  O    . ARG A 1 14  ? -1.777  10.386  11.626  1.00 16.21 ? 14  ARG A O    1 
ATOM   122  C  CB   . ARG A 1 14  ? -4.495  11.149  10.346  1.00 18.51 ? 14  ARG A CB   1 
ATOM   123  C  CG   . ARG A 1 14  ? -5.412  11.602  9.220   1.00 21.18 ? 14  ARG A CG   1 
ATOM   124  C  CD   . ARG A 1 14  ? -6.699  10.789  9.154   1.00 24.91 ? 14  ARG A CD   1 
ATOM   125  N  NE   . ARG A 1 14  ? -7.709  11.292  10.081  1.00 30.30 ? 14  ARG A NE   1 
ATOM   126  C  CZ   . ARG A 1 14  ? -8.972  10.875  10.118  1.00 31.75 ? 14  ARG A CZ   1 
ATOM   127  N  NH1  . ARG A 1 14  ? -9.394  9.944   9.273   1.00 27.76 ? 14  ARG A NH1  1 
ATOM   128  N  NH2  . ARG A 1 14  ? -9.816  11.393  11.000  1.00 36.27 ? 14  ARG A NH2  1 
ATOM   129  N  N    . LEU A 1 15  ? -2.256  12.387  12.547  1.00 14.26 ? 15  LEU A N    1 
ATOM   130  C  CA   . LEU A 1 15  ? -1.382  12.187  13.695  1.00 15.45 ? 15  LEU A CA   1 
ATOM   131  C  C    . LEU A 1 15  ? -2.083  11.542  14.883  1.00 14.81 ? 15  LEU A C    1 
ATOM   132  O  O    . LEU A 1 15  ? -1.420  11.240  15.880  1.00 16.52 ? 15  LEU A O    1 
ATOM   133  C  CB   . LEU A 1 15  ? -0.742  13.516  14.103  1.00 16.83 ? 15  LEU A CB   1 
ATOM   134  C  CG   . LEU A 1 15  ? 0.115   14.163  13.012  1.00 18.32 ? 15  LEU A CG   1 
ATOM   135  C  CD1  . LEU A 1 15  ? 0.835   15.377  13.572  1.00 21.48 ? 15  LEU A CD1  1 
ATOM   136  C  CD2  . LEU A 1 15  ? 1.114   13.172  12.429  1.00 19.86 ? 15  LEU A CD2  1 
ATOM   137  N  N    . LYS A 1 16  ? -3.393  11.324  14.807  1.00 15.85 ? 16  LYS A N    1 
ATOM   138  C  CA   . LYS A 1 16  ? -4.140  10.639  15.850  1.00 15.54 ? 16  LYS A CA   1 
ATOM   139  C  C    . LYS A 1 16  ? -4.784  9.391   15.259  1.00 13.17 ? 16  LYS A C    1 
ATOM   140  O  O    . LYS A 1 16  ? -5.087  9.345   14.060  1.00 14.23 ? 16  LYS A O    1 
ATOM   141  C  CB   . LYS A 1 16  ? -5.158  11.604  16.515  1.00 19.57 ? 16  LYS A CB   1 
ATOM   142  C  CG   . LYS A 1 16  ? -6.075  11.020  17.593  1.00 26.40 ? 16  LYS A CG   1 
ATOM   143  C  CD   . LYS A 1 16  ? -7.363  10.497  17.025  1.00 29.33 ? 16  LYS A CD   1 
ATOM   144  C  CE   . LYS A 1 16  ? -8.317  9.998   18.090  1.00 28.33 ? 16  LYS A CE   1 
ATOM   145  N  NZ   . LYS A 1 16  ? -8.064  8.547   18.341  1.00 27.95 ? 16  LYS A NZ   1 
ATOM   146  N  N    . ILE A 1 17  ? -4.992  8.374   16.097  1.00 14.01 ? 17  ILE A N    1 
ATOM   147  C  CA   . ILE A 1 17  ? -5.578  7.119   15.633  1.00 12.86 ? 17  ILE A CA   1 
ATOM   148  C  C    . ILE A 1 17  ? -6.871  7.400   14.892  1.00 13.01 ? 17  ILE A C    1 
ATOM   149  O  O    . ILE A 1 17  ? -7.720  8.168   15.356  1.00 15.24 ? 17  ILE A O    1 
ATOM   150  C  CB   . ILE A 1 17  ? -5.814  6.165   16.816  1.00 14.69 ? 17  ILE A CB   1 
ATOM   151  C  CG1  . ILE A 1 17  ? -4.481  5.687   17.394  1.00 14.30 ? 17  ILE A CG1  1 
ATOM   152  C  CG2  . ILE A 1 17  ? -6.660  4.970   16.379  1.00 15.74 ? 17  ILE A CG2  1 
ATOM   153  C  CD1  . ILE A 1 17  ? -4.627  4.733   18.576  1.00 16.08 ? 17  ILE A CD1  1 
ATOM   154  N  N    . TYR A 1 18  ? -7.018  6.784   13.722  1.00 12.61 ? 18  TYR A N    1 
ATOM   155  C  CA   . TYR A 1 18  ? -8.200  6.910   12.889  1.00 14.44 ? 18  TYR A CA   1 
ATOM   156  C  C    . TYR A 1 18  ? -8.586  5.520   12.413  1.00 13.49 ? 18  TYR A C    1 
ATOM   157  O  O    . TYR A 1 18  ? -7.896  4.536   12.687  1.00 14.87 ? 18  TYR A O    1 
ATOM   158  C  CB   . TYR A 1 18  ? -7.976  7.885   11.723  1.00 15.61 ? 18  TYR A CB   1 
ATOM   159  C  CG   . TYR A 1 18  ? -6.923  7.490   10.692  1.00 13.96 ? 18  TYR A CG   1 
ATOM   160  C  CD1  . TYR A 1 18  ? -5.576  7.758   10.899  1.00 15.96 ? 18  TYR A CD1  1 
ATOM   161  C  CD2  . TYR A 1 18  ? -7.286  6.895   9.487   1.00 14.73 ? 18  TYR A CD2  1 
ATOM   162  C  CE1  . TYR A 1 18  ? -4.618  7.429   9.951   1.00 14.48 ? 18  TYR A CE1  1 
ATOM   163  C  CE2  . TYR A 1 18  ? -6.328  6.558   8.534   1.00 14.97 ? 18  TYR A CE2  1 
ATOM   164  C  CZ   . TYR A 1 18  ? -4.994  6.833   8.768   1.00 15.34 ? 18  TYR A CZ   1 
ATOM   165  O  OH   . TYR A 1 18  ? -4.022  6.517   7.838   1.00 14.96 ? 18  TYR A OH   1 
ATOM   166  N  N    . LYS A 1 19  ? -9.694  5.425   11.691  1.00 15.61 ? 19  LYS A N    1 
ATOM   167  C  CA   . LYS A 1 19  ? -10.095 4.162   11.092  1.00 15.95 ? 19  LYS A CA   1 
ATOM   168  C  C    . LYS A 1 19  ? -9.879  4.223   9.589   1.00 14.41 ? 19  LYS A C    1 
ATOM   169  O  O    . LYS A 1 19  ? -10.183 5.238   8.952   1.00 16.28 ? 19  LYS A O    1 
ATOM   170  C  CB   . LYS A 1 19  ? -11.557 3.843   11.399  1.00 16.80 ? 19  LYS A CB   1 
ATOM   171  C  CG   . LYS A 1 19  ? -11.789 3.367   12.821  1.00 17.71 ? 19  LYS A CG   1 
ATOM   172  C  CD   . LYS A 1 19  ? -13.249 3.048   13.050  1.00 18.70 ? 19  LYS A CD   1 
ATOM   173  C  CE   . LYS A 1 19  ? -13.495 2.580   14.465  1.00 19.58 ? 19  LYS A CE   1 
ATOM   174  N  NZ   . LYS A 1 19  ? -14.919 2.187   14.633  1.00 20.84 ? 19  LYS A NZ   1 
ATOM   175  N  N    . ASP A 1 20  ? -9.325  3.149   9.034   1.00 14.53 ? 20  ASP A N    1 
ATOM   176  C  CA   . ASP A 1 20  ? -9.101  3.078   7.595   1.00 14.21 ? 20  ASP A CA   1 
ATOM   177  C  C    . ASP A 1 20  ? -10.417 2.808   6.874   1.00 13.60 ? 20  ASP A C    1 
ATOM   178  O  O    . ASP A 1 20  ? -11.491 2.767   7.481   1.00 14.44 ? 20  ASP A O    1 
ATOM   179  C  CB   . ASP A 1 20  ? -7.973  2.100   7.260   1.00 15.39 ? 20  ASP A CB   1 
ATOM   180  C  CG   . ASP A 1 20  ? -8.365  0.632   7.431   1.00 13.77 ? 20  ASP A CG   1 
ATOM   181  O  OD1  . ASP A 1 20  ? -9.533  0.321   7.735   1.00 14.24 ? 20  ASP A OD1  1 
ATOM   182  O  OD2  . ASP A 1 20  ? -7.470  -0.231  7.275   1.00 17.41 ? 20  ASP A OD2  1 
ATOM   183  N  N    . THR A 1 21  ? -10.339 2.597   5.560   1.00 13.77 ? 21  THR A N    1 
ATOM   184  C  CA   . THR A 1 21  ? -11.550 2.402   4.774   1.00 14.01 ? 21  THR A CA   1 
ATOM   185  C  C    . THR A 1 21  ? -12.280 1.116   5.136   1.00 14.12 ? 21  THR A C    1 
ATOM   186  O  O    . THR A 1 21  ? -13.463 0.982   4.799   1.00 16.24 ? 21  THR A O    1 
ATOM   187  C  CB   . THR A 1 21  ? -11.234 2.436   3.271   1.00 16.63 ? 21  THR A CB   1 
ATOM   188  O  OG1  . THR A 1 21  ? -10.407 1.322   2.924   1.00 20.05 ? 21  THR A OG1  1 
ATOM   189  C  CG2  . THR A 1 21  ? -10.514 3.720   2.888   1.00 19.84 ? 21  THR A CG2  1 
ATOM   190  N  N    . GLU A 1 22  ? -11.602 0.162   5.777   1.00 14.22 ? 22  GLU A N    1 
ATOM   191  C  CA   . GLU A 1 22  ? -12.204 -1.084  6.223   1.00 15.06 ? 22  GLU A CA   1 
ATOM   192  C  C    . GLU A 1 22  ? -12.680 -1.020  7.668   1.00 15.10 ? 22  GLU A C    1 
ATOM   193  O  O    . GLU A 1 22  ? -13.217 -2.010  8.172   1.00 17.65 ? 22  GLU A O    1 
ATOM   194  C  CB   . GLU A 1 22  ? -11.224 -2.256  6.054   1.00 16.60 ? 22  GLU A CB   1 
ATOM   195  C  CG   . GLU A 1 22  ? -10.699 -2.440  4.635   1.00 20.81 ? 22  GLU A CG   1 
ATOM   196  C  CD   . GLU A 1 22  ? -11.692 -3.119  3.706   1.00 22.02 ? 22  GLU A CD   1 
ATOM   197  O  OE1  . GLU A 1 22  ? -12.741 -3.601  4.179   1.00 21.03 ? 22  GLU A OE1  1 
ATOM   198  O  OE2  . GLU A 1 22  ? -11.423 -3.163  2.485   1.00 26.91 ? 22  GLU A OE2  1 
ATOM   199  N  N    . GLY A 1 23  ? -12.498 0.114   8.339   1.00 14.70 ? 23  GLY A N    1 
ATOM   200  C  CA   . GLY A 1 23  ? -12.900 0.268   9.720   1.00 15.79 ? 23  GLY A CA   1 
ATOM   201  C  C    . GLY A 1 23  ? -11.854 -0.098  10.751  1.00 14.73 ? 23  GLY A C    1 
ATOM   202  O  O    . GLY A 1 23  ? -12.193 -0.196  11.937  1.00 16.82 ? 23  GLY A O    1 
ATOM   203  N  N    . TYR A 1 24  ? -10.596 -0.282  10.353  1.00 13.61 ? 24  TYR A N    1 
ATOM   204  C  CA   . TYR A 1 24  ? -9.551  -0.757  11.252  1.00 14.32 ? 24  TYR A CA   1 
ATOM   205  C  C    . TYR A 1 24  ? -8.700  0.398   11.767  1.00 12.01 ? 24  TYR A C    1 
ATOM   206  O  O    . TYR A 1 24  ? -8.366  1.319   11.019  1.00 12.60 ? 24  TYR A O    1 
ATOM   207  C  CB   . TYR A 1 24  ? -8.640  -1.743  10.528  1.00 14.73 ? 24  TYR A CB   1 
ATOM   208  C  CG   . TYR A 1 24  ? -9.319  -3.019  10.090  1.00 15.94 ? 24  TYR A CG   1 
ATOM   209  C  CD1  . TYR A 1 24  ? -10.165 -3.708  10.947  1.00 18.43 ? 24  TYR A CD1  1 
ATOM   210  C  CD2  . TYR A 1 24  ? -9.106  -3.540  8.818   1.00 18.62 ? 24  TYR A CD2  1 
ATOM   211  C  CE1  . TYR A 1 24  ? -10.780 -4.887  10.550  1.00 23.04 ? 24  TYR A CE1  1 
ATOM   212  C  CE2  . TYR A 1 24  ? -9.716  -4.715  8.412   1.00 19.94 ? 24  TYR A CE2  1 
ATOM   213  C  CZ   . TYR A 1 24  ? -10.552 -5.379  9.282   1.00 21.49 ? 24  TYR A CZ   1 
ATOM   214  O  OH   . TYR A 1 24  ? -11.159 -6.550  8.877   1.00 24.47 ? 24  TYR A OH   1 
ATOM   215  N  N    . TYR A 1 25  ? -8.315  0.321   13.039  1.00 13.06 ? 25  TYR A N    1 
ATOM   216  C  CA   . TYR A 1 25  ? -7.502  1.368   13.651  1.00 12.63 ? 25  TYR A CA   1 
ATOM   217  C  C    . TYR A 1 25  ? -6.145  1.494   12.965  1.00 11.92 ? 25  TYR A C    1 
ATOM   218  O  O    . TYR A 1 25  ? -5.428  0.505   12.778  1.00 13.14 ? 25  TYR A O    1 
ATOM   219  C  CB   . TYR A 1 25  ? -7.329  1.078   15.140  1.00 13.11 ? 25  TYR A CB   1 
ATOM   220  C  CG   . TYR A 1 25  ? -8.604  1.236   15.937  1.00 13.99 ? 25  TYR A CG   1 
ATOM   221  C  CD1  . TYR A 1 25  ? -9.284  2.444   15.954  1.00 14.45 ? 25  TYR A CD1  1 
ATOM   222  C  CD2  . TYR A 1 25  ? -9.123  0.183   16.676  1.00 15.15 ? 25  TYR A CD2  1 
ATOM   223  C  CE1  . TYR A 1 25  ? -10.450 2.599   16.686  1.00 17.45 ? 25  TYR A CE1  1 
ATOM   224  C  CE2  . TYR A 1 25  ? -10.293 0.332   17.413  1.00 17.43 ? 25  TYR A CE2  1 
ATOM   225  C  CZ   . TYR A 1 25  ? -10.946 1.543   17.409  1.00 16.87 ? 25  TYR A CZ   1 
ATOM   226  O  OH   . TYR A 1 25  ? -12.110 1.696   18.140  1.00 21.70 ? 25  TYR A OH   1 
ATOM   227  N  N    . THR A 1 26  ? -5.792  2.734   12.637  1.00 12.02 ? 26  THR A N    1 
ATOM   228  C  CA   . THR A 1 26  ? -4.663  3.104   11.798  1.00 11.75 ? 26  THR A CA   1 
ATOM   229  C  C    . THR A 1 26  ? -4.126  4.427   12.336  1.00 11.87 ? 26  THR A C    1 
ATOM   230  O  O    . THR A 1 26  ? -4.820  5.132   13.076  1.00 12.30 ? 26  THR A O    1 
ATOM   231  C  CB   . THR A 1 26  ? -5.186  3.250   10.352  1.00 12.62 ? 26  THR A CB   1 
ATOM   232  O  OG1  . THR A 1 26  ? -5.808  2.024   9.954   1.00 12.86 ? 26  THR A OG1  1 
ATOM   233  C  CG2  . THR A 1 26  ? -4.101  3.564   9.332   1.00 12.90 ? 26  THR A CG2  1 
ATOM   234  N  N    . ILE A 1 27  ? -2.896  4.779   11.964  1.00 12.12 ? 27  ILE A N    1 
ATOM   235  C  CA   . ILE A 1 27  ? -2.342  6.086   12.308  1.00 12.33 ? 27  ILE A CA   1 
ATOM   236  C  C    . ILE A 1 27  ? -1.324  6.491   11.254  1.00 11.53 ? 27  ILE A C    1 
ATOM   237  O  O    . ILE A 1 27  ? -0.845  5.666   10.470  1.00 11.91 ? 27  ILE A O    1 
ATOM   238  C  CB   . ILE A 1 27  ? -1.708  6.092   13.719  1.00 13.27 ? 27  ILE A CB   1 
ATOM   239  C  CG1  . ILE A 1 27  ? -1.595  7.519   14.289  1.00 13.64 ? 27  ILE A CG1  1 
ATOM   240  C  CG2  . ILE A 1 27  ? -0.367  5.390   13.688  1.00 14.63 ? 27  ILE A CG2  1 
ATOM   241  C  CD1  . ILE A 1 27  ? -1.326  7.570   15.771  1.00 14.42 ? 27  ILE A CD1  1 
ATOM   242  N  N    . GLY A 1 28  ? -1.014  7.779   11.223  1.00 12.29 ? 28  GLY A N    1 
ATOM   243  C  CA   . GLY A 1 28  ? 0.083   8.252   10.396  1.00 12.25 ? 28  GLY A CA   1 
ATOM   244  C  C    . GLY A 1 28  ? -0.278  8.247   8.921   1.00 11.96 ? 28  GLY A C    1 
ATOM   245  O  O    . GLY A 1 28  ? -1.345  8.727   8.517   1.00 13.03 ? 28  GLY A O    1 
ATOM   246  N  N    . ILE A 1 29  ? 0.642   7.724   8.109   1.00 11.80 ? 29  ILE A N    1 
ATOM   247  C  CA   . ILE A 1 29  ? 0.476   7.588   6.669   1.00 12.06 ? 29  ILE A CA   1 
ATOM   248  C  C    . ILE A 1 29  ? 0.029   6.153   6.395   1.00 11.65 ? 29  ILE A C    1 
ATOM   249  O  O    . ILE A 1 29  ? 0.787   5.322   5.884   1.00 12.09 ? 29  ILE A O    1 
ATOM   250  C  CB   . ILE A 1 29  ? 1.769   7.984   5.929   1.00 11.89 ? 29  ILE A CB   1 
ATOM   251  C  CG1  . ILE A 1 29  ? 2.220   9.383   6.372   1.00 13.54 ? 29  ILE A CG1  1 
ATOM   252  C  CG2  . ILE A 1 29  ? 1.569   7.951   4.426   1.00 13.62 ? 29  ILE A CG2  1 
ATOM   253  C  CD1  . ILE A 1 29  ? 3.628   9.769   5.944   1.00 14.92 ? 29  ILE A CD1  1 
ATOM   254  N  N    . GLY A 1 30  ? -1.201  5.843   6.793   1.00 11.89 ? 30  GLY A N    1 
ATOM   255  C  CA   . GLY A 1 30  ? -1.755  4.528   6.537   1.00 12.85 ? 30  GLY A CA   1 
ATOM   256  C  C    . GLY A 1 30  ? -1.113  3.375   7.283   1.00 11.82 ? 30  GLY A C    1 
ATOM   257  O  O    . GLY A 1 30  ? -1.101  2.254   6.770   1.00 12.84 ? 30  GLY A O    1 
ATOM   258  N  N    . HIS A 1 31  ? -0.607  3.601   8.493   1.00 11.75 ? 31  HIS A N    1 
ATOM   259  C  CA   . HIS A 1 31  ? -0.020  2.515   9.271   1.00 12.34 ? 31  HIS A CA   1 
ATOM   260  C  C    . HIS A 1 31  ? -1.117  1.762   10.018  1.00 11.57 ? 31  HIS A C    1 
ATOM   261  O  O    . HIS A 1 31  ? -1.648  2.258   11.019  1.00 12.14 ? 31  HIS A O    1 
ATOM   262  C  CB   . HIS A 1 31  ? 1.011   3.046   10.261  1.00 13.51 ? 31  HIS A CB   1 
ATOM   263  C  CG   . HIS A 1 31  ? 1.649   1.963   11.059  1.00 13.16 ? 31  HIS A CG   1 
ATOM   264  N  ND1  . HIS A 1 31  ? 2.719   1.234   10.586  1.00 14.32 ? 31  HIS A ND1  1 
ATOM   265  C  CD2  . HIS A 1 31  ? 1.340   1.443   12.270  1.00 14.90 ? 31  HIS A CD2  1 
ATOM   266  C  CE1  . HIS A 1 31  ? 3.052   0.321   11.481  1.00 15.51 ? 31  HIS A CE1  1 
ATOM   267  N  NE2  . HIS A 1 31  ? 2.233   0.426   12.511  1.00 15.81 ? 31  HIS A NE2  1 
ATOM   268  N  N    . LEU A 1 32  ? -1.422  0.543   9.573   1.00 13.16 ? 32  LEU A N    1 
ATOM   269  C  CA   . LEU A 1 32  ? -2.404  -0.283  10.267  1.00 13.05 ? 32  LEU A CA   1 
ATOM   270  C  C    . LEU A 1 32  ? -1.894  -0.649  11.657  1.00 13.22 ? 32  LEU A C    1 
ATOM   271  O  O    . LEU A 1 32  ? -0.761  -1.113  11.808  1.00 14.85 ? 32  LEU A O    1 
ATOM   272  C  CB   . LEU A 1 32  ? -2.682  -1.554  9.466   1.00 15.07 ? 32  LEU A CB   1 
ATOM   273  C  CG   . LEU A 1 32  ? -3.572  -2.602  10.143  1.00 17.05 ? 32  LEU A CG   1 
ATOM   274  C  CD1  . LEU A 1 32  ? -5.005  -2.095  10.296  1.00 17.96 ? 32  LEU A CD1  1 
ATOM   275  C  CD2  . LEU A 1 32  ? -3.546  -3.916  9.371   1.00 21.54 ? 32  LEU A CD2  1 
ATOM   276  N  N    . LEU A 1 33  ? -2.731  -0.442  12.675  1.00 12.93 ? 33  LEU A N    1 
ATOM   277  C  CA   . LEU A 1 33  ? -2.375  -0.822  14.036  1.00 13.60 ? 33  LEU A CA   1 
ATOM   278  C  C    . LEU A 1 33  ? -2.917  -2.190  14.421  1.00 14.76 ? 33  LEU A C    1 
ATOM   279  O  O    . LEU A 1 33  ? -2.176  -3.016  14.965  1.00 16.23 ? 33  LEU A O    1 
ATOM   280  C  CB   . LEU A 1 33  ? -2.861  0.241   15.024  1.00 13.87 ? 33  LEU A CB   1 
ATOM   281  C  CG   . LEU A 1 33  ? -2.100  1.559   14.940  1.00 13.68 ? 33  LEU A CG   1 
ATOM   282  C  CD1  . LEU A 1 33  ? -2.840  2.649   15.707  1.00 15.11 ? 33  LEU A CD1  1 
ATOM   283  C  CD2  . LEU A 1 33  ? -0.677  1.398   15.476  1.00 14.54 ? 33  LEU A CD2  1 
ATOM   284  N  N    . THR A 1 34  ? -4.195  -2.448  14.160  1.00 15.25 ? 34  THR A N    1 
ATOM   285  C  CA   . THR A 1 34  ? -4.791  -3.725  14.522  1.00 15.60 ? 34  THR A CA   1 
ATOM   286  C  C    . THR A 1 34  ? -6.121  -3.857  13.806  1.00 15.75 ? 34  THR A C    1 
ATOM   287  O  O    . THR A 1 34  ? -6.763  -2.858  13.474  1.00 16.55 ? 34  THR A O    1 
ATOM   288  C  CB   . THR A 1 34  ? -5.019  -3.842  16.035  1.00 15.94 ? 34  THR A CB   1 
ATOM   289  O  OG1  . THR A 1 34  ? -5.573  -5.132  16.328  1.00 18.09 ? 34  THR A OG1  1 
ATOM   290  C  CG2  . THR A 1 34  ? -5.980  -2.767  16.528  1.00 16.76 ? 34  THR A CG2  1 
ATOM   291  N  N    . LYS A 1 35  ? -6.527  -5.101  13.579  1.00 17.64 ? 35  LYS A N    1 
ATOM   292  C  CA   . LYS A 1 35  ? -7.877  -5.385  13.120  1.00 18.17 ? 35  LYS A CA   1 
ATOM   293  C  C    . LYS A 1 35  ? -8.839  -5.643  14.271  1.00 18.76 ? 35  LYS A C    1 
ATOM   294  O  O    . LYS A 1 35  ? -10.034 -5.846  14.034  1.00 19.90 ? 35  LYS A O    1 
ATOM   295  C  CB   . LYS A 1 35  ? -7.867  -6.550  12.125  1.00 20.85 ? 35  LYS A CB   1 
ATOM   296  C  CG   . LYS A 1 35  ? -7.122  -6.203  10.847  1.00 18.07 ? 35  LYS A CG   1 
ATOM   297  C  CD   . LYS A 1 35  ? -7.143  -7.318  9.816   1.00 21.75 ? 35  LYS A CD   1 
ATOM   298  C  CE   . LYS A 1 35  ? -6.425  -6.876  8.549   1.00 24.80 ? 35  LYS A CE   1 
ATOM   299  N  NZ   . LYS A 1 35  ? -6.393  -7.938  7.507   1.00 29.64 ? 35  LYS A NZ   1 
ATOM   300  N  N    . SER A 1 36  ? -8.350  -5.609  15.506  1.00 19.10 ? 36  SER A N    1 
ATOM   301  C  CA   . SER A 1 36  ? -9.210  -5.804  16.661  1.00 19.53 ? 36  SER A CA   1 
ATOM   302  C  C    . SER A 1 36  ? -10.119 -4.593  16.850  1.00 18.83 ? 36  SER A C    1 
ATOM   303  O  O    . SER A 1 36  ? -9.703  -3.457  16.612  1.00 17.85 ? 36  SER A O    1 
ATOM   304  C  CB   . SER A 1 36  ? -8.348  -5.976  17.911  1.00 21.13 ? 36  SER A CB   1 
ATOM   305  O  OG   . SER A 1 36  ? -9.111  -5.768  19.088  1.00 22.64 ? 36  SER A OG   1 
ATOM   306  N  N    . PRO A 1 37  ? -11.366 -4.800  17.296  1.00 19.58 ? 37  PRO A N    1 
ATOM   307  C  CA   . PRO A 1 37  ? -12.238 -3.655  17.594  1.00 19.82 ? 37  PRO A CA   1 
ATOM   308  C  C    . PRO A 1 37  ? -11.855 -2.892  18.854  1.00 19.13 ? 37  PRO A C    1 
ATOM   309  O  O    . PRO A 1 37  ? -12.487 -1.871  19.152  1.00 21.39 ? 37  PRO A O    1 
ATOM   310  C  CB   . PRO A 1 37  ? -13.625 -4.302  17.736  1.00 23.81 ? 37  PRO A CB   1 
ATOM   311  C  CG   . PRO A 1 37  ? -13.336 -5.702  18.155  1.00 24.47 ? 37  PRO A CG   1 
ATOM   312  C  CD   . PRO A 1 37  ? -12.068 -6.086  17.438  1.00 22.33 ? 37  PRO A CD   1 
ATOM   313  N  N    . SER A 1 38  ? -10.830 -3.326  19.585  1.00 18.61 ? 38  SER A N    1 
ATOM   314  C  CA   . SER A 1 38  ? -10.454 -2.702  20.847  1.00 19.45 ? 38  SER A CA   1 
ATOM   315  C  C    . SER A 1 38  ? -9.502  -1.536  20.597  1.00 17.11 ? 38  SER A C    1 
ATOM   316  O  O    . SER A 1 38  ? -8.383  -1.732  20.105  1.00 17.68 ? 38  SER A O    1 
ATOM   317  C  CB   . SER A 1 38  ? -9.791  -3.731  21.760  1.00 22.10 ? 38  SER A CB   1 
ATOM   318  O  OG   . SER A 1 38  ? -9.099  -3.096  22.818  1.00 20.25 ? 38  SER A OG   1 
ATOM   319  N  N    . LEU A 1 39  ? -9.941  -0.325  20.946  1.00 17.75 ? 39  LEU A N    1 
ATOM   320  C  CA   . LEU A 1 39  ? -9.053  0.832   20.859  1.00 17.46 ? 39  LEU A CA   1 
ATOM   321  C  C    . LEU A 1 39  ? -7.843  0.674   21.771  1.00 15.34 ? 39  LEU A C    1 
ATOM   322  O  O    . LEU A 1 39  ? -6.741  1.127   21.431  1.00 16.09 ? 39  LEU A O    1 
ATOM   323  C  CB   . LEU A 1 39  ? -9.824  2.113   21.187  1.00 17.34 ? 39  LEU A CB   1 
ATOM   324  C  CG   . LEU A 1 39  ? -9.019  3.414   21.198  1.00 17.01 ? 39  LEU A CG   1 
ATOM   325  C  CD1  . LEU A 1 39  ? -8.382  3.681   19.839  1.00 17.49 ? 39  LEU A CD1  1 
ATOM   326  C  CD2  . LEU A 1 39  ? -9.887  4.592   21.632  1.00 20.73 ? 39  LEU A CD2  1 
ATOM   327  N  N    . ASN A 1 40  ? -8.018  0.035   22.932  1.00 17.26 ? 40  ASN A N    1 
ATOM   328  C  CA   . ASN A 1 40  ? -6.876  -0.206  23.807  1.00 16.26 ? 40  ASN A CA   1 
ATOM   329  C  C    . ASN A 1 40  ? -5.840  -1.091  23.123  1.00 15.48 ? 40  ASN A C    1 
ATOM   330  O  O    . ASN A 1 40  ? -4.633  -0.864  23.262  1.00 15.21 ? 40  ASN A O    1 
ATOM   331  C  CB   . ASN A 1 40  ? -7.333  -0.828  25.127  1.00 19.55 ? 40  ASN A CB   1 
ATOM   332  C  CG   . ASN A 1 40  ? -7.961  0.183   26.063  1.00 20.44 ? 40  ASN A CG   1 
ATOM   333  O  OD1  . ASN A 1 40  ? -7.714  1.384   25.960  1.00 24.89 ? 40  ASN A OD1  1 
ATOM   334  N  ND2  . ASN A 1 40  ? -8.771  -0.304  26.996  1.00 28.47 ? 40  ASN A ND2  1 
ATOM   335  N  N    . ALA A 1 41  ? -6.289  -2.112  22.391  1.00 16.71 ? 41  ALA A N    1 
ATOM   336  C  CA   . ALA A 1 41  ? -5.347  -2.947  21.653  1.00 15.71 ? 41  ALA A CA   1 
ATOM   337  C  C    . ALA A 1 41  ? -4.590  -2.131  20.616  1.00 14.78 ? 41  ALA A C    1 
ATOM   338  O  O    . ALA A 1 41  ? -3.382  -2.313  20.433  1.00 14.94 ? 41  ALA A O    1 
ATOM   339  C  CB   . ALA A 1 41  ? -6.074  -4.118  20.993  1.00 18.14 ? 41  ALA A CB   1 
ATOM   340  N  N    . ALA A 1 42  ? -5.287  -1.224  19.927  1.00 14.20 ? 42  ALA A N    1 
ATOM   341  C  CA   . ALA A 1 42  ? -4.627  -0.356  18.958  1.00 14.29 ? 42  ALA A CA   1 
ATOM   342  C  C    . ALA A 1 42  ? -3.600  0.544   19.630  1.00 13.75 ? 42  ALA A C    1 
ATOM   343  O  O    . ALA A 1 42  ? -2.504  0.753   19.097  1.00 13.84 ? 42  ALA A O    1 
ATOM   344  C  CB   . ALA A 1 42  ? -5.669  0.493   18.237  1.00 14.61 ? 42  ALA A CB   1 
ATOM   345  N  N    . LYS A 1 43  ? -3.947  1.103   20.795  1.00 14.23 ? 43  LYS A N    1 
ATOM   346  C  CA   . LYS A 1 43  ? -3.022  1.974   21.513  1.00 14.44 ? 43  LYS A CA   1 
ATOM   347  C  C    . LYS A 1 43  ? -1.785  1.211   21.969  1.00 13.56 ? 43  LYS A C    1 
ATOM   348  O  O    . LYS A 1 43  ? -0.671  1.746   21.942  1.00 14.22 ? 43  LYS A O    1 
ATOM   349  C  CB   . LYS A 1 43  ? -3.730  2.621   22.704  1.00 14.55 ? 43  LYS A CB   1 
ATOM   350  C  CG   . LYS A 1 43  ? -4.699  3.731   22.304  1.00 15.09 ? 43  LYS A CG   1 
ATOM   351  C  CD   . LYS A 1 43  ? -5.476  4.252   23.497  1.00 17.85 ? 43  LYS A CD   1 
ATOM   352  C  CE   . LYS A 1 43  ? -6.273  5.489   23.127  1.00 19.78 ? 43  LYS A CE   1 
ATOM   353  N  NZ   . LYS A 1 43  ? -6.963  6.065   24.317  1.00 22.49 ? 43  LYS A NZ   1 
ATOM   354  N  N    . SER A 1 44  ? -1.959  -0.049  22.374  1.00 14.30 ? 44  SER A N    1 
ATOM   355  C  CA   . SER A 1 44  ? -0.805  -0.867  22.739  1.00 14.98 ? 44  SER A CA   1 
ATOM   356  C  C    . SER A 1 44  ? 0.099   -1.100  21.535  1.00 13.57 ? 44  SER A C    1 
ATOM   357  O  O    . SER A 1 44  ? 1.326   -0.969  21.634  1.00 14.92 ? 44  SER A O    1 
ATOM   358  C  CB   . SER A 1 44  ? -1.261  -2.197  23.338  1.00 17.86 ? 44  SER A CB   1 
ATOM   359  O  OG   . SER A 1 44  ? -1.843  -2.018  24.618  1.00 22.11 ? 44  SER A OG   1 
ATOM   360  N  N    . GLU A 1 45  ? -0.487  -1.430  20.382  1.00 13.92 ? 45  GLU A N    1 
ATOM   361  C  CA   . GLU A 1 45  ? 0.321   -1.591  19.179  1.00 13.97 ? 45  GLU A CA   1 
ATOM   362  C  C    . GLU A 1 45  ? 1.070   -0.309  18.845  1.00 13.41 ? 45  GLU A C    1 
ATOM   363  O  O    . GLU A 1 45  ? 2.241   -0.349  18.448  1.00 14.86 ? 45  GLU A O    1 
ATOM   364  C  CB   . GLU A 1 45  ? -0.556  -2.017  18.000  1.00 14.63 ? 45  GLU A CB   1 
ATOM   365  C  CG   . GLU A 1 45  ? -1.094  -3.427  18.114  1.00 14.87 ? 45  GLU A CG   1 
ATOM   366  C  CD   . GLU A 1 45  ? 0.020   -4.457  18.216  1.00 14.82 ? 45  GLU A CD   1 
ATOM   367  O  OE1  . GLU A 1 45  ? 0.875   -4.514  17.302  1.00 17.04 ? 45  GLU A OE1  1 
ATOM   368  O  OE2  . GLU A 1 45  ? 0.067   -5.194  19.225  1.00 18.48 ? 45  GLU A OE2  1 
ATOM   369  N  N    . LEU A 1 46  ? 0.412   0.841   18.998  1.00 12.94 ? 46  LEU A N    1 
ATOM   370  C  CA   . LEU A 1 46  ? 1.064   2.109   18.696  1.00 13.46 ? 46  LEU A CA   1 
ATOM   371  C  C    . LEU A 1 46  ? 2.267   2.338   19.604  1.00 12.58 ? 46  LEU A C    1 
ATOM   372  O  O    . LEU A 1 46  ? 3.353   2.701   19.138  1.00 13.45 ? 46  LEU A O    1 
ATOM   373  C  CB   . LEU A 1 46  ? 0.063   3.253   18.833  1.00 13.69 ? 46  LEU A CB   1 
ATOM   374  C  CG   . LEU A 1 46  ? 0.654   4.642   18.585  1.00 13.43 ? 46  LEU A CG   1 
ATOM   375  C  CD1  . LEU A 1 46  ? 1.222   4.751   17.177  1.00 14.44 ? 46  LEU A CD1  1 
ATOM   376  C  CD2  . LEU A 1 46  ? -0.377  5.735   18.825  1.00 14.24 ? 46  LEU A CD2  1 
ATOM   377  N  N    . ASP A 1 47  ? 2.093   2.131   20.909  1.00 13.17 ? 47  ASP A N    1 
ATOM   378  C  CA   . ASP A 1 47  ? 3.190   2.357   21.841  1.00 12.89 ? 47  ASP A CA   1 
ATOM   379  C  C    . ASP A 1 47  ? 4.366   1.434   21.542  1.00 13.48 ? 47  ASP A C    1 
ATOM   380  O  O    . ASP A 1 47  ? 5.528   1.850   21.621  1.00 14.79 ? 47  ASP A O    1 
ATOM   381  C  CB   . ASP A 1 47  ? 2.701   2.161   23.276  1.00 15.09 ? 47  ASP A CB   1 
ATOM   382  C  CG   . ASP A 1 47  ? 1.712   3.232   23.714  1.00 15.76 ? 47  ASP A CG   1 
ATOM   383  O  OD1  . ASP A 1 47  ? 1.508   4.214   22.972  1.00 16.70 ? 47  ASP A OD1  1 
ATOM   384  O  OD2  . ASP A 1 47  ? 1.145   3.097   24.823  1.00 19.52 ? 47  ASP A OD2  1 
ATOM   385  N  N    . LYS A 1 48  ? 4.079   0.174   21.219  1.00 13.70 ? 48  LYS A N    1 
ATOM   386  C  CA   . LYS A 1 48  ? 5.113   -0.779  20.816  1.00 14.48 ? 48  LYS A CA   1 
ATOM   387  C  C    . LYS A 1 48  ? 5.849   -0.311  19.561  1.00 13.04 ? 48  LYS A C    1 
ATOM   388  O  O    . LYS A 1 48  ? 7.083   -0.411  19.474  1.00 13.62 ? 48  LYS A O    1 
ATOM   389  C  CB   . LYS A 1 48  ? 4.445   -2.138  20.574  1.00 15.83 ? 48  LYS A CB   1 
ATOM   390  C  CG   . LYS A 1 48  ? 5.358   -3.248  20.078  1.00 16.66 ? 48  LYS A CG   1 
ATOM   391  C  CD   . LYS A 1 48  ? 4.721   -4.624  20.268  1.00 16.96 ? 48  LYS A CD   1 
ATOM   392  C  CE   . LYS A 1 48  ? 3.366   -4.764  19.578  1.00 16.74 ? 48  LYS A CE   1 
ATOM   393  N  NZ   . LYS A 1 48  ? 3.475   -5.020  18.118  1.00 16.32 ? 48  LYS A NZ   1 
ATOM   394  N  N    . ALA A 1 49  ? 5.104   0.225   18.587  1.00 12.93 ? 49  ALA A N    1 
ATOM   395  C  CA   . ALA A 1 49  ? 5.703   0.653   17.324  1.00 13.16 ? 49  ALA A CA   1 
ATOM   396  C  C    . ALA A 1 49  ? 6.591   1.880   17.500  1.00 12.73 ? 49  ALA A C    1 
ATOM   397  O  O    . ALA A 1 49  ? 7.624   2.001   16.830  1.00 13.07 ? 49  ALA A O    1 
ATOM   398  C  CB   . ALA A 1 49  ? 4.604   0.951   16.308  1.00 13.68 ? 49  ALA A CB   1 
ATOM   399  N  N    . ILE A 1 50  ? 6.185   2.816   18.357  1.00 13.00 ? 50  ILE A N    1 
ATOM   400  C  CA   . ILE A 1 50  ? 6.902   4.077   18.519  1.00 13.88 ? 50  ILE A CA   1 
ATOM   401  C  C    . ILE A 1 50  ? 7.978   3.982   19.600  1.00 14.58 ? 50  ILE A C    1 
ATOM   402  O  O    . ILE A 1 50  ? 8.991   4.690   19.535  1.00 15.46 ? 50  ILE A O    1 
ATOM   403  C  CB   . ILE A 1 50  ? 5.911   5.217   18.825  1.00 14.00 ? 50  ILE A CB   1 
ATOM   404  C  CG1  . ILE A 1 50  ? 4.848   5.326   17.735  1.00 15.06 ? 50  ILE A CG1  1 
ATOM   405  C  CG2  . ILE A 1 50  ? 6.633   6.564   19.014  1.00 16.06 ? 50  ILE A CG2  1 
ATOM   406  C  CD1  . ILE A 1 50  ? 5.397   5.716   16.383  1.00 19.45 ? 50  ILE A CD1  1 
ATOM   407  N  N    . GLY A 1 51  ? 7.777   3.137   20.606  1.00 14.02 ? 51  GLY A N    1 
ATOM   408  C  CA   . GLY A 1 51  ? 8.715   3.031   21.706  1.00 14.93 ? 51  GLY A CA   1 
ATOM   409  C  C    . GLY A 1 51  ? 8.476   3.992   22.845  1.00 15.57 ? 51  GLY A C    1 
ATOM   410  O  O    . GLY A 1 51  ? 9.410   4.273   23.610  1.00 17.88 ? 51  GLY A O    1 
ATOM   411  N  N    . ARG A 1 52  ? 7.263   4.514   22.985  1.00 16.05 ? 52  ARG A N    1 
ATOM   412  C  CA   . ARG A 1 52  ? 6.909   5.367   24.112  1.00 16.87 ? 52  ARG A CA   1 
ATOM   413  C  C    . ARG A 1 52  ? 5.401   5.298   24.282  1.00 15.44 ? 52  ARG A C    1 
ATOM   414  O  O    . ARG A 1 52  ? 4.686   4.772   23.427  1.00 15.87 ? 52  ARG A O    1 
ATOM   415  C  CB   . ARG A 1 52  ? 7.364   6.811   23.888  1.00 16.99 ? 52  ARG A CB   1 
ATOM   416  C  CG   . ARG A 1 52  ? 6.593   7.517   22.785  1.00 16.18 ? 52  ARG A CG   1 
ATOM   417  C  CD   . ARG A 1 52  ? 7.050   8.953   22.551  1.00 17.90 ? 52  ARG A CD   1 
ATOM   418  N  NE   . ARG A 1 52  ? 6.314   9.532   21.430  1.00 16.26 ? 52  ARG A NE   1 
ATOM   419  C  CZ   . ARG A 1 52  ? 5.136   10.136  21.541  1.00 15.82 ? 52  ARG A CZ   1 
ATOM   420  N  NH1  . ARG A 1 52  ? 4.559   10.264  22.733  1.00 17.79 ? 52  ARG A NH1  1 
ATOM   421  N  NH2  . ARG A 1 52  ? 4.523   10.605  20.457  1.00 17.18 ? 52  ARG A NH2  1 
ATOM   422  N  N    . ASN A 1 53  ? 4.926   5.839   25.401  1.00 16.04 ? 53  ASN A N    1 
ATOM   423  C  CA   . ASN A 1 53  ? 3.501   5.887   25.707  1.00 16.67 ? 53  ASN A CA   1 
ATOM   424  C  C    . ASN A 1 53  ? 2.893   7.069   24.961  1.00 16.29 ? 53  ASN A C    1 
ATOM   425  O  O    . ASN A 1 53  ? 3.110   8.226   25.336  1.00 17.54 ? 53  ASN A O    1 
ATOM   426  C  CB   . ASN A 1 53  ? 3.339   6.055   27.215  1.00 20.64 ? 53  ASN A CB   1 
ATOM   427  C  CG   . ASN A 1 53  ? 1.951   5.704   27.707  1.00 26.98 ? 53  ASN A CG   1 
ATOM   428  O  OD1  . ASN A 1 53  ? 0.957   5.967   27.037  1.00 27.79 ? 53  ASN A OD1  1 
ATOM   429  N  ND2  . ASN A 1 53  ? 1.879   5.111   28.894  1.00 33.21 ? 53  ASN A ND2  1 
ATOM   430  N  N    . CYS A 1 54  ? 2.130   6.785   23.902  1.00 15.57 ? 54  CYS A N    1 
ATOM   431  C  CA   . CYS A 1 54  ? 1.683   7.816   22.971  1.00 16.42 ? 54  CYS A CA   1 
ATOM   432  C  C    . CYS A 1 54  ? 0.275   8.330   23.232  1.00 15.93 ? 54  CYS A C    1 
ATOM   433  O  O    . CYS A 1 54  ? -0.071  9.401   22.720  1.00 17.24 ? 54  CYS A O    1 
ATOM   434  C  CB   . CYS A 1 54  ? 1.705   7.278   21.537  1.00 16.20 ? 54  CYS A CB   1 
ATOM   435  S  SG   . CYS A 1 54  ? 3.339   6.937   20.910  1.00 15.80 ? 54  CYS A SG   1 
ATOM   436  N  N    . ASN A 1 55  ? -0.566  7.577   23.931  1.00 17.47 ? 55  ASN A N    1 
ATOM   437  C  CA   . ASN A 1 55  ? -1.947  8.006   24.153  1.00 20.89 ? 55  ASN A CA   1 
ATOM   438  C  C    . ASN A 1 55  ? -2.710  8.180   22.833  1.00 18.56 ? 55  ASN A C    1 
ATOM   439  O  O    . ASN A 1 55  ? -3.626  8.997   22.744  1.00 21.85 ? 55  ASN A O    1 
ATOM   440  C  CB   . ASN A 1 55  ? -1.980  9.291   24.999  1.00 25.07 ? 55  ASN A CB   1 
ATOM   441  C  CG   . ASN A 1 55  ? -3.361  9.631   25.547  1.00 24.92 ? 55  ASN A CG   1 
ATOM   442  O  OD1  . ASN A 1 55  ? -4.190  8.753   25.790  1.00 29.09 ? 55  ASN A OD1  1 
ATOM   443  N  ND2  . ASN A 1 55  ? -3.607  10.924  25.747  1.00 24.82 ? 55  ASN A ND2  1 
ATOM   444  N  N    . GLY A 1 56  ? -2.331  7.441   21.784  1.00 16.19 ? 56  GLY A N    1 
ATOM   445  C  CA   . GLY A 1 56  ? -3.019  7.520   20.508  1.00 15.83 ? 56  GLY A CA   1 
ATOM   446  C  C    . GLY A 1 56  ? -2.615  8.669   19.610  1.00 14.72 ? 56  GLY A C    1 
ATOM   447  O  O    . GLY A 1 56  ? -3.298  8.908   18.604  1.00 14.90 ? 56  GLY A O    1 
ATOM   448  N  N    . VAL A 1 57  ? -1.525  9.372   19.916  1.00 15.02 ? 57  VAL A N    1 
ATOM   449  C  CA   . VAL A 1 57  ? -1.105  10.547  19.166  1.00 14.77 ? 57  VAL A CA   1 
ATOM   450  C  C    . VAL A 1 57  ? 0.391   10.458  18.904  1.00 14.30 ? 57  VAL A C    1 
ATOM   451  O  O    . VAL A 1 57  ? 1.161   10.120  19.811  1.00 15.13 ? 57  VAL A O    1 
ATOM   452  C  CB   . VAL A 1 57  ? -1.426  11.841  19.946  1.00 17.91 ? 57  VAL A CB   1 
ATOM   453  C  CG1  . VAL A 1 57  ? -0.944  13.058  19.179  1.00 21.90 ? 57  VAL A CG1  1 
ATOM   454  C  CG2  . VAL A 1 57  ? -2.916  11.943  20.244  1.00 19.77 ? 57  VAL A CG2  1 
ATOM   455  N  N    . ILE A 1 58  ? 0.811   10.795  17.677  1.00 14.69 ? 58  ILE A N    1 
ATOM   456  C  CA   . ILE A 1 58  ? 2.223   10.801  17.305  1.00 14.25 ? 58  ILE A CA   1 
ATOM   457  C  C    . ILE A 1 58  ? 2.582   12.131  16.645  1.00 15.00 ? 58  ILE A C    1 
ATOM   458  O  O    . ILE A 1 58  ? 1.717   12.940  16.307  1.00 15.90 ? 58  ILE A O    1 
ATOM   459  C  CB   . ILE A 1 58  ? 2.611   9.609   16.400  1.00 13.63 ? 58  ILE A CB   1 
ATOM   460  C  CG1  . ILE A 1 58  ? 1.847   9.644   15.069  1.00 13.43 ? 58  ILE A CG1  1 
ATOM   461  C  CG2  . ILE A 1 58  ? 2.399   8.290   17.138  1.00 14.69 ? 58  ILE A CG2  1 
ATOM   462  C  CD1  . ILE A 1 58  ? 2.250   8.528   14.107  1.00 14.36 ? 58  ILE A CD1  1 
ATOM   463  N  N    . THR A 1 59  ? 3.883   12.347  16.460  1.00 15.89 ? 59  THR A N    1 
ATOM   464  C  CA   . THR A 1 59  ? 4.379   13.505  15.735  1.00 16.87 ? 59  THR A CA   1 
ATOM   465  C  C    . THR A 1 59  ? 4.543   13.185  14.249  1.00 15.90 ? 59  THR A C    1 
ATOM   466  O  O    . THR A 1 59  ? 4.537   12.025  13.826  1.00 15.50 ? 59  THR A O    1 
ATOM   467  C  CB   . THR A 1 59  ? 5.727   13.958  16.295  1.00 17.16 ? 59  THR A CB   1 
ATOM   468  O  OG1  . THR A 1 59  ? 6.718   12.965  15.997  1.00 17.88 ? 59  THR A OG1  1 
ATOM   469  C  CG2  . THR A 1 59  ? 5.644   14.186  17.806  1.00 19.00 ? 59  THR A CG2  1 
ATOM   470  N  N    . LYS A 1 60  ? 4.718   14.241  13.452  1.00 17.49 ? 60  LYS A N    1 
ATOM   471  C  CA   . LYS A 1 60  ? 4.940   14.049  12.021  1.00 16.94 ? 60  LYS A CA   1 
ATOM   472  C  C    . LYS A 1 60  ? 6.215   13.258  11.757  1.00 16.16 ? 60  LYS A C    1 
ATOM   473  O  O    . LYS A 1 60  ? 6.242   12.388  10.875  1.00 15.37 ? 60  LYS A O    1 
ATOM   474  C  CB   . LYS A 1 60  ? 4.974   15.400  11.305  1.00 19.08 ? 60  LYS A CB   1 
ATOM   475  C  CG   . LYS A 1 60  ? 5.095   15.314  9.788   1.00 21.33 ? 60  LYS A CG   1 
ATOM   476  C  CD   . LYS A 1 60  ? 4.841   16.677  9.156   1.00 24.20 ? 60  LYS A CD   1 
ATOM   477  C  CE   . LYS A 1 60  ? 5.083   16.663  7.655   1.00 29.79 ? 60  LYS A CE   1 
ATOM   478  N  NZ   . LYS A 1 60  ? 6.535   16.605  7.319   1.00 31.84 ? 60  LYS A NZ   1 
ATOM   479  N  N    . ASP A 1 61  ? 7.283   13.544  12.512  1.00 17.18 ? 61  ASP A N    1 
ATOM   480  C  CA   . ASP A 1 61  ? 8.525   12.790  12.363  1.00 15.79 ? 61  ASP A CA   1 
ATOM   481  C  C    . ASP A 1 61  ? 8.295   11.309  12.622  1.00 14.32 ? 61  ASP A C    1 
ATOM   482  O  O    . ASP A 1 61  ? 8.809   10.455  11.889  1.00 15.08 ? 61  ASP A O    1 
ATOM   483  C  CB   . ASP A 1 61  ? 9.572   13.317  13.342  1.00 17.67 ? 61  ASP A CB   1 
ATOM   484  C  CG   . ASP A 1 61  ? 10.260  14.580  12.859  1.00 20.57 ? 61  ASP A CG   1 
ATOM   485  O  OD1  . ASP A 1 61  ? 9.940   15.074  11.757  1.00 26.34 ? 61  ASP A OD1  1 
ATOM   486  O  OD2  . ASP A 1 61  ? 11.116  15.098  13.613  1.00 24.68 ? 61  ASP A OD2  1 
ATOM   487  N  N    . GLU A 1 62  ? 7.540   10.985  13.675  1.00 14.84 ? 62  GLU A N    1 
ATOM   488  C  CA   . GLU A 1 62  ? 7.247   9.589   13.981  1.00 14.27 ? 62  GLU A CA   1 
ATOM   489  C  C    . GLU A 1 62  ? 6.411   8.943   12.882  1.00 13.05 ? 62  GLU A C    1 
ATOM   490  O  O    . GLU A 1 62  ? 6.665   7.796   12.493  1.00 13.39 ? 62  GLU A O    1 
ATOM   491  C  CB   . GLU A 1 62  ? 6.549   9.485   15.338  1.00 13.44 ? 62  GLU A CB   1 
ATOM   492  C  CG   . GLU A 1 62  ? 7.476   9.826   16.496  1.00 14.65 ? 62  GLU A CG   1 
ATOM   493  C  CD   . GLU A 1 62  ? 6.762   10.029  17.823  1.00 14.00 ? 62  GLU A CD   1 
ATOM   494  O  OE1  . GLU A 1 62  ? 5.545   10.294  17.837  1.00 15.58 ? 62  GLU A OE1  1 
ATOM   495  O  OE2  . GLU A 1 62  ? 7.442   9.963   18.871  1.00 16.84 ? 62  GLU A OE2  1 
ATOM   496  N  N    . ALA A 1 63  ? 5.410   9.666   12.370  1.00 13.44 ? 63  ALA A N    1 
ATOM   497  C  CA   . ALA A 1 63  ? 4.610   9.140   11.269  1.00 13.02 ? 63  ALA A CA   1 
ATOM   498  C  C    . ALA A 1 63  ? 5.478   8.847   10.053  1.00 13.12 ? 63  ALA A C    1 
ATOM   499  O  O    . ALA A 1 63  ? 5.311   7.813   9.392   1.00 12.51 ? 63  ALA A O    1 
ATOM   500  C  CB   . ALA A 1 63  ? 3.505   10.133  10.906  1.00 14.33 ? 63  ALA A CB   1 
ATOM   501  N  N    . GLU A 1 64  ? 6.415   9.739   9.745   1.00 12.97 ? 64  GLU A N    1 
ATOM   502  C  CA   . GLU A 1 64  ? 7.271   9.536   8.584   1.00 13.05 ? 64  GLU A CA   1 
ATOM   503  C  C    . GLU A 1 64  ? 8.244   8.387   8.789   1.00 12.85 ? 64  GLU A C    1 
ATOM   504  O  O    . GLU A 1 64  ? 8.572   7.672   7.833   1.00 12.80 ? 64  GLU A O    1 
ATOM   505  C  CB   . GLU A 1 64  ? 7.981   10.842  8.230   1.00 15.12 ? 64  GLU A CB   1 
ATOM   506  C  CG   . GLU A 1 64  ? 7.012   11.842  7.615   1.00 17.23 ? 64  GLU A CG   1 
ATOM   507  C  CD   . GLU A 1 64  ? 7.540   13.260  7.524   1.00 22.43 ? 64  GLU A CD   1 
ATOM   508  O  OE1  . GLU A 1 64  ? 8.605   13.558  8.101   1.00 22.77 ? 64  GLU A OE1  1 
ATOM   509  O  OE2  . GLU A 1 64  ? 6.872   14.081  6.858   1.00 25.21 ? 64  GLU A OE2  1 
ATOM   510  N  N    . LYS A 1 65  ? 8.709   8.194   10.025  1.00 13.15 ? 65  LYS A N    1 
ATOM   511  C  CA   . LYS A 1 65  ? 9.587   7.067   10.324  1.00 13.72 ? 65  LYS A CA   1 
ATOM   512  C  C    . LYS A 1 65  ? 8.856   5.742   10.155  1.00 12.77 ? 65  LYS A C    1 
ATOM   513  O  O    . LYS A 1 65  ? 9.379   4.810   9.533   1.00 13.00 ? 65  LYS A O    1 
ATOM   514  C  CB   . LYS A 1 65  ? 10.142  7.204   11.743  1.00 15.01 ? 65  LYS A CB   1 
ATOM   515  C  CG   . LYS A 1 65  ? 11.125  6.132   12.155  1.00 17.79 ? 65  LYS A CG   1 
ATOM   516  C  CD   . LYS A 1 65  ? 11.591  6.395   13.586  1.00 21.89 ? 65  LYS A CD   1 
ATOM   517  C  CE   . LYS A 1 65  ? 12.353  5.224   14.172  1.00 24.97 ? 65  LYS A CE   1 
ATOM   518  N  NZ   . LYS A 1 65  ? 13.734  5.175   13.622  1.00 24.27 ? 65  LYS A NZ   1 
ATOM   519  N  N    . LEU A 1 66  ? 7.652   5.635   10.726  1.00 12.46 ? 66  LEU A N    1 
ATOM   520  C  CA   . LEU A 1 66  ? 6.854   4.428   10.536  1.00 12.85 ? 66  LEU A CA   1 
ATOM   521  C  C    . LEU A 1 66  ? 6.611   4.178   9.058   1.00 12.05 ? 66  LEU A C    1 
ATOM   522  O  O    . LEU A 1 66  ? 6.672   3.036   8.592   1.00 12.89 ? 66  LEU A O    1 
ATOM   523  C  CB   . LEU A 1 66  ? 5.504   4.569   11.237  1.00 15.90 ? 66  LEU A CB   1 
ATOM   524  C  CG   . LEU A 1 66  ? 5.454   4.518   12.756  1.00 15.11 ? 66  LEU A CG   1 
ATOM   525  C  CD1  . LEU A 1 66  ? 4.009   4.523   13.228  1.00 21.88 ? 66  LEU A CD1  1 
ATOM   526  C  CD2  . LEU A 1 66  ? 6.199   3.304   13.291  1.00 21.17 ? 66  LEU A CD2  1 
ATOM   527  N  N    . PHE A 1 67  ? 6.315   5.242   8.314   1.00 11.55 ? 67  PHE A N    1 
ATOM   528  C  CA   . PHE A 1 67  ? 6.045   5.124   6.884   1.00 12.08 ? 67  PHE A CA   1 
ATOM   529  C  C    . PHE A 1 67  ? 7.243   4.550   6.137   1.00 12.14 ? 67  PHE A C    1 
ATOM   530  O  O    . PHE A 1 67  ? 7.091   3.650   5.305   1.00 12.25 ? 67  PHE A O    1 
ATOM   531  C  CB   . PHE A 1 67  ? 5.649   6.506   6.363   1.00 12.05 ? 67  PHE A CB   1 
ATOM   532  C  CG   . PHE A 1 67  ? 5.295   6.566   4.899   1.00 11.93 ? 67  PHE A CG   1 
ATOM   533  C  CD1  . PHE A 1 67  ? 4.441   5.640   4.300   1.00 11.98 ? 67  PHE A CD1  1 
ATOM   534  C  CD2  . PHE A 1 67  ? 5.799   7.588   4.124   1.00 12.51 ? 67  PHE A CD2  1 
ATOM   535  C  CE1  . PHE A 1 67  ? 4.116   5.745   2.947   1.00 12.07 ? 67  PHE A CE1  1 
ATOM   536  C  CE2  . PHE A 1 67  ? 5.473   7.690   2.783   1.00 13.39 ? 67  PHE A CE2  1 
ATOM   537  C  CZ   . PHE A 1 67  ? 4.627   6.766   2.200   1.00 12.82 ? 67  PHE A CZ   1 
ATOM   538  N  N    . ASN A 1 68  ? 8.451   5.042   6.431   1.00 12.42 ? 68  ASN A N    1 
ATOM   539  C  CA   . ASN A 1 68  ? 9.636   4.489   5.781   1.00 12.44 ? 68  ASN A CA   1 
ATOM   540  C  C    . ASN A 1 68  ? 9.786   3.004   6.089   1.00 12.21 ? 68  ASN A C    1 
ATOM   541  O  O    . ASN A 1 68  ? 10.095  2.202   5.198   1.00 12.70 ? 68  ASN A O    1 
ATOM   542  C  CB   . ASN A 1 68  ? 10.871  5.265   6.236   1.00 14.68 ? 68  ASN A CB   1 
ATOM   543  C  CG   . ASN A 1 68  ? 12.085  5.032   5.347   1.00 16.17 ? 68  ASN A CG   1 
ATOM   544  O  OD1  . ASN A 1 68  ? 12.239  3.978   4.722   1.00 19.15 ? 68  ASN A OD1  1 
ATOM   545  N  ND2  . ASN A 1 68  ? 12.971  6.015   5.312   1.00 17.47 ? 68  ASN A ND2  1 
ATOM   546  N  N    . GLN A 1 69  ? 9.584   2.622   7.355   1.00 12.07 ? 69  GLN A N    1 
ATOM   547  C  CA   . GLN A 1 69  ? 9.648   1.213   7.725   1.00 12.14 ? 69  GLN A CA   1 
ATOM   548  C  C    . GLN A 1 69  ? 8.617   0.396   6.959   1.00 12.37 ? 69  GLN A C    1 
ATOM   549  O  O    . GLN A 1 69  ? 8.910   -0.715  6.502   1.00 13.05 ? 69  GLN A O    1 
ATOM   550  C  CB   . GLN A 1 69  ? 9.426   1.073   9.230   1.00 12.73 ? 69  GLN A CB   1 
ATOM   551  C  CG   . GLN A 1 69  ? 10.567  1.649   10.048  1.00 12.69 ? 69  GLN A CG   1 
ATOM   552  C  CD   . GLN A 1 69  ? 10.332  1.594   11.537  1.00 12.38 ? 69  GLN A CD   1 
ATOM   553  O  OE1  . GLN A 1 69  ? 9.242   1.256   12.001  1.00 14.67 ? 69  GLN A OE1  1 
ATOM   554  N  NE2  . GLN A 1 69  ? 11.358  1.920   12.297  1.00 12.42 ? 69  GLN A NE2  1 
ATOM   555  N  N    . ASP A 1 70  ? 7.402   0.932   6.823   1.00 12.06 ? 70  ASP A N    1 
ATOM   556  C  CA   . ASP A 1 70  ? 6.326   0.195   6.172   1.00 12.52 ? 70  ASP A CA   1 
ATOM   557  C  C    . ASP A 1 70  ? 6.586   0.017   4.678   1.00 12.03 ? 70  ASP A C    1 
ATOM   558  O  O    . ASP A 1 70  ? 6.305   -1.050  4.119   1.00 13.87 ? 70  ASP A O    1 
ATOM   559  C  CB   . ASP A 1 70  ? 4.998   0.916   6.397   1.00 12.57 ? 70  ASP A CB   1 
ATOM   560  C  CG   . ASP A 1 70  ? 4.532   0.886   7.845   1.00 13.18 ? 70  ASP A CG   1 
ATOM   561  O  OD1  . ASP A 1 70  ? 5.025   0.059   8.654   1.00 13.72 ? 70  ASP A OD1  1 
ATOM   562  O  OD2  . ASP A 1 70  ? 3.636   1.705   8.162   1.00 13.74 ? 70  ASP A OD2  1 
ATOM   563  N  N    . VAL A 1 71  ? 7.084   1.061   4.006   1.00 12.03 ? 71  VAL A N    1 
ATOM   564  C  CA   . VAL A 1 71  ? 7.436   0.932   2.592   1.00 12.18 ? 71  VAL A CA   1 
ATOM   565  C  C    . VAL A 1 71  ? 8.539   -0.104  2.416   1.00 12.29 ? 71  VAL A C    1 
ATOM   566  O  O    . VAL A 1 71  ? 8.466   -0.978  1.540   1.00 13.28 ? 71  VAL A O    1 
ATOM   567  C  CB   . VAL A 1 71  ? 7.838   2.296   2.000   1.00 12.45 ? 71  VAL A CB   1 
ATOM   568  C  CG1  . VAL A 1 71  ? 8.383   2.136   0.576   1.00 14.41 ? 71  VAL A CG1  1 
ATOM   569  C  CG2  . VAL A 1 71  ? 6.661   3.249   2.019   1.00 13.65 ? 71  VAL A CG2  1 
ATOM   570  N  N    . ASP A 1 72  ? 9.578   -0.026  3.254   1.00 12.88 ? 72  ASP A N    1 
ATOM   571  C  CA   . ASP A 1 72  ? 10.674  -0.988  3.156   1.00 13.46 ? 72  ASP A CA   1 
ATOM   572  C  C    . ASP A 1 72  ? 10.177  -2.408  3.376   1.00 14.13 ? 72  ASP A C    1 
ATOM   573  O  O    . ASP A 1 72  ? 10.598  -3.336  2.675   1.00 14.58 ? 72  ASP A O    1 
ATOM   574  C  CB   . ASP A 1 72  ? 11.776  -0.660  4.163   1.00 14.78 ? 72  ASP A CB   1 
ATOM   575  C  CG   . ASP A 1 72  ? 12.539  0.602   3.817   1.00 17.33 ? 72  ASP A CG   1 
ATOM   576  O  OD1  . ASP A 1 72  ? 12.505  1.055   2.651   1.00 19.46 ? 72  ASP A OD1  1 
ATOM   577  O  OD2  . ASP A 1 72  ? 13.209  1.132   4.729   1.00 18.04 ? 72  ASP A OD2  1 
ATOM   578  N  N    . ALA A 1 73  ? 9.267   -2.593  4.335   1.00 14.49 ? 73  ALA A N    1 
ATOM   579  C  CA   . ALA A 1 73  ? 8.734   -3.924  4.608   1.00 14.81 ? 73  ALA A CA   1 
ATOM   580  C  C    . ALA A 1 73  ? 7.968   -4.465  3.408   1.00 14.86 ? 73  ALA A C    1 
ATOM   581  O  O    . ALA A 1 73  ? 8.018   -5.666  3.116   1.00 16.41 ? 73  ALA A O    1 
ATOM   582  C  CB   . ALA A 1 73  ? 7.835   -3.887  5.845   1.00 17.86 ? 73  ALA A CB   1 
ATOM   583  N  N    . ALA A 1 74  ? 7.250   -3.594  2.699   1.00 14.39 ? 74  ALA A N    1 
ATOM   584  C  CA   . ALA A 1 74  ? 6.537   -4.033  1.504   1.00 14.94 ? 74  ALA A CA   1 
ATOM   585  C  C    . ALA A 1 74  ? 7.514   -4.483  0.422   1.00 13.37 ? 74  ALA A C    1 
ATOM   586  O  O    . ALA A 1 74  ? 7.326   -5.541  -0.195  1.00 15.14 ? 74  ALA A O    1 
ATOM   587  C  CB   . ALA A 1 74  ? 5.632   -2.907  1.006   1.00 15.32 ? 74  ALA A CB   1 
ATOM   588  N  N    . VAL A 1 75  ? 8.572   -3.700  0.199   1.00 13.52 ? 75  VAL A N    1 
ATOM   589  C  CA   . VAL A 1 75  ? 9.587   -4.054  -0.792  1.00 13.56 ? 75  VAL A CA   1 
ATOM   590  C  C    . VAL A 1 75  ? 10.251  -5.376  -0.432  1.00 14.57 ? 75  VAL A C    1 
ATOM   591  O  O    . VAL A 1 75  ? 10.379  -6.277  -1.271  1.00 15.21 ? 75  VAL A O    1 
ATOM   592  C  CB   . VAL A 1 75  ? 10.628  -2.928  -0.926  1.00 13.65 ? 75  VAL A CB   1 
ATOM   593  C  CG1  . VAL A 1 75  ? 11.783  -3.378  -1.814  1.00 16.66 ? 75  VAL A CG1  1 
ATOM   594  C  CG2  . VAL A 1 75  ? 9.979   -1.670  -1.463  1.00 14.66 ? 75  VAL A CG2  1 
ATOM   595  N  N    . ARG A 1 76  ? 10.714  -5.504  0.812   1.00 15.82 ? 76  ARG A N    1 
ATOM   596  C  CA   . ARG A 1 76  ? 11.407  -6.732  1.188   1.00 17.54 ? 76  ARG A CA   1 
ATOM   597  C  C    . ARG A 1 76  ? 10.484  -7.944  1.111   1.00 19.53 ? 76  ARG A C    1 
ATOM   598  O  O    . ARG A 1 76  ? 10.934  -9.044  0.763   1.00 19.78 ? 76  ARG A O    1 
ATOM   599  C  CB   . ARG A 1 76  ? 12.054  -6.592  2.569   1.00 22.58 ? 76  ARG A CB   1 
ATOM   600  C  CG   . ARG A 1 76  ? 13.130  -5.506  2.664   1.00 24.44 ? 76  ARG A CG   1 
ATOM   601  C  CD   . ARG A 1 76  ? 14.219  -5.650  1.598   1.00 27.30 ? 76  ARG A CD   1 
ATOM   602  N  NE   . ARG A 1 76  ? 15.123  -6.774  1.852   1.00 26.47 ? 76  ARG A NE   1 
ATOM   603  C  CZ   . ARG A 1 76  ? 16.176  -6.733  2.666   1.00 29.26 ? 76  ARG A CZ   1 
ATOM   604  N  NH1  . ARG A 1 76  ? 16.476  -5.618  3.322   1.00 26.66 ? 76  ARG A NH1  1 
ATOM   605  N  NH2  . ARG A 1 76  ? 16.933  -7.812  2.824   1.00 26.78 ? 76  ARG A NH2  1 
ATOM   606  N  N    . GLY A 1 77  ? 9.195   -7.762  1.404   1.00 17.90 ? 77  GLY A N    1 
ATOM   607  C  CA   . GLY A 1 77  ? 8.251   -8.859  1.263   1.00 19.94 ? 77  GLY A CA   1 
ATOM   608  C  C    . GLY A 1 77  ? 8.094   -9.311  -0.176  1.00 18.53 ? 77  GLY A C    1 
ATOM   609  O  O    . GLY A 1 77  ? 8.034   -10.511 -0.457  1.00 21.42 ? 77  GLY A O    1 
ATOM   610  N  N    . ILE A 1 78  ? 8.012   -8.354  -1.105  1.00 15.42 ? 78  ILE A N    1 
ATOM   611  C  CA   . ILE A 1 78  ? 8.003   -8.688  -2.527  1.00 15.64 ? 78  ILE A CA   1 
ATOM   612  C  C    . ILE A 1 78  ? 9.239   -9.497  -2.890  1.00 15.09 ? 78  ILE A C    1 
ATOM   613  O  O    . ILE A 1 78  ? 9.154   -10.544 -3.547  1.00 16.05 ? 78  ILE A O    1 
ATOM   614  C  CB   . ILE A 1 78  ? 7.908   -7.406  -3.372  1.00 14.70 ? 78  ILE A CB   1 
ATOM   615  C  CG1  . ILE A 1 78  ? 6.516   -6.786  -3.255  1.00 15.04 ? 78  ILE A CG1  1 
ATOM   616  C  CG2  . ILE A 1 78  ? 8.254   -7.697  -4.829  1.00 15.00 ? 78  ILE A CG2  1 
ATOM   617  C  CD1  . ILE A 1 78  ? 6.437   -5.371  -3.772  1.00 16.57 ? 78  ILE A CD1  1 
ATOM   618  N  N    . LEU A 1 79  ? 10.410  -9.019  -2.470  1.00 15.11 ? 79  LEU A N    1 
ATOM   619  C  CA   . LEU A 1 79  ? 11.664  -9.647  -2.874  1.00 16.35 ? 79  LEU A CA   1 
ATOM   620  C  C    . LEU A 1 79  ? 11.855  -11.028 -2.265  1.00 17.67 ? 79  LEU A C    1 
ATOM   621  O  O    . LEU A 1 79  ? 12.621  -11.829 -2.812  1.00 20.61 ? 79  LEU A O    1 
ATOM   622  C  CB   . LEU A 1 79  ? 12.854  -8.741  -2.553  1.00 17.47 ? 79  LEU A CB   1 
ATOM   623  C  CG   . LEU A 1 79  ? 12.878  -7.386  -3.265  1.00 17.83 ? 79  LEU A CG   1 
ATOM   624  C  CD1  . LEU A 1 79  ? 14.042  -6.535  -2.766  1.00 22.10 ? 79  LEU A CD1  1 
ATOM   625  C  CD2  . LEU A 1 79  ? 12.944  -7.561  -4.777  1.00 19.90 ? 79  LEU A CD2  1 
ATOM   626  N  N    . ARG A 1 80  ? 11.175  -11.327 -1.160  1.00 16.99 ? 80  ARG A N    1 
ATOM   627  C  CA   . ARG A 1 80  ? 11.255  -12.643 -0.542  1.00 18.65 ? 80  ARG A CA   1 
ATOM   628  C  C    . ARG A 1 80  ? 10.214  -13.612 -1.080  1.00 19.99 ? 80  ARG A C    1 
ATOM   629  O  O    . ARG A 1 80  ? 10.286  -14.808 -0.774  1.00 23.32 ? 80  ARG A O    1 
ATOM   630  C  CB   . ARG A 1 80  ? 11.091  -12.528 0.977   1.00 22.39 ? 80  ARG A CB   1 
ATOM   631  C  CG   . ARG A 1 80  ? 12.375  -12.223 1.720   1.00 27.73 ? 80  ARG A CG   1 
ATOM   632  C  CD   . ARG A 1 80  ? 12.133  -12.176 3.217   1.00 31.32 ? 80  ARG A CD   1 
ATOM   633  N  NE   . ARG A 1 80  ? 13.037  -11.252 3.892   1.00 37.58 ? 80  ARG A NE   1 
ATOM   634  C  CZ   . ARG A 1 80  ? 12.655  -10.107 4.447   1.00 37.22 ? 80  ARG A CZ   1 
ATOM   635  N  NH1  . ARG A 1 80  ? 11.378  -9.744  4.408   1.00 34.57 ? 80  ARG A NH1  1 
ATOM   636  N  NH2  . ARG A 1 80  ? 13.546  -9.328  5.043   1.00 34.75 ? 80  ARG A NH2  1 
ATOM   637  N  N    . ASN A 1 81  ? 9.261   -13.129 -1.871  1.00 18.58 ? 81  ASN A N    1 
ATOM   638  C  CA   . ASN A 1 81  ? 8.126   -13.926 -2.316  1.00 19.31 ? 81  ASN A CA   1 
ATOM   639  C  C    . ASN A 1 81  ? 8.420   -14.480 -3.706  1.00 19.64 ? 81  ASN A C    1 
ATOM   640  O  O    . ASN A 1 81  ? 8.639   -13.713 -4.650  1.00 19.52 ? 81  ASN A O    1 
ATOM   641  C  CB   . ASN A 1 81  ? 6.879   -13.044 -2.335  1.00 20.29 ? 81  ASN A CB   1 
ATOM   642  C  CG   . ASN A 1 81  ? 5.615   -13.821 -2.625  1.00 22.58 ? 81  ASN A CG   1 
ATOM   643  O  OD1  . ASN A 1 81  ? 5.412   -14.303 -3.737  1.00 26.13 ? 81  ASN A OD1  1 
ATOM   644  N  ND2  . ASN A 1 81  ? 4.745   -13.930 -1.628  1.00 23.27 ? 81  ASN A ND2  1 
ATOM   645  N  N    . ALA A 1 82  ? 8.421   -15.810 -3.831  1.00 22.53 ? 82  ALA A N    1 
ATOM   646  C  CA   . ALA A 1 82  ? 8.789   -16.446 -5.093  1.00 24.61 ? 82  ALA A CA   1 
ATOM   647  C  C    . ALA A 1 82  ? 7.796   -16.162 -6.212  1.00 22.34 ? 82  ALA A C    1 
ATOM   648  O  O    . ALA A 1 82  ? 8.160   -16.269 -7.388  1.00 25.02 ? 82  ALA A O    1 
ATOM   649  C  CB   . ALA A 1 82  ? 8.953   -17.954 -4.900  1.00 26.85 ? 82  ALA A CB   1 
ATOM   650  N  N    . LYS A 1 83  ? 6.555   -15.810 -5.880  1.00 23.05 ? 83  LYS A N    1 
ATOM   651  C  CA   . LYS A 1 83  ? 5.594   -15.450 -6.917  1.00 24.40 ? 83  LYS A CA   1 
ATOM   652  C  C    . LYS A 1 83  ? 5.748   -13.994 -7.341  1.00 21.58 ? 83  LYS A C    1 
ATOM   653  O  O    . LYS A 1 83  ? 5.628   -13.674 -8.530  1.00 25.04 ? 83  LYS A O    1 
ATOM   654  C  CB   . LYS A 1 83  ? 4.170   -15.705 -6.423  1.00 27.43 ? 83  LYS A CB   1 
ATOM   655  C  CG   . LYS A 1 83  ? 3.754   -17.164 -6.430  1.00 31.67 ? 83  LYS A CG   1 
ATOM   656  C  CD   . LYS A 1 83  ? 2.240   -17.290 -6.384  1.00 38.36 ? 83  LYS A CD   1 
ATOM   657  C  CE   . LYS A 1 83  ? 1.583   -16.438 -7.462  1.00 36.98 ? 83  LYS A CE   1 
ATOM   658  N  NZ   . LYS A 1 83  ? 0.098   -16.449 -7.362  1.00 34.47 ? 83  LYS A NZ   1 
ATOM   659  N  N    . LEU A 1 84  ? 6.022   -13.104 -6.386  1.00 18.78 ? 84  LEU A N    1 
ATOM   660  C  CA   . LEU A 1 84  ? 6.018   -11.674 -6.667  1.00 16.87 ? 84  LEU A CA   1 
ATOM   661  C  C    . LEU A 1 84  ? 7.344   -11.196 -7.244  1.00 16.47 ? 84  LEU A C    1 
ATOM   662  O  O    . LEU A 1 84  ? 7.356   -10.352 -8.144  1.00 16.31 ? 84  LEU A O    1 
ATOM   663  C  CB   . LEU A 1 84  ? 5.672   -10.889 -5.401  1.00 17.92 ? 84  LEU A CB   1 
ATOM   664  C  CG   . LEU A 1 84  ? 4.330   -11.225 -4.743  1.00 18.71 ? 84  LEU A CG   1 
ATOM   665  C  CD1  . LEU A 1 84  ? 4.128   -10.386 -3.479  1.00 20.05 ? 84  LEU A CD1  1 
ATOM   666  C  CD2  . LEU A 1 84  ? 3.174   -11.042 -5.721  1.00 22.35 ? 84  LEU A CD2  1 
ATOM   667  N  N    . LYS A 1 85  ? 8.463   -11.726 -6.751  1.00 15.98 ? 85  LYS A N    1 
ATOM   668  C  CA   . LYS A 1 85  ? 9.765   -11.214 -7.173  1.00 15.53 ? 85  LYS A CA   1 
ATOM   669  C  C    . LYS A 1 85  ? 9.989   -11.249 -8.678  1.00 14.87 ? 85  LYS A C    1 
ATOM   670  O  O    . LYS A 1 85  ? 10.436  -10.232 -9.234  1.00 14.90 ? 85  LYS A O    1 
ATOM   671  C  CB   . LYS A 1 85  ? 10.899  -11.913 -6.422  1.00 15.90 ? 85  LYS A CB   1 
ATOM   672  C  CG   . LYS A 1 85  ? 12.263  -11.349 -6.787  1.00 17.37 ? 85  LYS A CG   1 
ATOM   673  C  CD   . LYS A 1 85  ? 13.386  -12.021 -6.015  1.00 20.63 ? 85  LYS A CD   1 
ATOM   674  C  CE   . LYS A 1 85  ? 14.725  -11.369 -6.311  1.00 21.87 ? 85  LYS A CE   1 
ATOM   675  N  NZ   . LYS A 1 85  ? 15.128  -11.541 -7.729  1.00 29.39 ? 85  LYS A NZ   1 
ATOM   676  N  N    . PRO A 1 86  ? 9.735   -12.355 -9.389  1.00 15.65 ? 86  PRO A N    1 
ATOM   677  C  CA   . PRO A 1 86  ? 9.980   -12.331 -10.842 1.00 17.05 ? 86  PRO A CA   1 
ATOM   678  C  C    . PRO A 1 86  ? 9.158   -11.283 -11.566 1.00 15.93 ? 86  PRO A C    1 
ATOM   679  O  O    . PRO A 1 86  ? 9.641   -10.662 -12.522 1.00 16.35 ? 86  PRO A O    1 
ATOM   680  C  CB   . PRO A 1 86  ? 9.618   -13.756 -11.290 1.00 18.65 ? 86  PRO A CB   1 
ATOM   681  C  CG   . PRO A 1 86  ? 9.712   -14.578 -10.055 1.00 23.11 ? 86  PRO A CG   1 
ATOM   682  C  CD   . PRO A 1 86  ? 9.274   -13.682 -8.944  1.00 18.64 ? 86  PRO A CD   1 
ATOM   683  N  N    . VAL A 1 87  ? 7.913   -11.072 -11.142 1.00 15.31 ? 87  VAL A N    1 
ATOM   684  C  CA   . VAL A 1 87  ? 7.092   -10.047 -11.777 1.00 15.64 ? 87  VAL A CA   1 
ATOM   685  C  C    . VAL A 1 87  ? 7.651   -8.661  -11.481 1.00 14.25 ? 87  VAL A C    1 
ATOM   686  O  O    . VAL A 1 87  ? 7.825   -7.832  -12.381 1.00 13.94 ? 87  VAL A O    1 
ATOM   687  C  CB   . VAL A 1 87  ? 5.624   -10.184 -11.338 1.00 17.12 ? 87  VAL A CB   1 
ATOM   688  C  CG1  . VAL A 1 87  ? 4.761   -9.158  -12.061 1.00 18.86 ? 87  VAL A CG1  1 
ATOM   689  C  CG2  . VAL A 1 87  ? 5.125   -11.601 -11.593 1.00 19.89 ? 87  VAL A CG2  1 
ATOM   690  N  N    . TYR A 1 88  ? 7.954   -8.400  -10.210 1.00 14.03 ? 88  TYR A N    1 
ATOM   691  C  CA   . TYR A 1 88  ? 8.513   -7.113  -9.810  1.00 14.05 ? 88  TYR A CA   1 
ATOM   692  C  C    . TYR A 1 88  ? 9.785   -6.798  -10.588 1.00 13.88 ? 88  TYR A C    1 
ATOM   693  O  O    . TYR A 1 88  ? 9.962   -5.683  -11.100 1.00 14.16 ? 88  TYR A O    1 
ATOM   694  C  CB   . TYR A 1 88  ? 8.802   -7.168  -8.315  1.00 14.71 ? 88  TYR A CB   1 
ATOM   695  C  CG   . TYR A 1 88  ? 9.285   -5.885  -7.706  1.00 14.26 ? 88  TYR A CG   1 
ATOM   696  C  CD1  . TYR A 1 88  ? 8.395   -4.866  -7.389  1.00 14.47 ? 88  TYR A CD1  1 
ATOM   697  C  CD2  . TYR A 1 88  ? 10.627  -5.701  -7.415  1.00 15.44 ? 88  TYR A CD2  1 
ATOM   698  C  CE1  . TYR A 1 88  ? 8.834   -3.689  -6.812  1.00 16.31 ? 88  TYR A CE1  1 
ATOM   699  C  CE2  . TYR A 1 88  ? 11.077  -4.532  -6.836  1.00 15.98 ? 88  TYR A CE2  1 
ATOM   700  C  CZ   . TYR A 1 88  ? 10.176  -3.526  -6.542  1.00 15.74 ? 88  TYR A CZ   1 
ATOM   701  O  OH   . TYR A 1 88  ? 10.609  -2.355  -5.966  1.00 19.05 ? 88  TYR A OH   1 
ATOM   702  N  N    . ASP A 1 89  ? 10.682  -7.776  -10.692 1.00 13.53 ? 89  ASP A N    1 
ATOM   703  C  CA   . ASP A 1 89  ? 11.945  -7.549  -11.380 1.00 13.77 ? 89  ASP A CA   1 
ATOM   704  C  C    . ASP A 1 89  ? 11.764  -7.330  -12.874 1.00 15.08 ? 89  ASP A C    1 
ATOM   705  O  O    . ASP A 1 89  ? 12.662  -6.779  -13.517 1.00 16.68 ? 89  ASP A O    1 
ATOM   706  C  CB   . ASP A 1 89  ? 12.901  -8.712  -11.126 1.00 17.33 ? 89  ASP A CB   1 
ATOM   707  C  CG   . ASP A 1 89  ? 13.523  -8.663  -9.745  1.00 22.40 ? 89  ASP A CG   1 
ATOM   708  O  OD1  . ASP A 1 89  ? 13.376  -7.632  -9.059  1.00 23.63 ? 89  ASP A OD1  1 
ATOM   709  O  OD2  . ASP A 1 89  ? 14.166  -9.657  -9.352  1.00 28.32 ? 89  ASP A OD2  1 
ATOM   710  N  N    . SER A 1 90  ? 10.633  -7.743  -13.443 1.00 13.68 ? 90  SER A N    1 
ATOM   711  C  CA   . SER A 1 90  ? 10.382  -7.511  -14.859 1.00 13.98 ? 90  SER A CA   1 
ATOM   712  C  C    . SER A 1 90  ? 9.899   -6.096  -15.153 1.00 13.01 ? 90  SER A C    1 
ATOM   713  O  O    . SER A 1 90  ? 9.910   -5.688  -16.321 1.00 13.70 ? 90  SER A O    1 
ATOM   714  C  CB   . SER A 1 90  ? 9.366   -8.529  -15.392 1.00 14.63 ? 90  SER A CB   1 
ATOM   715  O  OG   . SER A 1 90  ? 8.035   -8.198  -15.030 1.00 14.08 ? 90  SER A OG   1 
ATOM   716  N  N    . LEU A 1 91  ? 9.477   -5.351  -14.132 1.00 12.91 ? 91  LEU A N    1 
ATOM   717  C  CA   . LEU A 1 91  ? 8.853   -4.048  -14.304 1.00 14.04 ? 91  LEU A CA   1 
ATOM   718  C  C    . LEU A 1 91  ? 9.880   -2.922  -14.313 1.00 13.82 ? 91  LEU A C    1 
ATOM   719  O  O    . LEU A 1 91  ? 10.953  -3.021  -13.711 1.00 14.82 ? 91  LEU A O    1 
ATOM   720  C  CB   . LEU A 1 91  ? 7.863   -3.786  -13.167 1.00 13.09 ? 91  LEU A CB   1 
ATOM   721  C  CG   . LEU A 1 91  ? 6.658   -4.717  -13.059 1.00 14.77 ? 91  LEU A CG   1 
ATOM   722  C  CD1  . LEU A 1 91  ? 5.930   -4.470  -11.749 1.00 16.28 ? 91  LEU A CD1  1 
ATOM   723  C  CD2  . LEU A 1 91  ? 5.714   -4.529  -14.238 1.00 16.12 ? 91  LEU A CD2  1 
ATOM   724  N  N    . ASP A 1 92  ? 9.521   -1.833  -14.987 1.00 13.80 ? 92  ASP A N    1 
ATOM   725  C  CA   . ASP A 1 92  ? 10.228  -0.566  -14.883 1.00 13.77 ? 92  ASP A CA   1 
ATOM   726  C  C    . ASP A 1 92  ? 9.943   0.086   -13.524 1.00 13.92 ? 92  ASP A C    1 
ATOM   727  O  O    . ASP A 1 92  ? 9.056   -0.336  -12.776 1.00 13.51 ? 92  ASP A O    1 
ATOM   728  C  CB   . ASP A 1 92  ? 9.747   0.370   -15.982 1.00 15.11 ? 92  ASP A CB   1 
ATOM   729  C  CG   . ASP A 1 92  ? 8.258   0.586   -15.912 1.00 15.09 ? 92  ASP A CG   1 
ATOM   730  O  OD1  . ASP A 1 92  ? 7.514   -0.243  -16.483 1.00 14.92 ? 92  ASP A OD1  1 
ATOM   731  O  OD2  . ASP A 1 92  ? 7.838   1.561   -15.237 1.00 15.77 ? 92  ASP A OD2  1 
ATOM   732  N  N    . ALA A 1 93  ? 10.690  1.157   -13.228 1.00 15.51 ? 93  ALA A N    1 
ATOM   733  C  CA   . ALA A 1 93  ? 10.656  1.747   -11.890 1.00 15.05 ? 93  ALA A CA   1 
ATOM   734  C  C    . ALA A 1 93  ? 9.285   2.320   -11.543 1.00 14.83 ? 93  ALA A C    1 
ATOM   735  O  O    . ALA A 1 93  ? 8.844   2.221   -10.392 1.00 15.48 ? 93  ALA A O    1 
ATOM   736  C  CB   . ALA A 1 93  ? 11.739  2.817   -11.750 1.00 18.10 ? 93  ALA A CB   1 
ATOM   737  N  N    . VAL A 1 94  ? 8.609   2.947   -12.506 1.00 13.99 ? 94  VAL A N    1 
ATOM   738  C  CA   . VAL A 1 94  ? 7.306   3.538   -12.213 1.00 13.64 ? 94  VAL A CA   1 
ATOM   739  C  C    . VAL A 1 94  ? 6.290   2.448   -11.895 1.00 12.10 ? 94  VAL A C    1 
ATOM   740  O  O    . VAL A 1 94  ? 5.537   2.533   -10.914 1.00 12.98 ? 94  VAL A O    1 
ATOM   741  C  CB   . VAL A 1 94  ? 6.851   4.445   -13.368 1.00 14.53 ? 94  VAL A CB   1 
ATOM   742  C  CG1  . VAL A 1 94  ? 5.467   4.989   -13.094 1.00 16.20 ? 94  VAL A CG1  1 
ATOM   743  C  CG2  . VAL A 1 94  ? 7.850   5.578   -13.570 1.00 17.15 ? 94  VAL A CG2  1 
ATOM   744  N  N    . ARG A 1 95  ? 6.269   1.390   -12.707 1.00 11.50 ? 95  ARG A N    1 
ATOM   745  C  CA   . ARG A 1 95  ? 5.355   0.289   -12.431 1.00 11.88 ? 95  ARG A CA   1 
ATOM   746  C  C    . ARG A 1 95  ? 5.718   -0.461  -11.152 1.00 11.14 ? 95  ARG A C    1 
ATOM   747  O  O    . ARG A 1 95  ? 4.825   -0.976  -10.473 1.00 11.28 ? 95  ARG A O    1 
ATOM   748  C  CB   . ARG A 1 95  ? 5.269   -0.632  -13.645 1.00 11.89 ? 95  ARG A CB   1 
ATOM   749  C  CG   . ARG A 1 95  ? 4.623   0.044   -14.855 1.00 12.21 ? 95  ARG A CG   1 
ATOM   750  C  CD   . ARG A 1 95  ? 4.406   -0.944  -15.980 1.00 12.86 ? 95  ARG A CD   1 
ATOM   751  N  NE   . ARG A 1 95  ? 3.602   -0.427  -17.093 1.00 12.95 ? 95  ARG A NE   1 
ATOM   752  C  CZ   . ARG A 1 95  ? 4.098   0.169   -18.177 1.00 12.72 ? 95  ARG A CZ   1 
ATOM   753  N  NH1  . ARG A 1 95  ? 5.404   0.355   -18.305 1.00 14.15 ? 95  ARG A NH1  1 
ATOM   754  N  NH2  . ARG A 1 95  ? 3.277   0.574   -19.143 1.00 13.78 ? 95  ARG A NH2  1 
ATOM   755  N  N    . ARG A 1 96  ? 7.006   -0.535  -10.801 1.00 11.86 ? 96  ARG A N    1 
ATOM   756  C  CA   . ARG A 1 96  ? 7.371   -1.113  -9.511  1.00 11.80 ? 96  ARG A CA   1 
ATOM   757  C  C    . ARG A 1 96  ? 6.714   -0.353  -8.363  1.00 11.19 ? 96  ARG A C    1 
ATOM   758  O  O    . ARG A 1 96  ? 6.328   -0.956  -7.354  1.00 12.07 ? 96  ARG A O    1 
ATOM   759  C  CB   . ARG A 1 96  ? 8.891   -1.147  -9.339  1.00 12.81 ? 96  ARG A CB   1 
ATOM   760  C  CG   . ARG A 1 96  ? 9.559   -2.252  -10.138 1.00 12.86 ? 96  ARG A CG   1 
ATOM   761  C  CD   . ARG A 1 96  ? 11.056  -2.292  -9.894  1.00 14.33 ? 96  ARG A CD   1 
ATOM   762  N  NE   . ARG A 1 96  ? 11.716  -3.311  -10.702 1.00 19.08 ? 96  ARG A NE   1 
ATOM   763  C  CZ   . ARG A 1 96  ? 12.998  -3.274  -11.058 1.00 22.42 ? 96  ARG A CZ   1 
ATOM   764  N  NH1  . ARG A 1 96  ? 13.771  -2.266  -10.677 1.00 25.53 ? 96  ARG A NH1  1 
ATOM   765  N  NH2  . ARG A 1 96  ? 13.507  -4.248  -11.802 1.00 20.76 ? 96  ARG A NH2  1 
ATOM   766  N  N    . CYS A 1 97  ? 6.582   0.971   -8.492  1.00 11.21 ? 97  CYS A N    1 
ATOM   767  C  CA   . CYS A 1 97  ? 5.888   1.743   -7.464  1.00 11.73 ? 97  CYS A CA   1 
ATOM   768  C  C    . CYS A 1 97  ? 4.433   1.313   -7.334  1.00 11.42 ? 97  CYS A C    1 
ATOM   769  O  O    . CYS A 1 97  ? 3.902   1.225   -6.217  1.00 11.61 ? 97  CYS A O    1 
ATOM   770  C  CB   . CYS A 1 97  ? 5.967   3.236   -7.769  1.00 12.13 ? 97  CYS A CB   1 
ATOM   771  S  SG   . CYS A 1 97  ? 7.608   3.949   -7.563  1.00 12.68 ? 97  CYS A SG   1 
ATOM   772  N  N    . ALA A 1 98  ? 3.763   1.066   -8.464  1.00 11.19 ? 98  ALA A N    1 
ATOM   773  C  CA   . ALA A 1 98  ? 2.387   0.581   -8.407  1.00 11.43 ? 98  ALA A CA   1 
ATOM   774  C  C    . ALA A 1 98  ? 2.299   -0.759  -7.684  1.00 10.54 ? 98  ALA A C    1 
ATOM   775  O  O    . ALA A 1 98  ? 1.372   -0.988  -6.898  1.00 11.44 ? 98  ALA A O    1 
ATOM   776  C  CB   . ALA A 1 98  ? 1.805   0.500   -9.820  1.00 11.81 ? 98  ALA A CB   1 
ATOM   777  N  N    . ALA A 1 99  ? 3.275   -1.643  -7.910  1.00 11.02 ? 99  ALA A N    1 
ATOM   778  C  CA   . ALA A 1 99  ? 3.296   -2.925  -7.214  1.00 11.98 ? 99  ALA A CA   1 
ATOM   779  C  C    . ALA A 1 99  ? 3.479   -2.741  -5.709  1.00 12.16 ? 99  ALA A C    1 
ATOM   780  O  O    . ALA A 1 99  ? 2.791   -3.388  -4.910  1.00 12.34 ? 99  ALA A O    1 
ATOM   781  C  CB   . ALA A 1 99  ? 4.402   -3.811  -7.781  1.00 12.98 ? 99  ALA A CB   1 
ATOM   782  N  N    . ILE A 1 100 ? 4.424   -1.890  -5.306  1.00 11.11 ? 100 ILE A N    1 
ATOM   783  C  CA   . ILE A 1 100 ? 4.616   -1.632  -3.877  1.00 11.23 ? 100 ILE A CA   1 
ATOM   784  C  C    . ILE A 1 100 ? 3.349   -1.059  -3.266  1.00 11.08 ? 100 ILE A C    1 
ATOM   785  O  O    . ILE A 1 100 ? 2.977   -1.398  -2.131  1.00 11.78 ? 100 ILE A O    1 
ATOM   786  C  CB   . ILE A 1 100 ? 5.817   -0.696  -3.637  1.00 11.37 ? 100 ILE A CB   1 
ATOM   787  C  CG1  . ILE A 1 100 ? 7.121   -1.325  -4.126  1.00 12.44 ? 100 ILE A CG1  1 
ATOM   788  C  CG2  . ILE A 1 100 ? 5.925   -0.327  -2.151  1.00 12.86 ? 100 ILE A CG2  1 
ATOM   789  C  CD1  . ILE A 1 100 ? 8.233   -0.316  -4.319  1.00 13.73 ? 100 ILE A CD1  1 
ATOM   790  N  N    . ASN A 1 101 ? 2.693   -0.149  -3.991  1.00 11.60 ? 101 ASN A N    1 
ATOM   791  C  CA   . ASN A 1 101 ? 1.466   0.466   -3.502  1.00 11.37 ? 101 ASN A CA   1 
ATOM   792  C  C    . ASN A 1 101 ? 0.426   -0.598  -3.158  1.00 11.15 ? 101 ASN A C    1 
ATOM   793  O  O    . ASN A 1 101 ? -0.169  -0.578  -2.069  1.00 11.54 ? 101 ASN A O    1 
ATOM   794  C  CB   . ASN A 1 101 ? 0.965   1.445   -4.569  1.00 11.47 ? 101 ASN A CB   1 
ATOM   795  C  CG   . ASN A 1 101 ? -0.115  2.376   -4.074  1.00 10.71 ? 101 ASN A CG   1 
ATOM   796  O  OD1  . ASN A 1 101 ? -1.142  1.935   -3.561  1.00 11.74 ? 101 ASN A OD1  1 
ATOM   797  N  ND2  . ASN A 1 101 ? 0.093   3.671   -4.256  1.00 11.62 ? 101 ASN A ND2  1 
ATOM   798  N  N    . MET A 1 102 ? 0.211   -1.555  -4.076  1.00 10.87 ? 102 MET A N    1 
ATOM   799  C  CA   . MET A 1 102 ? -0.750  -2.625  -3.816  1.00 11.84 ? 102 MET A CA   1 
ATOM   800  C  C    . MET A 1 102 ? -0.358  -3.462  -2.601  1.00 12.02 ? 102 MET A C    1 
ATOM   801  O  O    . MET A 1 102 ? -1.215  -3.818  -1.782  1.00 12.78 ? 102 MET A O    1 
ATOM   802  C  CB   . MET A 1 102 ? -0.901  -3.522  -5.046  1.00 11.60 ? 102 MET A CB   1 
ATOM   803  C  CG   . MET A 1 102 ? -1.561  -2.838  -6.226  1.00 13.09 ? 102 MET A CG   1 
ATOM   804  S  SD   . MET A 1 102 ? -1.994  -3.961  -7.557  1.00 14.39 ? 102 MET A SD   1 
ATOM   805  C  CE   . MET A 1 102 ? -3.385  -4.842  -6.846  1.00 14.97 ? 102 MET A CE   1 
ATOM   806  N  N    . VAL A 1 103 ? 0.922   -3.823  -2.482  1.00 12.10 ? 103 VAL A N    1 
ATOM   807  C  CA   . VAL A 1 103 ? 1.356   -4.630  -1.340  1.00 12.77 ? 103 VAL A CA   1 
ATOM   808  C  C    . VAL A 1 103 ? 1.200   -3.852  -0.039  1.00 12.91 ? 103 VAL A C    1 
ATOM   809  O  O    . VAL A 1 103 ? 0.814   -4.411  0.997   1.00 13.72 ? 103 VAL A O    1 
ATOM   810  C  CB   . VAL A 1 103 ? 2.787   -5.156  -1.561  1.00 13.62 ? 103 VAL A CB   1 
ATOM   811  C  CG1  . VAL A 1 103 ? 3.337   -5.836  -0.311  1.00 15.21 ? 103 VAL A CG1  1 
ATOM   812  C  CG2  . VAL A 1 103 ? 2.805   -6.115  -2.735  1.00 15.40 ? 103 VAL A CG2  1 
ATOM   813  N  N    . PHE A 1 104 ? 1.499   -2.553  -0.068  1.00 12.28 ? 104 PHE A N    1 
ATOM   814  C  CA   . PHE A 1 104 ? 1.289   -1.713  1.107   1.00 12.24 ? 104 PHE A CA   1 
ATOM   815  C  C    . PHE A 1 104 ? -0.175  -1.738  1.534   1.00 12.71 ? 104 PHE A C    1 
ATOM   816  O  O    . PHE A 1 104 ? -0.480  -1.865  2.726   1.00 14.00 ? 104 PHE A O    1 
ATOM   817  C  CB   . PHE A 1 104 ? 1.755   -0.295  0.761   1.00 12.39 ? 104 PHE A CB   1 
ATOM   818  C  CG   . PHE A 1 104 ? 1.794   0.675   1.918   1.00 11.49 ? 104 PHE A CG   1 
ATOM   819  C  CD1  . PHE A 1 104 ? 0.644   1.310   2.348   1.00 13.38 ? 104 PHE A CD1  1 
ATOM   820  C  CD2  . PHE A 1 104 ? 2.998   1.014   2.515   1.00 12.64 ? 104 PHE A CD2  1 
ATOM   821  C  CE1  . PHE A 1 104 ? 0.685   2.236   3.376   1.00 14.55 ? 104 PHE A CE1  1 
ATOM   822  C  CE2  . PHE A 1 104 ? 3.047   1.945   3.539   1.00 13.23 ? 104 PHE A CE2  1 
ATOM   823  C  CZ   . PHE A 1 104 ? 1.888   2.551   3.975   1.00 14.49 ? 104 PHE A CZ   1 
ATOM   824  N  N    . GLN A 1 105 ? -1.093  -1.651  0.573   1.00 12.49 ? 105 GLN A N    1 
ATOM   825  C  CA   . GLN A 1 105 ? -2.508  -1.574  0.909   1.00 13.24 ? 105 GLN A CA   1 
ATOM   826  C  C    . GLN A 1 105 ? -3.081  -2.919  1.347   1.00 13.44 ? 105 GLN A C    1 
ATOM   827  O  O    . GLN A 1 105 ? -3.866  -2.975  2.302   1.00 15.64 ? 105 GLN A O    1 
ATOM   828  C  CB   . GLN A 1 105 ? -3.306  -1.021  -0.275  1.00 12.74 ? 105 GLN A CB   1 
ATOM   829  C  CG   . GLN A 1 105 ? -4.784  -0.834  0.046   1.00 14.21 ? 105 GLN A CG   1 
ATOM   830  C  CD   . GLN A 1 105 ? -5.600  -0.282  -1.111  1.00 12.60 ? 105 GLN A CD   1 
ATOM   831  O  OE1  . GLN A 1 105 ? -5.086  -0.031  -2.194  1.00 13.00 ? 105 GLN A OE1  1 
ATOM   832  N  NE2  . GLN A 1 105 ? -6.897  -0.099  -0.880  1.00 15.10 ? 105 GLN A NE2  1 
ATOM   833  N  N    . MET A 1 106 ? -2.724  -4.013  0.670   1.00 14.16 ? 106 MET A N    1 
ATOM   834  C  CA   A MET A 1 106 ? -3.390  -5.281  0.934   0.44 16.25 ? 106 MET A CA   1 
ATOM   835  C  CA   B MET A 1 106 ? -3.377  -5.303  0.866   0.56 16.20 ? 106 MET A CA   1 
ATOM   836  C  C    . MET A 1 106 ? -2.479  -6.397  1.422   1.00 16.20 ? 106 MET A C    1 
ATOM   837  O  O    . MET A 1 106 ? -2.987  -7.473  1.768   1.00 17.84 ? 106 MET A O    1 
ATOM   838  C  CB   A MET A 1 106 ? -4.227  -5.738  -0.273  0.44 19.38 ? 106 MET A CB   1 
ATOM   839  C  CB   B MET A 1 106 ? -3.978  -5.799  -0.455  0.56 18.55 ? 106 MET A CB   1 
ATOM   840  C  CG   A MET A 1 106 ? -3.425  -6.254  -1.446  0.44 16.93 ? 106 MET A CG   1 
ATOM   841  C  CG   B MET A 1 106 ? -5.153  -4.976  -0.919  0.56 17.75 ? 106 MET A CG   1 
ATOM   842  S  SD   A MET A 1 106 ? -4.391  -6.461  -2.964  0.44 18.86 ? 106 MET A SD   1 
ATOM   843  S  SD   B MET A 1 106 ? -5.704  -5.480  -2.546  0.56 19.33 ? 106 MET A SD   1 
ATOM   844  C  CE   A MET A 1 106 ? -4.714  -4.751  -3.388  0.44 21.11 ? 106 MET A CE   1 
ATOM   845  C  CE   B MET A 1 106 ? -4.589  -4.524  -3.563  0.56 21.42 ? 106 MET A CE   1 
ATOM   846  N  N    . GLY A 1 107 ? -1.170  -6.178  1.493   1.00 16.53 ? 107 GLY A N    1 
ATOM   847  C  CA   . GLY A 1 107 ? -0.244  -7.194  1.948   1.00 17.33 ? 107 GLY A CA   1 
ATOM   848  C  C    . GLY A 1 107 ? -0.004  -8.268  0.905   1.00 20.34 ? 107 GLY A C    1 
ATOM   849  O  O    . GLY A 1 107 ? -0.642  -8.318  -0.143  1.00 19.85 ? 107 GLY A O    1 
ATOM   850  N  N    . GLU A 1 108 ? 0.947   -9.155  1.205   1.00 23.26 ? 108 GLU A N    1 
ATOM   851  C  CA   . GLU A 1 108 ? 1.186   -10.291 0.317   1.00 25.46 ? 108 GLU A CA   1 
ATOM   852  C  C    . GLU A 1 108 ? -0.042  -11.189 0.227   1.00 28.79 ? 108 GLU A C    1 
ATOM   853  O  O    . GLU A 1 108 ? -0.355  -11.715 -0.847  1.00 30.95 ? 108 GLU A O    1 
ATOM   854  C  CB   . GLU A 1 108 ? 2.394   -11.092 0.795   1.00 28.99 ? 108 GLU A CB   1 
ATOM   855  C  CG   . GLU A 1 108 ? 3.696   -10.316 0.835   1.00 28.56 ? 108 GLU A CG   1 
ATOM   856  C  CD   . GLU A 1 108 ? 4.864   -11.176 1.286   1.00 33.67 ? 108 GLU A CD   1 
ATOM   857  O  OE1  . GLU A 1 108 ? 5.021   -12.295 0.754   1.00 31.29 ? 108 GLU A OE1  1 
ATOM   858  O  OE2  . GLU A 1 108 ? 5.623   -10.737 2.178   1.00 36.42 ? 108 GLU A OE2  1 
ATOM   859  N  N    . THR A 1 109 ? -0.748  -11.382 1.343   0.74 26.18 ? 109 THR A N    1 
ATOM   860  C  CA   . THR A 1 109 ? -1.938  -12.228 1.323   0.74 31.16 ? 109 THR A CA   1 
ATOM   861  C  C    . THR A 1 109 ? -3.037  -11.615 0.463   0.74 29.84 ? 109 THR A C    1 
ATOM   862  O  O    . THR A 1 109 ? -3.746  -12.332 -0.253  0.74 28.25 ? 109 THR A O    1 
ATOM   863  C  CB   . THR A 1 109 ? -2.434  -12.469 2.749   0.74 31.47 ? 109 THR A CB   1 
ATOM   864  N  N    A GLY A 1 110 ? -3.190  -10.290 0.516   0.76 27.15 ? 110 GLY A N    1 
ATOM   865  C  CA   A GLY A 1 110 ? -4.236  -9.641  -0.256  0.76 27.09 ? 110 GLY A CA   1 
ATOM   866  C  C    A GLY A 1 110 ? -4.001  -9.682  -1.751  0.76 24.97 ? 110 GLY A C    1 
ATOM   867  O  O    A GLY A 1 110 ? -4.957  -9.648  -2.530  0.76 29.58 ? 110 GLY A O    1 
ATOM   868  N  N    A ALA A 1 112 ? -2.622  -12.254 -3.240  0.76 28.15 ? 112 ALA A N    1 
ATOM   869  C  CA   A ALA A 1 112 ? -2.486  -13.648 -3.650  0.76 26.38 ? 112 ALA A CA   1 
ATOM   870  C  C    A ALA A 1 112 ? -3.467  -14.004 -4.761  0.76 24.20 ? 112 ALA A C    1 
ATOM   871  O  O    A ALA A 1 112 ? -3.151  -14.814 -5.639  0.76 24.17 ? 112 ALA A O    1 
ATOM   872  C  CB   A ALA A 1 112 ? -2.667  -14.574 -2.447  0.76 28.99 ? 112 ALA A CB   1 
ATOM   873  N  N    A GLY A 1 113 ? -4.658  -13.407 -4.746  0.76 23.11 ? 113 GLY A N    1 
ATOM   874  C  CA   A GLY A 1 113 ? -5.645  -13.681 -5.774  0.76 25.86 ? 113 GLY A CA   1 
ATOM   875  C  C    A GLY A 1 113 ? -5.381  -13.028 -7.114  0.76 21.53 ? 113 GLY A C    1 
ATOM   876  O  O    A GLY A 1 113 ? -6.167  -13.225 -8.048  0.76 23.84 ? 113 GLY A O    1 
ATOM   877  N  N    . PHE A 1 114 ? -4.292  -12.268 -7.239  1.00 24.16 ? 114 PHE A N    1 
ATOM   878  C  CA   . PHE A 1 114 ? -3.975  -11.535 -8.455  1.00 19.97 ? 114 PHE A CA   1 
ATOM   879  C  C    . PHE A 1 114 ? -3.050  -12.310 -9.404  1.00 19.27 ? 114 PHE A C    1 
ATOM   880  O  O    . PHE A 1 114 ? -2.388  -11.691 -10.243 1.00 18.77 ? 114 PHE A O    1 
ATOM   881  C  CB   . PHE A 1 114 ? -3.410  -10.153 -8.106  1.00 18.64 ? 114 PHE A CB   1 
ATOM   882  C  CG   . PHE A 1 114 ? -4.451  -9.180  -7.585  1.00 18.56 ? 114 PHE A CG   1 
ATOM   883  C  CD1  . PHE A 1 114 ? -4.797  -9.165  -6.242  1.00 22.82 ? 114 PHE A CD1  1 
ATOM   884  C  CD2  . PHE A 1 114 ? -5.073  -8.280  -8.436  1.00 17.73 ? 114 PHE A CD2  1 
ATOM   885  C  CE1  . PHE A 1 114 ? -5.753  -8.275  -5.764  1.00 22.66 ? 114 PHE A CE1  1 
ATOM   886  C  CE2  . PHE A 1 114 ? -6.027  -7.384  -7.963  1.00 18.27 ? 114 PHE A CE2  1 
ATOM   887  C  CZ   . PHE A 1 114 ? -6.366  -7.385  -6.628  1.00 20.74 ? 114 PHE A CZ   1 
ATOM   888  N  N    . THR A 1 115 ? -3.035  -13.646 -9.315  1.00 19.06 ? 115 THR A N    1 
ATOM   889  C  CA   . THR A 1 115 ? -2.173  -14.477 -10.159 1.00 20.70 ? 115 THR A CA   1 
ATOM   890  C  C    . THR A 1 115 ? -2.297  -14.136 -11.642 1.00 18.85 ? 115 THR A C    1 
ATOM   891  O  O    . THR A 1 115 ? -1.287  -14.004 -12.348 1.00 17.95 ? 115 THR A O    1 
ATOM   892  C  CB   . THR A 1 115 ? -2.509  -15.954 -9.936  1.00 21.99 ? 115 THR A CB   1 
ATOM   893  O  OG1  . THR A 1 115 ? -2.371  -16.272 -8.548  1.00 24.78 ? 115 THR A OG1  1 
ATOM   894  C  CG2  . THR A 1 115 ? -1.596  -16.852 -10.760 1.00 24.90 ? 115 THR A CG2  1 
ATOM   895  N  N    . ASN A 1 116 ? -3.528  -14.023 -12.145 1.00 17.99 ? 116 ASN A N    1 
ATOM   896  C  CA   . ASN A 1 116 ? -3.701  -13.742 -13.566 1.00 16.90 ? 116 ASN A CA   1 
ATOM   897  C  C    . ASN A 1 116 ? -3.241  -12.331 -13.917 1.00 15.30 ? 116 ASN A C    1 
ATOM   898  O  O    . ASN A 1 116 ? -2.647  -12.116 -14.977 1.00 15.77 ? 116 ASN A O    1 
ATOM   899  C  CB   . ASN A 1 116 ? -5.151  -13.987 -13.990 1.00 17.02 ? 116 ASN A CB   1 
ATOM   900  C  CG   . ASN A 1 116 ? -5.589  -15.419 -13.753 1.00 18.59 ? 116 ASN A CG   1 
ATOM   901  N  N    . SER A 1 117 ? -3.502  -11.356 -13.038 1.00 15.24 ? 117 SER A N    1 
ATOM   902  C  CA   . SER A 1 117 ? -3.015  -9.997  -13.273 1.00 15.94 ? 117 SER A CA   1 
ATOM   903  C  C    . SER A 1 117 ? -1.496  -9.970  -13.321 1.00 14.61 ? 117 SER A C    1 
ATOM   904  O  O    . SER A 1 117 ? -0.901  -9.298  -14.171 1.00 15.13 ? 117 SER A O    1 
ATOM   905  C  CB   . SER A 1 117 ? -3.495  -9.049  -12.170 1.00 16.33 ? 117 SER A CB   1 
ATOM   906  O  OG   . SER A 1 117 ? -4.856  -9.244  -11.818 1.00 21.32 ? 117 SER A OG   1 
ATOM   907  N  N    . LEU A 1 118 ? -0.856  -10.685 -12.394 1.00 15.05 ? 118 LEU A N    1 
ATOM   908  C  CA   . LEU A 1 118 ? 0.599   -10.729 -12.345 1.00 16.04 ? 118 LEU A CA   1 
ATOM   909  C  C    . LEU A 1 118 ? 1.172   -11.296 -13.632 1.00 15.58 ? 118 LEU A C    1 
ATOM   910  O  O    . LEU A 1 118 ? 2.179   -10.791 -14.147 1.00 15.87 ? 118 LEU A O    1 
ATOM   911  C  CB   . LEU A 1 118 ? 1.041   -11.589 -11.160 1.00 17.93 ? 118 LEU A CB   1 
ATOM   912  C  CG   . LEU A 1 118 ? 0.798   -11.028 -9.759  1.00 19.65 ? 118 LEU A CG   1 
ATOM   913  C  CD1  . LEU A 1 118 ? 0.956   -12.103 -8.693  1.00 20.63 ? 118 LEU A CD1  1 
ATOM   914  C  CD2  . LEU A 1 118 ? 1.755   -9.886  -9.501  1.00 19.42 ? 118 LEU A CD2  1 
ATOM   915  N  N    . ARG A 1 119 ? 0.549   -12.353 -14.160 1.00 15.94 ? 119 ARG A N    1 
ATOM   916  C  CA   . ARG A 1 119 ? 1.015   -12.935 -15.413 1.00 17.50 ? 119 ARG A CA   1 
ATOM   917  C  C    . ARG A 1 119 ? 0.914   -11.927 -16.548 1.00 15.07 ? 119 ARG A C    1 
ATOM   918  O  O    . ARG A 1 119 ? 1.855   -11.764 -17.332 1.00 16.27 ? 119 ARG A O    1 
ATOM   919  C  CB   . ARG A 1 119 ? 0.229   -14.208 -15.735 1.00 18.42 ? 119 ARG A CB   1 
ATOM   920  C  CG   . ARG A 1 119 ? 0.600   -14.848 -17.075 1.00 20.89 ? 119 ARG A CG   1 
ATOM   921  C  CD   . ARG A 1 119 ? -0.288  -16.050 -17.377 1.00 26.91 ? 119 ARG A CD   1 
ATOM   922  N  NE   . ARG A 1 119 ? -0.317  -16.998 -16.267 1.00 30.97 ? 119 ARG A NE   1 
ATOM   923  C  CZ   . ARG A 1 119 ? -1.389  -17.249 -15.519 1.00 31.02 ? 119 ARG A CZ   1 
ATOM   924  N  NH1  . ARG A 1 119 ? -2.530  -16.613 -15.754 1.00 27.78 ? 119 ARG A NH1  1 
ATOM   925  N  NH2  . ARG A 1 119 ? -1.318  -18.130 -14.530 1.00 33.97 ? 119 ARG A NH2  1 
ATOM   926  N  N    . MET A 1 120 ? -0.221  -11.224 -16.642 1.00 14.37 ? 120 MET A N    1 
ATOM   927  C  CA   . MET A 1 120 ? -0.381  -10.225 -17.694 1.00 15.35 ? 120 MET A CA   1 
ATOM   928  C  C    . MET A 1 120 ? 0.638   -9.102  -17.557 1.00 13.45 ? 120 MET A C    1 
ATOM   929  O  O    . MET A 1 120 ? 1.171   -8.616  -18.558 1.00 14.50 ? 120 MET A O    1 
ATOM   930  C  CB   . MET A 1 120 ? -1.804  -9.670  -17.695 1.00 14.30 ? 120 MET A CB   1 
ATOM   931  C  CG   . MET A 1 120 ? -2.869  -10.711 -17.999 1.00 14.94 ? 120 MET A CG   1 
ATOM   932  S  SD   . MET A 1 120 ? -4.503  -9.988  -17.896 1.00 16.93 ? 120 MET A SD   1 
ATOM   933  C  CE   . MET A 1 120 ? -5.521  -11.460 -17.846 1.00 17.78 ? 120 MET A CE   1 
ATOM   934  N  N    . LEU A 1 121 ? 0.914   -8.672  -16.319 1.00 13.38 ? 121 LEU A N    1 
ATOM   935  C  CA   . LEU A 1 121 ? 1.925   -7.640  -16.094 1.00 13.43 ? 121 LEU A CA   1 
ATOM   936  C  C    . LEU A 1 121 ? 3.308   -8.126  -16.503 1.00 14.10 ? 121 LEU A C    1 
ATOM   937  O  O    . LEU A 1 121 ? 4.060   -7.395  -17.157 1.00 14.29 ? 121 LEU A O    1 
ATOM   938  C  CB   . LEU A 1 121 ? 1.921   -7.194  -14.629 1.00 14.31 ? 121 LEU A CB   1 
ATOM   939  C  CG   . LEU A 1 121 ? 0.691   -6.387  -14.204 1.00 13.46 ? 121 LEU A CG   1 
ATOM   940  C  CD1  . LEU A 1 121 ? 0.620   -6.248  -12.684 1.00 15.64 ? 121 LEU A CD1  1 
ATOM   941  C  CD2  . LEU A 1 121 ? 0.660   -5.018  -14.861 1.00 14.62 ? 121 LEU A CD2  1 
ATOM   942  N  N    . GLN A 1 122 ? 3.660   -9.358  -16.134 1.00 14.40 ? 122 GLN A N    1 
ATOM   943  C  CA   . GLN A 1 122 ? 4.958   -9.884  -16.535 1.00 16.72 ? 122 GLN A CA   1 
ATOM   944  C  C    . GLN A 1 122 ? 5.070   -9.992  -18.049 1.00 15.63 ? 122 GLN A C    1 
ATOM   945  O  O    . GLN A 1 122 ? 6.157   -9.795  -18.610 1.00 18.03 ? 122 GLN A O    1 
ATOM   946  C  CB   . GLN A 1 122 ? 5.216   -11.240 -15.886 1.00 18.69 ? 122 GLN A CB   1 
ATOM   947  C  CG   . GLN A 1 122 ? 6.619   -11.766 -16.153 1.00 22.37 ? 122 GLN A CG   1 
ATOM   948  C  CD   . GLN A 1 122 ? 7.058   -12.826 -15.167 1.00 27.50 ? 122 GLN A CD   1 
ATOM   949  O  OE1  . GLN A 1 122 ? 6.274   -13.282 -14.338 1.00 32.51 ? 122 GLN A OE1  1 
ATOM   950  N  NE2  . GLN A 1 122 ? 8.319   -13.235 -15.262 1.00 31.69 ? 122 GLN A NE2  1 
ATOM   951  N  N    . GLN A 1 123 ? 3.960   -10.290 -18.725 1.00 16.47 ? 123 GLN A N    1 
ATOM   952  C  CA   . GLN A 1 123 ? 3.914   -10.341 -20.182 1.00 16.78 ? 123 GLN A CA   1 
ATOM   953  C  C    . GLN A 1 123 ? 3.846   -8.964  -20.821 1.00 15.42 ? 123 GLN A C    1 
ATOM   954  O  O    . GLN A 1 123 ? 3.842   -8.875  -22.056 1.00 16.73 ? 123 GLN A O    1 
ATOM   955  C  CB   . GLN A 1 123 ? 2.712   -11.166 -20.654 1.00 18.02 ? 123 GLN A CB   1 
ATOM   956  C  CG   . GLN A 1 123 ? 2.793   -12.645 -20.328 1.00 20.61 ? 123 GLN A CG   1 
ATOM   957  C  CD   . GLN A 1 123 ? 1.463   -13.361 -20.516 1.00 25.03 ? 123 GLN A CD   1 
ATOM   958  O  OE1  . GLN A 1 123 ? 0.393   -12.768 -20.365 1.00 24.41 ? 123 GLN A OE1  1 
ATOM   959  N  NE2  . GLN A 1 123 ? 1.527   -14.646 -20.846 1.00 30.89 ? 123 GLN A NE2  1 
ATOM   960  N  N    . LYS A 1 124 ? 3.763   -7.902  -20.017 1.00 14.70 ? 124 LYS A N    1 
ATOM   961  C  CA   . LYS A 1 124 ? 3.675   -6.528  -20.503 1.00 13.93 ? 124 LYS A CA   1 
ATOM   962  C  C    . LYS A 1 124 ? 2.436   -6.295  -21.364 1.00 14.37 ? 124 LYS A C    1 
ATOM   963  O  O    . LYS A 1 124 ? 2.435   -5.463  -22.269 1.00 15.36 ? 124 LYS A O    1 
ATOM   964  C  CB   . LYS A 1 124 ? 4.970   -6.063  -21.173 1.00 14.49 ? 124 LYS A CB   1 
ATOM   965  C  CG   . LYS A 1 124 ? 6.160   -6.193  -20.226 1.00 15.14 ? 124 LYS A CG   1 
ATOM   966  C  CD   . LYS A 1 124 ? 7.395   -5.481  -20.747 1.00 16.24 ? 124 LYS A CD   1 
ATOM   967  C  CE   . LYS A 1 124 ? 8.545   -5.531  -19.751 1.00 17.39 ? 124 LYS A CE   1 
ATOM   968  N  NZ   . LYS A 1 124 ? 8.180   -4.948  -18.448 1.00 16.78 ? 124 LYS A NZ   1 
ATOM   969  N  N    . ARG A 1 125 ? 1.357   -7.004  -21.042 1.00 13.58 ? 125 ARG A N    1 
ATOM   970  C  CA   . ARG A 1 125 ? 0.065   -6.801  -21.692 1.00 14.65 ? 125 ARG A CA   1 
ATOM   971  C  C    . ARG A 1 125 ? -0.717  -5.800  -20.848 1.00 13.59 ? 125 ARG A C    1 
ATOM   972  O  O    . ARG A 1 125 ? -1.602  -6.152  -20.070 1.00 14.21 ? 125 ARG A O    1 
ATOM   973  C  CB   . ARG A 1 125 ? -0.664  -8.132  -21.826 1.00 17.35 ? 125 ARG A CB   1 
ATOM   974  C  CG   . ARG A 1 125 ? 0.038   -9.124  -22.750 1.00 17.91 ? 125 ARG A CG   1 
ATOM   975  C  CD   . ARG A 1 125 ? -0.420  -10.562 -22.493 1.00 24.25 ? 125 ARG A CD   1 
ATOM   976  N  NE   . ARG A 1 125 ? -1.875  -10.709 -22.475 1.00 32.30 ? 125 ARG A NE   1 
ATOM   977  C  CZ   . ARG A 1 125 ? -2.519  -11.708 -21.874 1.00 27.89 ? 125 ARG A CZ   1 
ATOM   978  N  NH1  . ARG A 1 125 ? -1.841  -12.659 -21.245 1.00 32.37 ? 125 ARG A NH1  1 
ATOM   979  N  NH2  . ARG A 1 125 ? -3.844  -11.763 -21.908 1.00 29.44 ? 125 ARG A NH2  1 
ATOM   980  N  N    . TRP A 1 126 ? -0.369  -4.523  -21.014 1.00 13.55 ? 126 TRP A N    1 
ATOM   981  C  CA   . TRP A 1 126 ? -0.765  -3.516  -20.029 1.00 13.68 ? 126 TRP A CA   1 
ATOM   982  C  C    . TRP A 1 126 ? -2.272  -3.278  -20.021 1.00 12.95 ? 126 TRP A C    1 
ATOM   983  O  O    . TRP A 1 126 ? -2.885  -3.172  -18.950 1.00 13.66 ? 126 TRP A O    1 
ATOM   984  C  CB   . TRP A 1 126 ? -0.026  -2.207  -20.275 1.00 13.70 ? 126 TRP A CB   1 
ATOM   985  C  CG   . TRP A 1 126 ? 1.461   -2.323  -20.355 1.00 13.56 ? 126 TRP A CG   1 
ATOM   986  C  CD1  . TRP A 1 126 ? 2.258   -1.889  -21.381 1.00 13.73 ? 126 TRP A CD1  1 
ATOM   987  C  CD2  . TRP A 1 126 ? 2.349   -2.871  -19.365 1.00 13.33 ? 126 TRP A CD2  1 
ATOM   988  N  NE1  . TRP A 1 126 ? 3.575   -2.140  -21.097 1.00 14.19 ? 126 TRP A NE1  1 
ATOM   989  C  CE2  . TRP A 1 126 ? 3.659   -2.740  -19.867 1.00 13.52 ? 126 TRP A CE2  1 
ATOM   990  C  CE3  . TRP A 1 126 ? 2.166   -3.459  -18.105 1.00 13.85 ? 126 TRP A CE3  1 
ATOM   991  C  CZ2  . TRP A 1 126 ? 4.780   -3.174  -19.156 1.00 14.14 ? 126 TRP A CZ2  1 
ATOM   992  C  CZ3  . TRP A 1 126 ? 3.285   -3.895  -17.404 1.00 14.14 ? 126 TRP A CZ3  1 
ATOM   993  C  CH2  . TRP A 1 126 ? 4.573   -3.746  -17.930 1.00 14.11 ? 126 TRP A CH2  1 
ATOM   994  N  N    . ASP A 1 127 ? -2.891  -3.149  -21.200 1.00 13.87 ? 127 ASP A N    1 
ATOM   995  C  CA   . ASP A 1 127 ? -4.329  -2.894  -21.223 1.00 13.69 ? 127 ASP A CA   1 
ATOM   996  C  C    . ASP A 1 127 ? -5.099  -4.082  -20.665 1.00 13.20 ? 127 ASP A C    1 
ATOM   997  O  O    . ASP A 1 127 ? -6.076  -3.909  -19.922 1.00 14.04 ? 127 ASP A O    1 
ATOM   998  C  CB   . ASP A 1 127 ? -4.808  -2.592  -22.642 1.00 15.03 ? 127 ASP A CB   1 
ATOM   999  C  CG   . ASP A 1 127 ? -4.445  -1.198  -23.110 1.00 15.30 ? 127 ASP A CG   1 
ATOM   1000 O  OD1  . ASP A 1 127 ? -3.644  -0.508  -22.445 1.00 18.64 ? 127 ASP A OD1  1 
ATOM   1001 O  OD2  . ASP A 1 127 ? -4.974  -0.799  -24.173 1.00 19.05 ? 127 ASP A OD2  1 
ATOM   1002 N  N    . GLU A 1 128 ? -4.670  -5.295  -21.012 1.00 13.82 ? 128 GLU A N    1 
ATOM   1003 C  CA   . GLU A 1 128 ? -5.336  -6.483  -20.498 1.00 15.65 ? 128 GLU A CA   1 
ATOM   1004 C  C    . GLU A 1 128 ? -5.156  -6.595  -18.993 1.00 13.51 ? 128 GLU A C    1 
ATOM   1005 O  O    . GLU A 1 128 ? -6.098  -6.941  -18.273 1.00 14.21 ? 128 GLU A O    1 
ATOM   1006 C  CB   . GLU A 1 128 ? -4.789  -7.729  -21.189 1.00 16.13 ? 128 GLU A CB   1 
ATOM   1007 C  CG   . GLU A 1 128 ? -5.163  -7.844  -22.644 1.00 19.65 ? 128 GLU A CG   1 
ATOM   1008 C  CD   . GLU A 1 128 ? -4.493  -9.028  -23.302 1.00 28.55 ? 128 GLU A CD   1 
ATOM   1009 O  OE1  . GLU A 1 128 ? -3.375  -8.860  -23.829 1.00 32.02 ? 128 GLU A OE1  1 
ATOM   1010 O  OE2  . GLU A 1 128 ? -5.083  -10.132 -23.285 1.00 34.59 ? 128 GLU A OE2  1 
ATOM   1011 N  N    . ALA A 1 129 ? -3.950  -6.303  -18.501 1.00 13.32 ? 129 ALA A N    1 
ATOM   1012 C  CA   . ALA A 1 129 ? -3.725  -6.317  -17.060 1.00 12.82 ? 129 ALA A CA   1 
ATOM   1013 C  C    . ALA A 1 129 ? -4.619  -5.307  -16.357 1.00 12.97 ? 129 ALA A C    1 
ATOM   1014 O  O    . ALA A 1 129 ? -5.186  -5.605  -15.302 1.00 13.60 ? 129 ALA A O    1 
ATOM   1015 C  CB   . ALA A 1 129 ? -2.254  -6.043  -16.761 1.00 14.00 ? 129 ALA A CB   1 
ATOM   1016 N  N    . ALA A 1 130 ? -4.762  -4.113  -16.934 1.00 13.22 ? 130 ALA A N    1 
ATOM   1017 C  CA   . ALA A 1 130 ? -5.590  -3.081  -16.318 1.00 13.59 ? 130 ALA A CA   1 
ATOM   1018 C  C    . ALA A 1 130 ? -7.041  -3.528  -16.218 1.00 13.45 ? 130 ALA A C    1 
ATOM   1019 O  O    . ALA A 1 130 ? -7.695  -3.307  -15.191 1.00 14.22 ? 130 ALA A O    1 
ATOM   1020 C  CB   . ALA A 1 130 ? -5.478  -1.779  -17.109 1.00 15.64 ? 130 ALA A CB   1 
ATOM   1021 N  N    . VAL A 1 131 ? -7.567  -4.150  -17.279 1.00 13.95 ? 131 VAL A N    1 
ATOM   1022 C  CA   . VAL A 1 131 ? -8.926  -4.685  -17.230 1.00 14.95 ? 131 VAL A CA   1 
ATOM   1023 C  C    . VAL A 1 131 ? -9.046  -5.743  -16.139 1.00 14.08 ? 131 VAL A C    1 
ATOM   1024 O  O    . VAL A 1 131 ? -10.012 -5.759  -15.364 1.00 15.45 ? 131 VAL A O    1 
ATOM   1025 C  CB   . VAL A 1 131 ? -9.329  -5.237  -18.610 1.00 14.60 ? 131 VAL A CB   1 
ATOM   1026 C  CG1  . VAL A 1 131 ? -10.591 -6.088  -18.511 1.00 18.05 ? 131 VAL A CG1  1 
ATOM   1027 C  CG2  . VAL A 1 131 ? -9.527  -4.100  -19.594 1.00 17.35 ? 131 VAL A CG2  1 
ATOM   1028 N  N    . ASN A 1 132 ? -8.057  -6.632  -16.050 1.00 13.37 ? 132 ASN A N    1 
ATOM   1029 C  CA   . ASN A 1 132 ? -8.127  -7.725  -15.087 1.00 13.75 ? 132 ASN A CA   1 
ATOM   1030 C  C    . ASN A 1 132 ? -8.013  -7.214  -13.654 1.00 12.94 ? 132 ASN A C    1 
ATOM   1031 O  O    . ASN A 1 132 ? -8.704  -7.711  -12.756 1.00 13.81 ? 132 ASN A O    1 
ATOM   1032 C  CB   . ASN A 1 132 ? -7.029  -8.739  -15.391 1.00 14.40 ? 132 ASN A CB   1 
ATOM   1033 C  CG   . ASN A 1 132 ? -7.130  -9.976  -14.535 1.00 15.82 ? 132 ASN A CG   1 
ATOM   1034 O  OD1  . ASN A 1 132 ? -6.415  -10.122 -13.546 1.00 18.21 ? 132 ASN A OD1  1 
ATOM   1035 N  ND2  . ASN A 1 132 ? -8.018  -10.883 -14.916 1.00 17.68 ? 132 ASN A ND2  1 
ATOM   1036 N  N    . LEU A 1 133 ? -7.152  -6.216  -13.425 1.00 13.21 ? 133 LEU A N    1 
ATOM   1037 C  CA   . LEU A 1 133 ? -6.954  -5.677  -12.082 1.00 12.43 ? 133 LEU A CA   1 
ATOM   1038 C  C    . LEU A 1 133 ? -8.231  -5.065  -11.527 1.00 12.80 ? 133 LEU A C    1 
ATOM   1039 O  O    . LEU A 1 133 ? -8.454  -5.089  -10.310 1.00 13.87 ? 133 LEU A O    1 
ATOM   1040 C  CB   . LEU A 1 133 ? -5.849  -4.622  -12.111 1.00 13.20 ? 133 LEU A CB   1 
ATOM   1041 C  CG   . LEU A 1 133 ? -4.414  -5.151  -12.180 1.00 13.73 ? 133 LEU A CG   1 
ATOM   1042 C  CD1  . LEU A 1 133 ? -3.469  -4.071  -12.686 1.00 15.43 ? 133 LEU A CD1  1 
ATOM   1043 C  CD2  . LEU A 1 133 ? -3.956  -5.669  -10.822 1.00 15.70 ? 133 LEU A CD2  1 
ATOM   1044 N  N    . ALA A 1 134 ? -9.071  -4.504  -12.395 1.00 13.42 ? 134 ALA A N    1 
ATOM   1045 C  CA   . ALA A 1 134 ? -10.302 -3.859  -11.962 1.00 13.89 ? 134 ALA A CA   1 
ATOM   1046 C  C    . ALA A 1 134 ? -11.394 -4.852  -11.597 1.00 13.42 ? 134 ALA A C    1 
ATOM   1047 O  O    . ALA A 1 134 ? -12.384 -4.453  -10.977 1.00 15.17 ? 134 ALA A O    1 
ATOM   1048 C  CB   . ALA A 1 134 ? -10.801 -2.897  -13.044 1.00 15.44 ? 134 ALA A CB   1 
ATOM   1049 N  N    . LYS A 1 135 ? -11.238 -6.124  -11.954 1.00 13.65 ? 135 LYS A N    1 
ATOM   1050 C  CA   . LYS A 1 135 ? -12.219 -7.147  -11.598 1.00 14.01 ? 135 LYS A CA   1 
ATOM   1051 C  C    . LYS A 1 135 ? -11.860 -7.699  -10.219 1.00 13.45 ? 135 LYS A C    1 
ATOM   1052 O  O    . LYS A 1 135 ? -11.403 -8.831  -10.064 1.00 13.90 ? 135 LYS A O    1 
ATOM   1053 C  CB   . LYS A 1 135 ? -12.255 -8.231  -12.669 1.00 14.75 ? 135 LYS A CB   1 
ATOM   1054 C  CG   . LYS A 1 135 ? -12.670 -7.709  -14.044 1.00 15.75 ? 135 LYS A CG   1 
ATOM   1055 C  CD   . LYS A 1 135 ? -12.508 -8.765  -15.133 1.00 16.87 ? 135 LYS A CD   1 
ATOM   1056 C  CE   . LYS A 1 135 ? -12.975 -8.242  -16.484 1.00 18.78 ? 135 LYS A CE   1 
ATOM   1057 N  NZ   . LYS A 1 135 ? -12.656 -9.186  -17.592 1.00 20.20 ? 135 LYS A NZ   1 
ATOM   1058 N  N    . SER A 1 136 ? -12.059 -6.860  -9.203  1.00 13.22 ? 136 SER A N    1 
ATOM   1059 C  CA   . SER A 1 136 ? -11.529 -7.173  -7.883  1.00 12.99 ? 136 SER A CA   1 
ATOM   1060 C  C    . SER A 1 136 ? -12.330 -6.452  -6.808  1.00 13.13 ? 136 SER A C    1 
ATOM   1061 O  O    . SER A 1 136 ? -12.850 -5.356  -7.032  1.00 13.38 ? 136 SER A O    1 
ATOM   1062 C  CB   . SER A 1 136 ? -10.057 -6.750  -7.785  1.00 12.45 ? 136 SER A CB   1 
ATOM   1063 O  OG   . SER A 1 136 ? -9.897  -5.352  -7.959  1.00 13.22 ? 136 SER A OG   1 
ATOM   1064 N  N    . ARG A 1 137 ? -12.396 -7.064  -5.620  1.00 12.81 ? 137 ARG A N    1 
ATOM   1065 C  CA   . ARG A 1 137 ? -12.931 -6.349  -4.468  1.00 12.96 ? 137 ARG A CA   1 
ATOM   1066 C  C    . ARG A 1 137 ? -12.172 -5.052  -4.248  1.00 13.10 ? 137 ARG A C    1 
ATOM   1067 O  O    . ARG A 1 137 ? -12.774 -4.011  -3.950  1.00 14.65 ? 137 ARG A O    1 
ATOM   1068 C  CB   . ARG A 1 137 ? -12.873 -7.217  -3.207  1.00 13.30 ? 137 ARG A CB   1 
ATOM   1069 C  CG   . ARG A 1 137 ? -13.407 -6.494  -1.981  1.00 15.06 ? 137 ARG A CG   1 
ATOM   1070 C  CD   . ARG A 1 137 ? -13.392 -7.324  -0.709  1.00 16.31 ? 137 ARG A CD   1 
ATOM   1071 N  NE   . ARG A 1 137 ? -14.093 -6.622  0.364   1.00 19.44 ? 137 ARG A NE   1 
ATOM   1072 C  CZ   . ARG A 1 137 ? -13.536 -5.699  1.140   1.00 18.19 ? 137 ARG A CZ   1 
ATOM   1073 N  NH1  . ARG A 1 137 ? -12.265 -5.359  0.965   1.00 18.48 ? 137 ARG A NH1  1 
ATOM   1074 N  NH2  . ARG A 1 137 ? -14.254 -5.106  2.089   1.00 18.56 ? 137 ARG A NH2  1 
ATOM   1075 N  N    . TRP A 1 138 ? -10.848 -5.095  -4.430  1.00 12.66 ? 138 TRP A N    1 
ATOM   1076 C  CA   . TRP A 1 138 ? -9.998  -3.917  -4.270  1.00 12.90 ? 138 TRP A CA   1 
ATOM   1077 C  C    . TRP A 1 138 ? -10.533 -2.729  -5.060  1.00 13.63 ? 138 TRP A C    1 
ATOM   1078 O  O    . TRP A 1 138 ? -10.749 -1.640  -4.509  1.00 13.95 ? 138 TRP A O    1 
ATOM   1079 C  CB   . TRP A 1 138 ? -8.598  -4.282  -4.748  1.00 13.49 ? 138 TRP A CB   1 
ATOM   1080 C  CG   . TRP A 1 138 ? -7.627  -3.148  -4.874  1.00 12.54 ? 138 TRP A CG   1 
ATOM   1081 C  CD1  . TRP A 1 138 ? -7.229  -2.286  -3.890  1.00 13.31 ? 138 TRP A CD1  1 
ATOM   1082 C  CD2  . TRP A 1 138 ? -6.867  -2.804  -6.037  1.00 12.73 ? 138 TRP A CD2  1 
ATOM   1083 N  NE1  . TRP A 1 138 ? -6.290  -1.407  -4.380  1.00 13.15 ? 138 TRP A NE1  1 
ATOM   1084 C  CE2  . TRP A 1 138 ? -6.047  -1.709  -5.695  1.00 12.38 ? 138 TRP A CE2  1 
ATOM   1085 C  CE3  . TRP A 1 138 ? -6.808  -3.310  -7.340  1.00 13.27 ? 138 TRP A CE3  1 
ATOM   1086 C  CZ2  . TRP A 1 138 ? -5.172  -1.125  -6.602  1.00 12.27 ? 138 TRP A CZ2  1 
ATOM   1087 C  CZ3  . TRP A 1 138 ? -5.950  -2.727  -8.241  1.00 13.81 ? 138 TRP A CZ3  1 
ATOM   1088 C  CH2  . TRP A 1 138 ? -5.148  -1.640  -7.875  1.00 13.70 ? 138 TRP A CH2  1 
ATOM   1089 N  N    . TYR A 1 139 ? -10.752 -2.930  -6.359  1.00 13.08 ? 139 TYR A N    1 
ATOM   1090 C  CA   . TYR A 1 139 ? -11.243 -1.852  -7.209  1.00 13.88 ? 139 TYR A CA   1 
ATOM   1091 C  C    . TYR A 1 139 ? -12.627 -1.389  -6.771  1.00 14.20 ? 139 TYR A C    1 
ATOM   1092 O  O    . TYR A 1 139 ? -12.895 -0.184  -6.705  1.00 16.86 ? 139 TYR A O    1 
ATOM   1093 C  CB   . TYR A 1 139 ? -11.266 -2.346  -8.656  1.00 15.63 ? 139 TYR A CB   1 
ATOM   1094 C  CG   . TYR A 1 139 ? -11.815 -1.384  -9.685  1.00 16.30 ? 139 TYR A CG   1 
ATOM   1095 C  CD1  . TYR A 1 139 ? -10.990 -0.457  -10.308 1.00 17.82 ? 139 TYR A CD1  1 
ATOM   1096 C  CD2  . TYR A 1 139 ? -13.157 -1.424  -10.054 1.00 19.69 ? 139 TYR A CD2  1 
ATOM   1097 C  CE1  . TYR A 1 139 ? -11.491 0.415   -11.263 1.00 23.45 ? 139 TYR A CE1  1 
ATOM   1098 C  CE2  . TYR A 1 139 ? -13.665 -0.558  -11.004 1.00 24.00 ? 139 TYR A CE2  1 
ATOM   1099 C  CZ   . TYR A 1 139 ? -12.828 0.356   -11.605 1.00 23.62 ? 139 TYR A CZ   1 
ATOM   1100 O  OH   . TYR A 1 139 ? -13.339 1.219   -12.549 1.00 29.46 ? 139 TYR A OH   1 
ATOM   1101 N  N    . ASN A 1 140 ? -13.513 -2.328  -6.444  1.00 13.20 ? 140 ASN A N    1 
ATOM   1102 C  CA   . ASN A 1 140 ? -14.876 -1.942  -6.095  1.00 13.76 ? 140 ASN A CA   1 
ATOM   1103 C  C    . ASN A 1 140 ? -14.929 -1.163  -4.786  1.00 14.10 ? 140 ASN A C    1 
ATOM   1104 O  O    . ASN A 1 140 ? -15.740 -0.236  -4.642  1.00 15.68 ? 140 ASN A O    1 
ATOM   1105 C  CB   . ASN A 1 140 ? -15.757 -3.180  -6.039  1.00 15.64 ? 140 ASN A CB   1 
ATOM   1106 C  CG   . ASN A 1 140 ? -16.139 -3.664  -7.415  1.00 14.84 ? 140 ASN A CG   1 
ATOM   1107 O  OD1  . ASN A 1 140 ? -15.566 -4.623  -7.938  1.00 17.14 ? 140 ASN A OD1  1 
ATOM   1108 N  ND2  . ASN A 1 140 ? -17.103 -2.991  -8.022  1.00 16.48 ? 140 ASN A ND2  1 
ATOM   1109 N  N    . GLN A 1 141 ? -14.078 -1.510  -3.826  1.00 12.91 ? 141 GLN A N    1 
ATOM   1110 C  CA   . GLN A 1 141 ? -14.148 -0.861  -2.524  1.00 13.43 ? 141 GLN A CA   1 
ATOM   1111 C  C    . GLN A 1 141 ? -13.370 0.449   -2.459  1.00 13.23 ? 141 GLN A C    1 
ATOM   1112 O  O    . GLN A 1 141 ? -13.786 1.372   -1.745  1.00 14.63 ? 141 GLN A O    1 
ATOM   1113 C  CB   . GLN A 1 141 ? -13.690 -1.817  -1.420  1.00 15.27 ? 141 GLN A CB   1 
ATOM   1114 C  CG   . GLN A 1 141 ? -14.488 -3.120  -1.321  1.00 15.76 ? 141 GLN A CG   1 
ATOM   1115 C  CD   . GLN A 1 141 ? -15.979 -2.917  -1.088  1.00 14.19 ? 141 GLN A CD   1 
ATOM   1116 O  OE1  . GLN A 1 141 ? -16.810 -3.525  -1.770  1.00 17.75 ? 141 GLN A OE1  1 
ATOM   1117 N  NE2  . GLN A 1 141 ? -16.327 -2.069  -0.122  1.00 17.34 ? 141 GLN A NE2  1 
ATOM   1118 N  N    . THR A 1 142 ? -12.246 0.561   -3.170  1.00 13.02 ? 142 THR A N    1 
ATOM   1119 C  CA   . THR A 1 142 ? -11.483 1.811   -3.245  1.00 12.30 ? 142 THR A CA   1 
ATOM   1120 C  C    . THR A 1 142 ? -11.227 2.149   -4.710  1.00 12.28 ? 142 THR A C    1 
ATOM   1121 O  O    . THR A 1 142 ? -10.097 2.039   -5.214  1.00 12.17 ? 142 THR A O    1 
ATOM   1122 C  CB   . THR A 1 142 ? -10.183 1.758   -2.432  1.00 13.00 ? 142 THR A CB   1 
ATOM   1123 O  OG1  . THR A 1 142 ? -9.378  0.635   -2.826  1.00 13.94 ? 142 THR A OG1  1 
ATOM   1124 C  CG2  . THR A 1 142 ? -10.470 1.657   -0.930  1.00 14.16 ? 142 THR A CG2  1 
ATOM   1125 N  N    . PRO A 1 143 ? -12.270 2.566   -5.435  1.00 12.30 ? 143 PRO A N    1 
ATOM   1126 C  CA   . PRO A 1 143 ? -12.122 2.711   -6.892  1.00 12.01 ? 143 PRO A CA   1 
ATOM   1127 C  C    . PRO A 1 143 ? -11.233 3.854   -7.322  1.00 12.05 ? 143 PRO A C    1 
ATOM   1128 O  O    . PRO A 1 143 ? -10.536 3.724   -8.331  1.00 12.93 ? 143 PRO A O    1 
ATOM   1129 C  CB   . PRO A 1 143 ? -13.564 2.898   -7.376  1.00 13.34 ? 143 PRO A CB   1 
ATOM   1130 C  CG   . PRO A 1 143 ? -14.284 3.449   -6.190  1.00 13.90 ? 143 PRO A CG   1 
ATOM   1131 C  CD   . PRO A 1 143 ? -13.662 2.776   -5.000  1.00 13.86 ? 143 PRO A CD   1 
ATOM   1132 N  N    . ASN A 1 144 ? -11.250 4.989   -6.628  1.00 12.84 ? 144 ASN A N    1 
ATOM   1133 C  CA   . ASN A 1 144 ? -10.414 6.090   -7.094  1.00 13.48 ? 144 ASN A CA   1 
ATOM   1134 C  C    . ASN A 1 144 ? -8.938  5.781   -6.906  1.00 12.40 ? 144 ASN A C    1 
ATOM   1135 O  O    . ASN A 1 144 ? -8.123  6.045   -7.795  1.00 13.78 ? 144 ASN A O    1 
ATOM   1136 C  CB   . ASN A 1 144 ? -10.804 7.395   -6.415  1.00 15.80 ? 144 ASN A CB   1 
ATOM   1137 C  CG   . ASN A 1 144 ? -12.069 7.979   -6.997  1.00 18.42 ? 144 ASN A CG   1 
ATOM   1138 O  OD1  . ASN A 1 144 ? -12.406 7.726   -8.156  1.00 22.20 ? 144 ASN A OD1  1 
ATOM   1139 N  ND2  . ASN A 1 144 ? -12.780 8.765   -6.202  1.00 25.47 ? 144 ASN A ND2  1 
ATOM   1140 N  N    . ARG A 1 145 ? -8.580  5.209   -5.760  1.00 12.59 ? 145 ARG A N    1 
ATOM   1141 C  CA   . ARG A 1 145 ? -7.194  4.816   -5.543  1.00 12.15 ? 145 ARG A CA   1 
ATOM   1142 C  C    . ARG A 1 145 ? -6.791  3.680   -6.481  1.00 12.29 ? 145 ARG A C    1 
ATOM   1143 O  O    . ARG A 1 145 ? -5.703  3.712   -7.072  1.00 12.90 ? 145 ARG A O    1 
ATOM   1144 C  CB   . ARG A 1 145 ? -6.992  4.451   -4.076  1.00 15.05 ? 145 ARG A CB   1 
ATOM   1145 C  CG   . ARG A 1 145 ? -5.534  4.441   -3.648  1.00 17.72 ? 145 ARG A CG   1 
ATOM   1146 C  CD   . ARG A 1 145 ? -5.161  3.035   -3.315  1.00 19.28 ? 145 ARG A CD   1 
ATOM   1147 N  NE   . ARG A 1 145 ? -3.830  2.844   -2.746  1.00 14.48 ? 145 ARG A NE   1 
ATOM   1148 C  CZ   . ARG A 1 145 ? -3.548  2.903   -1.451  1.00 14.37 ? 145 ARG A CZ   1 
ATOM   1149 N  NH1  . ARG A 1 145 ? -4.484  3.222   -0.568  1.00 17.41 ? 145 ARG A NH1  1 
ATOM   1150 N  NH2  . ARG A 1 145 ? -2.322  2.634   -1.044  1.00 12.73 ? 145 ARG A NH2  1 
ATOM   1151 N  N    . ALA A 1 146 ? -7.656  2.675   -6.643  1.00 12.95 ? 146 ALA A N    1 
ATOM   1152 C  CA   . ALA A 1 146 ? -7.342  1.591   -7.571  1.00 13.84 ? 146 ALA A CA   1 
ATOM   1153 C  C    . ALA A 1 146 ? -7.185  2.106   -8.998  1.00 13.12 ? 146 ALA A C    1 
ATOM   1154 O  O    . ALA A 1 146 ? -6.278  1.672   -9.724  1.00 13.45 ? 146 ALA A O    1 
ATOM   1155 C  CB   . ALA A 1 146 ? -8.410  0.497   -7.506  1.00 14.60 ? 146 ALA A CB   1 
ATOM   1156 N  N    . LYS A 1 147 ? -8.046  3.039   -9.418  1.00 12.67 ? 147 LYS A N    1 
ATOM   1157 C  CA   . LYS A 1 147 ? -7.901  3.614   -10.753 1.00 13.38 ? 147 LYS A CA   1 
ATOM   1158 C  C    . LYS A 1 147 ? -6.543  4.291   -10.926 1.00 11.82 ? 147 LYS A C    1 
ATOM   1159 O  O    . LYS A 1 147 ? -5.925  4.186   -11.991 1.00 12.71 ? 147 LYS A O    1 
ATOM   1160 C  CB   . LYS A 1 147 ? -9.042  4.588   -11.048 1.00 14.13 ? 147 LYS A CB   1 
ATOM   1161 C  CG   . LYS A 1 147 ? -10.363 3.929   -11.412 1.00 15.33 ? 147 LYS A CG   1 
ATOM   1162 C  CD   . LYS A 1 147 ? -11.503 4.943   -11.417 1.00 18.17 ? 147 LYS A CD   1 
ATOM   1163 C  CE   . LYS A 1 147 ? -12.854 4.259   -11.602 1.00 22.01 ? 147 LYS A CE   1 
ATOM   1164 N  NZ   . LYS A 1 147 ? -13.973 5.229   -11.785 1.00 24.45 ? 147 LYS A NZ   1 
ATOM   1165 N  N    . ARG A 1 148 ? -6.061  4.996   -9.900  1.00 11.90 ? 148 ARG A N    1 
ATOM   1166 C  CA   . ARG A 1 148 ? -4.753  5.638   -10.021 1.00 12.13 ? 148 ARG A CA   1 
ATOM   1167 C  C    . ARG A 1 148 ? -3.649  4.601   -10.160 1.00 11.02 ? 148 ARG A C    1 
ATOM   1168 O  O    . ARG A 1 148 ? -2.747  4.743   -10.997 1.00 12.10 ? 148 ARG A O    1 
ATOM   1169 C  CB   . ARG A 1 148 ? -4.472  6.542   -8.818  1.00 12.03 ? 148 ARG A CB   1 
ATOM   1170 C  CG   . ARG A 1 148 ? -5.302  7.802   -8.744  1.00 12.84 ? 148 ARG A CG   1 
ATOM   1171 C  CD   . ARG A 1 148 ? -4.743  8.801   -7.734  1.00 12.35 ? 148 ARG A CD   1 
ATOM   1172 N  NE   . ARG A 1 148 ? -4.930  8.365   -6.351  1.00 12.97 ? 148 ARG A NE   1 
ATOM   1173 C  CZ   . ARG A 1 148 ? -6.053  8.523   -5.655  1.00 12.88 ? 148 ARG A CZ   1 
ATOM   1174 N  NH1  . ARG A 1 148 ? -7.119  9.100   -6.203  1.00 14.46 ? 148 ARG A NH1  1 
ATOM   1175 N  NH2  . ARG A 1 148 ? -6.116  8.091   -4.405  1.00 15.01 ? 148 ARG A NH2  1 
ATOM   1176 N  N    . VAL A 1 149 ? -3.695  3.562   -9.325  1.00 11.19 ? 149 VAL A N    1 
ATOM   1177 C  CA   . VAL A 1 149 ? -2.681  2.514   -9.381  1.00 12.06 ? 149 VAL A CA   1 
ATOM   1178 C  C    . VAL A 1 149 ? -2.743  1.787   -10.719 1.00 11.95 ? 149 VAL A C    1 
ATOM   1179 O  O    . VAL A 1 149 ? -1.705  1.518   -11.349 1.00 12.15 ? 149 VAL A O    1 
ATOM   1180 C  CB   . VAL A 1 149 ? -2.856  1.561   -8.185  1.00 11.54 ? 149 VAL A CB   1 
ATOM   1181 C  CG1  . VAL A 1 149 ? -1.920  0.370   -8.303  1.00 13.54 ? 149 VAL A CG1  1 
ATOM   1182 C  CG2  . VAL A 1 149 ? -2.613  2.314   -6.870  1.00 12.20 ? 149 VAL A CG2  1 
ATOM   1183 N  N    . ILE A 1 150 ? -3.960  1.475   -11.184 1.00 11.86 ? 150 ILE A N    1 
ATOM   1184 C  CA   . ILE A 1 150 ? -4.125  0.779   -12.459 1.00 12.37 ? 150 ILE A CA   1 
ATOM   1185 C  C    . ILE A 1 150 ? -3.627  1.634   -13.619 1.00 12.05 ? 150 ILE A C    1 
ATOM   1186 O  O    . ILE A 1 150 ? -2.962  1.128   -14.533 1.00 12.90 ? 150 ILE A O    1 
ATOM   1187 C  CB   . ILE A 1 150 ? -5.588  0.331   -12.644 1.00 13.13 ? 150 ILE A CB   1 
ATOM   1188 C  CG1  . ILE A 1 150 ? -5.929  -0.771  -11.642 1.00 13.93 ? 150 ILE A CG1  1 
ATOM   1189 C  CG2  . ILE A 1 150 ? -5.815  -0.140  -14.065 1.00 14.53 ? 150 ILE A CG2  1 
ATOM   1190 C  CD1  . ILE A 1 150 ? -7.394  -1.140  -11.616 1.00 15.46 ? 150 ILE A CD1  1 
ATOM   1191 N  N    . THR A 1 151 ? -3.917  2.937   -13.602 1.00 12.78 ? 151 THR A N    1 
ATOM   1192 C  CA   . THR A 1 151 ? -3.410  3.816   -14.654 1.00 13.41 ? 151 THR A CA   1 
ATOM   1193 C  C    . THR A 1 151 ? -1.887  3.831   -14.670 1.00 13.42 ? 151 THR A C    1 
ATOM   1194 O  O    . THR A 1 151 ? -1.263  3.899   -15.742 1.00 13.91 ? 151 THR A O    1 
ATOM   1195 C  CB   . THR A 1 151 ? -3.962  5.230   -14.464 1.00 14.52 ? 151 THR A CB   1 
ATOM   1196 O  OG1  . THR A 1 151 ? -5.370  5.235   -14.728 1.00 17.80 ? 151 THR A OG1  1 
ATOM   1197 C  CG2  . THR A 1 151 ? -3.266  6.237   -15.387 1.00 16.39 ? 151 THR A CG2  1 
ATOM   1198 N  N    . THR A 1 152 ? -1.274  3.755   -13.486 1.00 12.45 ? 152 THR A N    1 
ATOM   1199 C  CA   . THR A 1 152 ? 0.179   3.693   -13.398 1.00 12.88 ? 152 THR A CA   1 
ATOM   1200 C  C    . THR A 1 152 ? 0.712   2.410   -14.040 1.00 12.99 ? 152 THR A C    1 
ATOM   1201 O  O    . THR A 1 152 ? 1.688   2.444   -14.800 1.00 13.44 ? 152 THR A O    1 
ATOM   1202 C  CB   . THR A 1 152 ? 0.609   3.842   -11.931 1.00 12.56 ? 152 THR A CB   1 
ATOM   1203 O  OG1  . THR A 1 152 ? 0.000   5.015   -11.366 1.00 12.66 ? 152 THR A OG1  1 
ATOM   1204 C  CG2  . THR A 1 152 ? 2.112   3.991   -11.825 1.00 13.54 ? 152 THR A CG2  1 
ATOM   1205 N  N    . PHE A 1 153 ? 0.068   1.269   -13.767 1.00 12.86 ? 153 PHE A N    1 
ATOM   1206 C  CA   . PHE A 1 153 ? 0.438   0.031   -14.453 1.00 14.27 ? 153 PHE A CA   1 
ATOM   1207 C  C    . PHE A 1 153 ? 0.152   0.108   -15.953 1.00 14.42 ? 153 PHE A C    1 
ATOM   1208 O  O    . PHE A 1 153 ? 0.907   -0.450  -16.763 1.00 16.02 ? 153 PHE A O    1 
ATOM   1209 C  CB   . PHE A 1 153 ? -0.354  -1.144  -13.882 1.00 13.53 ? 153 PHE A CB   1 
ATOM   1210 C  CG   . PHE A 1 153 ? 0.220   -1.761  -12.630 1.00 13.44 ? 153 PHE A CG   1 
ATOM   1211 C  CD1  . PHE A 1 153 ? 1.531   -2.208  -12.571 1.00 13.99 ? 153 PHE A CD1  1 
ATOM   1212 C  CD2  . PHE A 1 153 ? -0.600  -1.949  -11.531 1.00 13.42 ? 153 PHE A CD2  1 
ATOM   1213 C  CE1  . PHE A 1 153 ? 2.018   -2.807  -11.419 1.00 15.29 ? 153 PHE A CE1  1 
ATOM   1214 C  CE2  . PHE A 1 153 ? -0.127  -2.544  -10.384 1.00 15.06 ? 153 PHE A CE2  1 
ATOM   1215 C  CZ   . PHE A 1 153 ? 1.185   -2.975  -10.324 1.00 14.56 ? 153 PHE A CZ   1 
ATOM   1216 N  N    . ARG A 1 154 ? -0.958  0.733   -16.345 1.00 13.58 ? 154 ARG A N    1 
ATOM   1217 C  CA   . ARG A 1 154 ? -1.311  0.741   -17.761 1.00 14.94 ? 154 ARG A CA   1 
ATOM   1218 C  C    . ARG A 1 154 ? -0.323  1.562   -18.576 1.00 13.51 ? 154 ARG A C    1 
ATOM   1219 O  O    . ARG A 1 154 ? 0.073   1.157   -19.680 1.00 15.66 ? 154 ARG A O    1 
ATOM   1220 C  CB   . ARG A 1 154 ? -2.735  1.263   -17.959 1.00 14.71 ? 154 ARG A CB   1 
ATOM   1221 C  CG   . ARG A 1 154 ? -3.217  1.142   -19.399 1.00 17.14 ? 154 ARG A CG   1 
ATOM   1222 C  CD   . ARG A 1 154 ? -4.662  1.571   -19.574 1.00 18.80 ? 154 ARG A CD   1 
ATOM   1223 N  NE   . ARG A 1 154 ? -4.939  2.906   -19.048 1.00 21.97 ? 154 ARG A NE   1 
ATOM   1224 C  CZ   . ARG A 1 154 ? -4.702  4.042   -19.699 1.00 24.02 ? 154 ARG A CZ   1 
ATOM   1225 N  NH1  . ARG A 1 154 ? -4.163  4.021   -20.912 1.00 25.20 ? 154 ARG A NH1  1 
ATOM   1226 N  NH2  . ARG A 1 154 ? -4.992  5.204   -19.130 1.00 28.32 ? 154 ARG A NH2  1 
ATOM   1227 N  N    . THR A 1 155 ? 0.095   2.715   -18.045 1.00 15.95 ? 155 THR A N    1 
ATOM   1228 C  CA   . THR A 1 155 ? 0.859   3.689   -18.813 1.00 16.11 ? 155 THR A CA   1 
ATOM   1229 C  C    . THR A 1 155 ? 2.340   3.746   -18.464 1.00 15.83 ? 155 THR A C    1 
ATOM   1230 O  O    . THR A 1 155 ? 3.126   4.222   -19.290 1.00 17.43 ? 155 THR A O    1 
ATOM   1231 C  CB   . THR A 1 155 ? 0.283   5.098   -18.617 1.00 14.86 ? 155 THR A CB   1 
ATOM   1232 O  OG1  . THR A 1 155 ? 0.515   5.514   -17.262 1.00 14.30 ? 155 THR A OG1  1 
ATOM   1233 C  CG2  . THR A 1 155 ? -1.213  5.126   -18.927 1.00 17.46 ? 155 THR A CG2  1 
ATOM   1234 N  N    . GLY A 1 156 ? 2.739   3.308   -17.271 1.00 15.55 ? 156 GLY A N    1 
ATOM   1235 C  CA   . GLY A 1 156 ? 4.112   3.507   -16.856 1.00 15.93 ? 156 GLY A CA   1 
ATOM   1236 C  C    . GLY A 1 156 ? 4.486   4.953   -16.643 1.00 14.30 ? 156 GLY A C    1 
ATOM   1237 O  O    . GLY A 1 156 ? 5.675   5.291   -16.684 1.00 15.11 ? 156 GLY A O    1 
ATOM   1238 N  N    . THR A 1 157 ? 3.498   5.822   -16.434 1.00 14.55 ? 157 THR A N    1 
ATOM   1239 C  CA   . THR A 1 157 ? 3.703   7.235   -16.157 1.00 13.83 ? 157 THR A CA   1 
ATOM   1240 C  C    . THR A 1 157 ? 3.072   7.581   -14.818 1.00 13.02 ? 157 THR A C    1 
ATOM   1241 O  O    . THR A 1 157 ? 2.290   6.812   -14.250 1.00 13.71 ? 157 THR A O    1 
ATOM   1242 C  CB   . THR A 1 157 ? 3.047   8.124   -17.222 1.00 14.59 ? 157 THR A CB   1 
ATOM   1243 O  OG1  . THR A 1 157 ? 1.625   8.155   -17.009 1.00 15.78 ? 157 THR A OG1  1 
ATOM   1244 C  CG2  . THR A 1 157 ? 3.370   7.641   -18.630 1.00 17.12 ? 157 THR A CG2  1 
ATOM   1245 N  N    . TRP A 1 158 ? 3.387   8.785   -14.349 1.00 13.26 ? 158 TRP A N    1 
ATOM   1246 C  CA   . TRP A 1 158 ? 2.793   9.348   -13.148 1.00 13.91 ? 158 TRP A CA   1 
ATOM   1247 C  C    . TRP A 1 158 ? 1.530   10.165  -13.432 1.00 14.34 ? 158 TRP A C    1 
ATOM   1248 O  O    . TRP A 1 158 ? 1.106   10.942  -12.568 1.00 14.62 ? 158 TRP A O    1 
ATOM   1249 C  CB   . TRP A 1 158 ? 3.828   10.214  -12.431 1.00 14.89 ? 158 TRP A CB   1 
ATOM   1250 C  CG   . TRP A 1 158 ? 4.928   9.422   -11.818 1.00 13.21 ? 158 TRP A CG   1 
ATOM   1251 C  CD1  . TRP A 1 158 ? 6.249   9.430   -12.164 1.00 14.85 ? 158 TRP A CD1  1 
ATOM   1252 C  CD2  . TRP A 1 158 ? 4.804   8.510   -10.726 1.00 12.71 ? 158 TRP A CD2  1 
ATOM   1253 N  NE1  . TRP A 1 158 ? 6.957   8.573   -11.355 1.00 15.13 ? 158 TRP A NE1  1 
ATOM   1254 C  CE2  . TRP A 1 158 ? 6.090   7.993   -10.465 1.00 13.90 ? 158 TRP A CE2  1 
ATOM   1255 C  CE3  . TRP A 1 158 ? 3.732   8.076   -9.945  1.00 13.13 ? 158 TRP A CE3  1 
ATOM   1256 C  CZ2  . TRP A 1 158 ? 6.330   7.071   -9.448  1.00 14.59 ? 158 TRP A CZ2  1 
ATOM   1257 C  CZ3  . TRP A 1 158 ? 3.973   7.165   -8.936  1.00 14.85 ? 158 TRP A CZ3  1 
ATOM   1258 C  CH2  . TRP A 1 158 ? 5.262   6.672   -8.695  1.00 14.64 ? 158 TRP A CH2  1 
ATOM   1259 N  N    . ASP A 1 159 ? 0.909   9.989   -14.605 1.00 14.70 ? 159 ASP A N    1 
ATOM   1260 C  CA   . ASP A 1 159 ? -0.168  10.888  -15.023 1.00 15.23 ? 159 ASP A CA   1 
ATOM   1261 C  C    . ASP A 1 159 ? -1.326  10.916  -14.029 1.00 15.68 ? 159 ASP A C    1 
ATOM   1262 O  O    . ASP A 1 159 ? -1.957  11.963  -13.837 1.00 16.16 ? 159 ASP A O    1 
ATOM   1263 C  CB   . ASP A 1 159 ? -0.671  10.518  -16.418 1.00 18.10 ? 159 ASP A CB   1 
ATOM   1264 C  CG   . ASP A 1 159 ? 0.297   10.916  -17.518 1.00 18.75 ? 159 ASP A CG   1 
ATOM   1265 O  OD1  . ASP A 1 159 ? 1.322   11.561  -17.222 1.00 23.84 ? 159 ASP A OD1  1 
ATOM   1266 O  OD2  . ASP A 1 159 ? 0.014   10.594  -18.693 1.00 25.09 ? 159 ASP A OD2  1 
ATOM   1267 N  N    . ALA A 1 160 ? -1.635  9.780   -13.395 1.00 14.65 ? 160 ALA A N    1 
ATOM   1268 C  CA   . ALA A 1 160 ? -2.768  9.746   -12.472 1.00 15.10 ? 160 ALA A CA   1 
ATOM   1269 C  C    . ALA A 1 160 ? -2.505  10.516  -11.187 1.00 16.92 ? 160 ALA A C    1 
ATOM   1270 O  O    . ALA A 1 160 ? -3.460  10.892  -10.496 1.00 19.91 ? 160 ALA A O    1 
ATOM   1271 C  CB   . ALA A 1 160 ? -3.156  8.305   -12.138 1.00 16.40 ? 160 ALA A CB   1 
ATOM   1272 N  N    . TYR A 1 161 ? -1.243  10.749  -10.844 1.00 14.39 ? 161 TYR A N    1 
ATOM   1273 C  CA   . TYR A 1 161 ? -0.869  11.442  -9.619  1.00 15.73 ? 161 TYR A CA   1 
ATOM   1274 C  C    . TYR A 1 161 ? -0.496  12.895  -9.856  1.00 18.19 ? 161 TYR A C    1 
ATOM   1275 O  O    . TYR A 1 161 ? -0.374  13.655  -8.888  1.00 26.10 ? 161 TYR A O    1 
ATOM   1276 C  CB   . TYR A 1 161 ? 0.281   10.702  -8.925  1.00 14.82 ? 161 TYR A CB   1 
ATOM   1277 C  CG   . TYR A 1 161 ? -0.190  9.398   -8.334  1.00 13.72 ? 161 TYR A CG   1 
ATOM   1278 C  CD1  . TYR A 1 161 ? -0.234  8.246   -9.109  1.00 13.27 ? 161 TYR A CD1  1 
ATOM   1279 C  CD2  . TYR A 1 161 ? -0.638  9.325   -7.014  1.00 12.87 ? 161 TYR A CD2  1 
ATOM   1280 C  CE1  . TYR A 1 161 ? -0.698  7.061   -8.597  1.00 11.77 ? 161 TYR A CE1  1 
ATOM   1281 C  CE2  . TYR A 1 161 ? -1.100  8.142   -6.487  1.00 12.37 ? 161 TYR A CE2  1 
ATOM   1282 C  CZ   . TYR A 1 161 ? -1.131  7.008   -7.288  1.00 12.05 ? 161 TYR A CZ   1 
ATOM   1283 O  OH   . TYR A 1 161 ? -1.587  5.816   -6.795  1.00 12.77 ? 161 TYR A OH   1 
ATOM   1284 N  N    . LYS A 1 162 ? -0.308  13.295  -11.109 1.00 20.41 ? 162 LYS A N    1 
ATOM   1285 C  CA   . LYS A 1 162 ? -0.092  14.693  -11.447 1.00 24.29 ? 162 LYS A CA   1 
ATOM   1286 C  C    . LYS A 1 162 ? -1.431  15.344  -11.768 1.00 26.52 ? 162 LYS A C    1 
ATOM   1287 O  O    . LYS A 1 162 ? -1.777  16.387  -11.213 1.00 31.31 ? 162 LYS A O    1 
ATOM   1288 C  CB   . LYS A 1 162 ? 0.846   14.808  -12.650 1.00 26.76 ? 162 LYS A CB   1 
HETATM 1289 C  C01  . YGV B 2 .   ? -0.314  -7.298  -7.312  0.45 25.36 ? 201 YGV A C01  1 
HETATM 1290 C  C03  . YGV B 2 .   ? 2.577   -6.789  -7.662  0.45 18.44 ? 201 YGV A C03  1 
HETATM 1291 C  C04  . YGV B 2 .   ? 3.007   -7.214  -6.416  0.45 20.21 ? 201 YGV A C04  1 
HETATM 1292 C  C05  . YGV B 2 .   ? 4.273   -7.753  -6.271  0.45 18.31 ? 201 YGV A C05  1 
HETATM 1293 C  C06  . YGV B 2 .   ? 5.114   -7.873  -7.365  0.45 19.93 ? 201 YGV A C06  1 
HETATM 1294 C  C07  . YGV B 2 .   ? 4.689   -7.449  -8.610  0.45 15.96 ? 201 YGV A C07  1 
HETATM 1295 C  C08  . YGV B 2 .   ? 3.425   -6.909  -8.752  0.45 18.87 ? 201 YGV A C08  1 
HETATM 1296 S  S02  . YGV B 2 .   ? 0.918   -6.077  -7.847  0.45 20.65 ? 201 YGV A S02  1 
HETATM 1297 CL CL09 . YGV B 2 .   ? 2.906   -6.366  -10.362 0.45 21.35 ? 201 YGV A CL09 1 
HETATM 1298 C  C    . TRS C 3 .   ? -3.849  0.510   4.906   1.00 16.41 ? 202 TRS A C    1 
HETATM 1299 C  C1   . TRS C 3 .   ? -4.581  -0.785  4.558   1.00 18.87 ? 202 TRS A C1   1 
HETATM 1300 C  C2   . TRS C 3 .   ? -2.801  0.834   3.849   1.00 17.76 ? 202 TRS A C2   1 
HETATM 1301 C  C3   . TRS C 3 .   ? -4.885  1.624   5.021   1.00 18.17 ? 202 TRS A C3   1 
HETATM 1302 N  N    . TRS C 3 .   ? -3.122  0.382   6.156   1.00 16.84 ? 202 TRS A N    1 
HETATM 1303 O  O1   . TRS C 3 .   ? -3.671  -1.840  4.679   1.00 21.99 ? 202 TRS A O1   1 
HETATM 1304 O  O2   . TRS C 3 .   ? -3.459  1.053   2.640   1.00 16.20 ? 202 TRS A O2   1 
HETATM 1305 O  O3   . TRS C 3 .   ? -4.262  2.804   5.439   1.00 19.10 ? 202 TRS A O3   1 
HETATM 1306 O  O    . HOH D 4 .   ? -11.823 2.135   -14.378 1.00 27.41 ? 301 HOH A O    1 
HETATM 1307 O  O    . HOH D 4 .   ? 10.916  13.086  9.195   1.00 29.10 ? 302 HOH A O    1 
HETATM 1308 O  O    . HOH D 4 .   ? 0.312   -3.745  14.708  1.00 20.44 ? 303 HOH A O    1 
HETATM 1309 O  O    . HOH D 4 .   ? -5.015  0.245   8.032   1.00 18.65 ? 304 HOH A O    1 
HETATM 1310 O  O    . HOH D 4 .   ? 1.075   -2.079  10.183  1.00 28.33 ? 305 HOH A O    1 
HETATM 1311 O  O    . HOH D 4 .   ? 11.699  -11.531 -13.947 1.00 24.55 ? 306 HOH A O    1 
HETATM 1312 O  O    . HOH D 4 .   ? -8.761  3.596   24.929  1.00 28.48 ? 307 HOH A O    1 
HETATM 1313 O  O    . HOH D 4 .   ? 9.948   9.084   18.955  1.00 22.99 ? 308 HOH A O    1 
HETATM 1314 O  O    . HOH D 4 .   ? 0.247   -1.544  26.204  1.00 26.56 ? 309 HOH A O    1 
HETATM 1315 O  O    . HOH D 4 .   ? -13.889 -4.508  6.424   1.00 31.15 ? 310 HOH A O    1 
HETATM 1316 O  O    . HOH D 4 .   ? -9.258  -2.163  14.174  1.00 17.75 ? 311 HOH A O    1 
HETATM 1317 O  O    . HOH D 4 .   ? 2.876   13.486  -1.957  1.00 25.39 ? 312 HOH A O    1 
HETATM 1318 O  O    . HOH D 4 .   ? -15.919 2.103   -0.273  1.00 18.65 ? 313 HOH A O    1 
HETATM 1319 O  O    . HOH D 4 .   ? 11.786  2.107   14.949  1.00 15.92 ? 314 HOH A O    1 
HETATM 1320 O  O    . HOH D 4 .   ? 8.980   13.642  17.297  1.00 26.63 ? 315 HOH A O    1 
HETATM 1321 O  O    . HOH D 4 .   ? -4.700  6.216   5.246   1.00 16.18 ? 316 HOH A O    1 
HETATM 1322 O  O    . HOH D 4 .   ? 13.305  -2.249  -5.860  1.00 28.14 ? 317 HOH A O    1 
HETATM 1323 O  O    . HOH D 4 .   ? -14.294 6.034   -9.095  1.00 23.66 ? 318 HOH A O    1 
HETATM 1324 O  O    . HOH D 4 .   ? 2.665   5.332   -21.714 1.00 23.30 ? 319 HOH A O    1 
HETATM 1325 O  O    . HOH D 4 .   ? -6.128  10.872  -10.974 1.00 20.98 ? 320 HOH A O    1 
HETATM 1326 O  O    . HOH D 4 .   ? -12.104 -11.395 -10.643 1.00 17.96 ? 321 HOH A O    1 
HETATM 1327 O  O    . HOH D 4 .   ? -3.374  2.176   -22.817 1.00 26.14 ? 322 HOH A O    1 
HETATM 1328 O  O    . HOH D 4 .   ? 7.928   3.579   -17.064 1.00 18.62 ? 323 HOH A O    1 
HETATM 1329 O  O    . HOH D 4 .   ? -1.081  4.735   22.295  1.00 18.70 ? 324 HOH A O    1 
HETATM 1330 O  O    . HOH D 4 .   ? 2.014   -1.532  14.396  1.00 25.39 ? 325 HOH A O    1 
HETATM 1331 O  O    . HOH D 4 .   ? 6.678   -6.578  -16.843 1.00 16.10 ? 326 HOH A O    1 
HETATM 1332 O  O    . HOH D 4 .   ? -15.367 2.304   17.335  1.00 32.70 ? 327 HOH A O    1 
HETATM 1333 O  O    . HOH D 4 .   ? 2.970   4.269   7.450   1.00 12.95 ? 328 HOH A O    1 
HETATM 1334 O  O    . HOH D 4 .   ? -18.874 -1.277  -6.799  1.00 20.52 ? 329 HOH A O    1 
HETATM 1335 O  O    . HOH D 4 .   ? 0.855   15.385  17.230  1.00 24.86 ? 330 HOH A O    1 
HETATM 1336 O  O    . HOH D 4 .   ? -0.103  7.360   -13.003 1.00 16.71 ? 331 HOH A O    1 
HETATM 1337 O  O    . HOH D 4 .   ? -6.737  7.399   -1.581  1.00 20.01 ? 332 HOH A O    1 
HETATM 1338 O  O    . HOH D 4 .   ? -12.054 -1.209  14.499  1.00 27.41 ? 333 HOH A O    1 
HETATM 1339 O  O    . HOH D 4 .   ? -14.815 -0.053  12.785  1.00 23.37 ? 334 HOH A O    1 
HETATM 1340 O  O    . HOH D 4 .   ? 0.852   1.331   -22.323 1.00 18.00 ? 335 HOH A O    1 
HETATM 1341 O  O    . HOH D 4 .   ? 9.925   9.516   -11.172 1.00 22.49 ? 336 HOH A O    1 
HETATM 1342 O  O    . HOH D 4 .   ? -17.064 1.089   -6.673  1.00 19.60 ? 337 HOH A O    1 
HETATM 1343 O  O    . HOH D 4 .   ? -3.630  12.759  0.547   1.00 26.48 ? 338 HOH A O    1 
HETATM 1344 O  O    . HOH D 4 .   ? -6.295  2.386   -16.685 1.00 25.04 ? 339 HOH A O    1 
HETATM 1345 O  O    . HOH D 4 .   ? 5.853   -2.552  9.096   1.00 33.67 ? 340 HOH A O    1 
HETATM 1346 O  O    . HOH D 4 .   ? 15.389  -11.703 -3.030  1.00 31.02 ? 341 HOH A O    1 
HETATM 1347 O  O    . HOH D 4 .   ? -7.933  -8.594  -19.560 1.00 18.86 ? 342 HOH A O    1 
HETATM 1348 O  O    . HOH D 4 .   ? 11.242  10.585  10.533  1.00 19.50 ? 343 HOH A O    1 
HETATM 1349 O  O    . HOH D 4 .   ? 8.412   16.049  9.637   1.00 31.96 ? 344 HOH A O    1 
HETATM 1350 O  O    . HOH D 4 .   ? 5.405   9.806   25.480  1.00 22.42 ? 345 HOH A O    1 
HETATM 1351 O  O    . HOH D 4 .   ? -9.078  10.396  14.365  1.00 27.31 ? 346 HOH A O    1 
HETATM 1352 O  O    . HOH D 4 .   ? -3.036  -0.155  -4.091  1.00 12.86 ? 347 HOH A O    1 
HETATM 1353 O  O    . HOH D 4 .   ? -15.445 -0.481  2.006   1.00 21.51 ? 348 HOH A O    1 
HETATM 1354 O  O    . HOH D 4 .   ? 7.779   7.097   -17.074 1.00 22.96 ? 349 HOH A O    1 
HETATM 1355 O  O    . HOH D 4 .   ? -5.957  -13.188 -10.842 1.00 21.46 ? 350 HOH A O    1 
HETATM 1356 O  O    . HOH D 4 .   ? -7.414  -2.595  5.772   1.00 27.53 ? 351 HOH A O    1 
HETATM 1357 O  O    . HOH D 4 .   ? -7.266  3.621   -0.527  1.00 25.97 ? 352 HOH A O    1 
HETATM 1358 O  O    . HOH D 4 .   ? 8.452   -7.630  5.080   1.00 30.07 ? 353 HOH A O    1 
HETATM 1359 O  O    . HOH D 4 .   ? -5.547  -2.847  -26.024 1.00 31.32 ? 354 HOH A O    1 
HETATM 1360 O  O    . HOH D 4 .   ? 12.192  11.622  -6.000  1.00 19.96 ? 355 HOH A O    1 
HETATM 1361 O  O    . HOH D 4 .   ? -9.201  -0.983  -15.741 1.00 19.54 ? 356 HOH A O    1 
HETATM 1362 O  O    . HOH D 4 .   ? -13.495 -7.966  -19.998 1.00 29.48 ? 357 HOH A O    1 
HETATM 1363 O  O    . HOH D 4 .   ? 2.865   6.397   9.253   1.00 12.26 ? 358 HOH A O    1 
HETATM 1364 O  O    . HOH D 4 .   ? 10.127  6.462   17.635  1.00 26.25 ? 359 HOH A O    1 
HETATM 1365 O  O    . HOH D 4 .   ? 9.401   8.672   5.304   1.00 18.20 ? 360 HOH A O    1 
HETATM 1366 O  O    . HOH D 4 .   ? -12.607 -0.074  21.901  1.00 30.78 ? 361 HOH A O    1 
HETATM 1367 O  O    . HOH D 4 .   ? 8.296   0.300   14.652  1.00 14.48 ? 362 HOH A O    1 
HETATM 1368 O  O    . HOH D 4 .   ? 9.582   3.748   15.730  1.00 20.64 ? 363 HOH A O    1 
HETATM 1369 O  O    . HOH D 4 .   ? -12.457 -4.423  -15.940 1.00 20.58 ? 364 HOH A O    1 
HETATM 1370 O  O    . HOH D 4 .   ? -3.732  9.450   6.969   1.00 17.47 ? 365 HOH A O    1 
HETATM 1371 O  O    . HOH D 4 .   ? -8.778  7.978   -9.789  1.00 18.22 ? 366 HOH A O    1 
HETATM 1372 O  O    . HOH D 4 .   ? 6.640   0.479   10.972  1.00 19.07 ? 367 HOH A O    1 
HETATM 1373 O  O    . HOH D 4 .   ? -15.220 -5.442  -10.663 1.00 23.75 ? 368 HOH A O    1 
HETATM 1374 O  O    . HOH D 4 .   ? 9.406   -1.376  20.856  1.00 14.38 ? 369 HOH A O    1 
HETATM 1375 O  O    . HOH D 4 .   ? 4.072   -2.752  4.740   1.00 27.71 ? 370 HOH A O    1 
HETATM 1376 O  O    . HOH D 4 .   ? 11.268  -2.063  7.460   1.00 23.85 ? 371 HOH A O    1 
HETATM 1377 O  O    . HOH D 4 .   ? 1.961   11.466  22.284  1.00 20.04 ? 372 HOH A O    1 
HETATM 1378 O  O    . HOH D 4 .   ? -9.109  10.123  -4.361  1.00 31.79 ? 373 HOH A O    1 
HETATM 1379 O  O    . HOH D 4 .   ? -15.913 -0.203  5.827   1.00 19.50 ? 374 HOH A O    1 
HETATM 1380 O  O    . HOH D 4 .   ? -3.535  14.967  12.131  1.00 23.72 ? 375 HOH A O    1 
HETATM 1381 O  O    . HOH D 4 .   ? -10.029 -1.838  -1.422  1.00 19.82 ? 376 HOH A O    1 
HETATM 1382 O  O    . HOH D 4 .   ? -3.845  -18.829 -13.240 1.00 28.19 ? 377 HOH A O    1 
HETATM 1383 O  O    . HOH D 4 .   ? -5.003  -7.561  14.066  1.00 25.04 ? 378 HOH A O    1 
HETATM 1384 O  O    . HOH D 4 .   ? 6.629   6.977   27.505  1.00 25.58 ? 379 HOH A O    1 
HETATM 1385 O  O    . HOH D 4 .   ? -7.599  3.353   -14.387 1.00 20.07 ? 380 HOH A O    1 
HETATM 1386 O  O    . HOH D 4 .   ? 4.377   16.980  14.459  1.00 26.93 ? 381 HOH A O    1 
HETATM 1387 O  O    . HOH D 4 .   ? -7.675  10.270  -8.840  1.00 16.65 ? 382 HOH A O    1 
HETATM 1388 O  O    . HOH D 4 .   ? -10.258 6.208   6.179   1.00 30.51 ? 383 HOH A O    1 
HETATM 1389 O  O    . HOH D 4 .   ? 7.506   16.076  14.003  1.00 22.90 ? 384 HOH A O    1 
HETATM 1390 O  O    . HOH D 4 .   ? -10.616 -0.395  24.270  1.00 26.82 ? 385 HOH A O    1 
HETATM 1391 O  O    . HOH D 4 .   ? 5.501   10.255  -15.819 1.00 19.20 ? 386 HOH A O    1 
HETATM 1392 O  O    . HOH D 4 .   ? -7.232  -1.187  -20.252 1.00 23.71 ? 387 HOH A O    1 
HETATM 1393 O  O    . HOH D 4 .   ? 10.893  -17.083 -8.292  1.00 34.23 ? 388 HOH A O    1 
HETATM 1394 O  O    . HOH D 4 .   ? -0.892  -0.357  -23.679 1.00 19.99 ? 389 HOH A O    1 
HETATM 1395 O  O    . HOH D 4 .   ? -4.502  -3.260  25.358  1.00 30.35 ? 390 HOH A O    1 
HETATM 1396 O  O    . HOH D 4 .   ? -13.959 -11.766 -16.691 1.00 31.62 ? 391 HOH A O    1 
HETATM 1397 O  O    . HOH D 4 .   ? -4.532  13.597  5.018   1.00 26.68 ? 392 HOH A O    1 
HETATM 1398 O  O    . HOH D 4 .   ? -10.091 -6.526  -0.817  1.00 26.49 ? 393 HOH A O    1 
HETATM 1399 O  O    . HOH D 4 .   ? 4.602   13.542  4.887   1.00 30.50 ? 394 HOH A O    1 
HETATM 1400 O  O    . HOH D 4 .   ? -8.003  -1.059  1.815   1.00 29.18 ? 395 HOH A O    1 
HETATM 1401 O  O    . HOH D 4 .   ? -7.946  -8.776  -2.418  1.00 28.12 ? 396 HOH A O    1 
HETATM 1402 O  O    . HOH D 4 .   ? -9.631  -10.010 -17.606 1.00 13.74 ? 397 HOH A O    1 
HETATM 1403 O  O    . HOH D 4 .   ? -3.609  0.593   25.911  1.00 30.26 ? 398 HOH A O    1 
HETATM 1404 O  O    . HOH D 4 .   ? 2.791   13.373  20.289  1.00 25.35 ? 399 HOH A O    1 
HETATM 1405 O  O    . HOH D 4 .   ? -6.545  9.278   6.264   1.00 31.69 ? 400 HOH A O    1 
HETATM 1406 O  O    . HOH D 4 .   ? 5.288   13.958  21.470  1.00 30.42 ? 401 HOH A O    1 
HETATM 1407 O  O    . HOH D 4 .   ? -7.849  -4.945  -22.914 1.00 27.95 ? 402 HOH A O    1 
HETATM 1408 O  O    . HOH D 4 .   ? -1.051  -3.688  6.579   1.00 32.39 ? 403 HOH A O    1 
HETATM 1409 O  O    . HOH D 4 .   ? -6.919  8.056   -11.957 1.00 26.80 ? 404 HOH A O    1 
HETATM 1410 O  O    . HOH D 4 .   ? -14.585 -3.893  -14.054 1.00 32.99 ? 405 HOH A O    1 
HETATM 1411 O  O    . HOH D 4 .   ? -15.369 -8.619  -10.145 1.00 12.52 ? 406 HOH A O    1 
HETATM 1412 O  O    . HOH D 4 .   ? -6.880  11.441  -2.619  1.00 34.63 ? 407 HOH A O    1 
HETATM 1413 O  O    . HOH D 4 .   ? -8.070  0.357   -17.937 1.00 25.86 ? 408 HOH A O    1 
HETATM 1414 O  O    . HOH D 4 .   ? 12.947  9.976   12.695  1.00 20.01 ? 409 HOH A O    1 
HETATM 1415 O  O    . HOH D 4 .   ? -8.587  -4.179  -0.836  1.00 30.09 ? 410 HOH A O    1 
HETATM 1416 O  O    . HOH D 4 .   ? -9.289  1.224   -14.036 1.00 23.04 ? 411 HOH A O    1 
HETATM 1417 O  O    . HOH D 4 .   ? 1.543   15.677  19.778  1.00 24.86 ? 412 HOH A O    1 
HETATM 1418 O  O    . HOH D 4 .   ? -11.712 -1.815  -16.614 1.00 26.71 ? 413 HOH A O    1 
HETATM 1419 O  O    . HOH D 4 .   ? 5.692   11.840  2.870   1.00 30.35 ? 414 HOH A O    1 
HETATM 1420 O  O    . HOH D 4 .   ? -9.039  -7.364  -21.760 1.00 26.30 ? 415 HOH A O    1 
HETATM 1421 O  O    . HOH D 4 .   ? -1.681  16.127  16.780  1.00 31.13 ? 416 HOH A O    1 
# 
loop_
_pdbx_poly_seq_scheme.asym_id 
_pdbx_poly_seq_scheme.entity_id 
_pdbx_poly_seq_scheme.seq_id 
_pdbx_poly_seq_scheme.mon_id 
_pdbx_poly_seq_scheme.ndb_seq_num 
_pdbx_poly_seq_scheme.pdb_seq_num 
_pdbx_poly_seq_scheme.auth_seq_num 
_pdbx_poly_seq_scheme.pdb_mon_id 
_pdbx_poly_seq_scheme.auth_mon_id 
_pdbx_poly_seq_scheme.pdb_strand_id 
_pdbx_poly_seq_scheme.pdb_ins_code 
_pdbx_poly_seq_scheme.hetero 
A 1 1   MET 1   1   1   MET MET A . n 
A 1 2   ASN 2   2   2   ASN ASN A . n 
A 1 3   ILE 3   3   3   ILE ILE A . n 
A 1 4   PHE 4   4   4   PHE PHE A . n 
A 1 5   GLU 5   5   5   GLU GLU A . n 
A 1 6   MET 6   6   6   MET MET A . n 
A 1 7   LEU 7   7   7   LEU LEU A . n 
A 1 8   ARG 8   8   8   ARG ARG A . n 
A 1 9   ILE 9   9   9   ILE ILE A . n 
A 1 10  ASP 10  10  10  ASP ASP A . n 
A 1 11  GLU 11  11  11  GLU GLU A . n 
A 1 12  GLY 12  12  12  GLY GLY A . n 
A 1 13  LEU 13  13  13  LEU LEU A . n 
A 1 14  ARG 14  14  14  ARG ARG A . n 
A 1 15  LEU 15  15  15  LEU LEU A . n 
A 1 16  LYS 16  16  16  LYS LYS A . n 
A 1 17  ILE 17  17  17  ILE ILE A . n 
A 1 18  TYR 18  18  18  TYR TYR A . n 
A 1 19  LYS 19  19  19  LYS LYS A . n 
A 1 20  ASP 20  20  20  ASP ASP A . n 
A 1 21  THR 21  21  21  THR THR A . n 
A 1 22  GLU 22  22  22  GLU GLU A . n 
A 1 23  GLY 23  23  23  GLY GLY A . n 
A 1 24  TYR 24  24  24  TYR TYR A . n 
A 1 25  TYR 25  25  25  TYR TYR A . n 
A 1 26  THR 26  26  26  THR THR A . n 
A 1 27  ILE 27  27  27  ILE ILE A . n 
A 1 28  GLY 28  28  28  GLY GLY A . n 
A 1 29  ILE 29  29  29  ILE ILE A . n 
A 1 30  GLY 30  30  30  GLY GLY A . n 
A 1 31  HIS 31  31  31  HIS HIS A . n 
A 1 32  LEU 32  32  32  LEU LEU A . n 
A 1 33  LEU 33  33  33  LEU LEU A . n 
A 1 34  THR 34  34  34  THR THR A . n 
A 1 35  LYS 35  35  35  LYS LYS A . n 
A 1 36  SER 36  36  36  SER SER A . n 
A 1 37  PRO 37  37  37  PRO PRO A . n 
A 1 38  SER 38  38  38  SER SER A . n 
A 1 39  LEU 39  39  39  LEU LEU A . n 
A 1 40  ASN 40  40  40  ASN ASN A . n 
A 1 41  ALA 41  41  41  ALA ALA A . n 
A 1 42  ALA 42  42  42  ALA ALA A . n 
A 1 43  LYS 43  43  43  LYS LYS A . n 
A 1 44  SER 44  44  44  SER SER A . n 
A 1 45  GLU 45  45  45  GLU GLU A . n 
A 1 46  LEU 46  46  46  LEU LEU A . n 
A 1 47  ASP 47  47  47  ASP ASP A . n 
A 1 48  LYS 48  48  48  LYS LYS A . n 
A 1 49  ALA 49  49  49  ALA ALA A . n 
A 1 50  ILE 50  50  50  ILE ILE A . n 
A 1 51  GLY 51  51  51  GLY GLY A . n 
A 1 52  ARG 52  52  52  ARG ARG A . n 
A 1 53  ASN 53  53  53  ASN ASN A . n 
A 1 54  CYS 54  54  54  CYS CYS A . n 
A 1 55  ASN 55  55  55  ASN ASN A . n 
A 1 56  GLY 56  56  56  GLY GLY A . n 
A 1 57  VAL 57  57  57  VAL VAL A . n 
A 1 58  ILE 58  58  58  ILE ILE A . n 
A 1 59  THR 59  59  59  THR THR A . n 
A 1 60  LYS 60  60  60  LYS LYS A . n 
A 1 61  ASP 61  61  61  ASP ASP A . n 
A 1 62  GLU 62  62  62  GLU GLU A . n 
A 1 63  ALA 63  63  63  ALA ALA A . n 
A 1 64  GLU 64  64  64  GLU GLU A . n 
A 1 65  LYS 65  65  65  LYS LYS A . n 
A 1 66  LEU 66  66  66  LEU LEU A . n 
A 1 67  PHE 67  67  67  PHE PHE A . n 
A 1 68  ASN 68  68  68  ASN ASN A . n 
A 1 69  GLN 69  69  69  GLN GLN A . n 
A 1 70  ASP 70  70  70  ASP ASP A . n 
A 1 71  VAL 71  71  71  VAL VAL A . n 
A 1 72  ASP 72  72  72  ASP ASP A . n 
A 1 73  ALA 73  73  73  ALA ALA A . n 
A 1 74  ALA 74  74  74  ALA ALA A . n 
A 1 75  VAL 75  75  75  VAL VAL A . n 
A 1 76  ARG 76  76  76  ARG ARG A . n 
A 1 77  GLY 77  77  77  GLY GLY A . n 
A 1 78  ILE 78  78  78  ILE ILE A . n 
A 1 79  LEU 79  79  79  LEU LEU A . n 
A 1 80  ARG 80  80  80  ARG ARG A . n 
A 1 81  ASN 81  81  81  ASN ASN A . n 
A 1 82  ALA 82  82  82  ALA ALA A . n 
A 1 83  LYS 83  83  83  LYS LYS A . n 
A 1 84  LEU 84  84  84  LEU LEU A . n 
A 1 85  LYS 85  85  85  LYS LYS A . n 
A 1 86  PRO 86  86  86  PRO PRO A . n 
A 1 87  VAL 87  87  87  VAL VAL A . n 
A 1 88  TYR 88  88  88  TYR TYR A . n 
A 1 89  ASP 89  89  89  ASP ASP A . n 
A 1 90  SER 90  90  90  SER SER A . n 
A 1 91  LEU 91  91  91  LEU LEU A . n 
A 1 92  ASP 92  92  92  ASP ASP A . n 
A 1 93  ALA 93  93  93  ALA ALA A . n 
A 1 94  VAL 94  94  94  VAL VAL A . n 
A 1 95  ARG 95  95  95  ARG ARG A . n 
A 1 96  ARG 96  96  96  ARG ARG A . n 
A 1 97  CYS 97  97  97  CYS CYS A . n 
A 1 98  ALA 98  98  98  ALA ALA A . n 
A 1 99  ALA 99  99  99  ALA ALA A . n 
A 1 100 ILE 100 100 100 ILE ILE A . n 
A 1 101 ASN 101 101 101 ASN ASN A . n 
A 1 102 MET 102 102 102 MET MET A . n 
A 1 103 VAL 103 103 103 VAL VAL A . n 
A 1 104 PHE 104 104 104 PHE PHE A . n 
A 1 105 GLN 105 105 105 GLN GLN A . n 
A 1 106 MET 106 106 106 MET MET A . n 
A 1 107 GLY 107 107 107 GLY GLY A . n 
A 1 108 GLU 108 108 108 GLU GLU A . n 
A 1 109 THR 109 109 109 THR THR A . n 
A 1 110 GLY 110 110 110 GLY GLY A . n 
A 1 111 VAL 111 111 ?   ?   ?   A . n 
A 1 112 ALA 112 112 112 ALA ALA A . n 
A 1 113 GLY 113 113 113 GLY GLY A . n 
A 1 114 PHE 114 114 114 PHE PHE A . n 
A 1 115 THR 115 115 115 THR THR A . n 
A 1 116 ASN 116 116 116 ASN ASN A . n 
A 1 117 SER 117 117 117 SER SER A . n 
A 1 118 LEU 118 118 118 LEU LEU A . n 
A 1 119 ARG 119 119 119 ARG ARG A . n 
A 1 120 MET 120 120 120 MET MET A . n 
A 1 121 LEU 121 121 121 LEU LEU A . n 
A 1 122 GLN 122 122 122 GLN GLN A . n 
A 1 123 GLN 123 123 123 GLN GLN A . n 
A 1 124 LYS 124 124 124 LYS LYS A . n 
A 1 125 ARG 125 125 125 ARG ARG A . n 
A 1 126 TRP 126 126 126 TRP TRP A . n 
A 1 127 ASP 127 127 127 ASP ASP A . n 
A 1 128 GLU 128 128 128 GLU GLU A . n 
A 1 129 ALA 129 129 129 ALA ALA A . n 
A 1 130 ALA 130 130 130 ALA ALA A . n 
A 1 131 VAL 131 131 131 VAL VAL A . n 
A 1 132 ASN 132 132 132 ASN ASN A . n 
A 1 133 LEU 133 133 133 LEU LEU A . n 
A 1 134 ALA 134 134 134 ALA ALA A . n 
A 1 135 LYS 135 135 135 LYS LYS A . n 
A 1 136 SER 136 136 136 SER SER A . n 
A 1 137 ARG 137 137 137 ARG ARG A . n 
A 1 138 TRP 138 138 138 TRP TRP A . n 
A 1 139 TYR 139 139 139 TYR TYR A . n 
A 1 140 ASN 140 140 140 ASN ASN A . n 
A 1 141 GLN 141 141 141 GLN GLN A . n 
A 1 142 THR 142 142 142 THR THR A . n 
A 1 143 PRO 143 143 143 PRO PRO A . n 
A 1 144 ASN 144 144 144 ASN ASN A . n 
A 1 145 ARG 145 145 145 ARG ARG A . n 
A 1 146 ALA 146 146 146 ALA ALA A . n 
A 1 147 LYS 147 147 147 LYS LYS A . n 
A 1 148 ARG 148 148 148 ARG ARG A . n 
A 1 149 VAL 149 149 149 VAL VAL A . n 
A 1 150 ILE 150 150 150 ILE ILE A . n 
A 1 151 THR 151 151 151 THR THR A . n 
A 1 152 THR 152 152 152 THR THR A . n 
A 1 153 PHE 153 153 153 PHE PHE A . n 
A 1 154 ARG 154 154 154 ARG ARG A . n 
A 1 155 THR 155 155 155 THR THR A . n 
A 1 156 GLY 156 156 156 GLY GLY A . n 
A 1 157 THR 157 157 157 THR THR A . n 
A 1 158 TRP 158 158 158 TRP TRP A . n 
A 1 159 ASP 159 159 159 ASP ASP A . n 
A 1 160 ALA 160 160 160 ALA ALA A . n 
A 1 161 TYR 161 161 161 TYR TYR A . n 
A 1 162 LYS 162 162 162 LYS LYS A . n 
A 1 163 ASN 163 163 ?   ?   ?   A . n 
A 1 164 LEU 164 164 ?   ?   ?   A . n 
A 1 165 LEU 165 165 ?   ?   ?   A . n 
A 1 166 GLU 166 166 ?   ?   ?   A . n 
A 1 167 HIS 167 167 ?   ?   ?   A . n 
A 1 168 HIS 168 168 ?   ?   ?   A . n 
A 1 169 HIS 169 169 ?   ?   ?   A . n 
A 1 170 HIS 170 170 ?   ?   ?   A . n 
A 1 171 HIS 171 171 ?   ?   ?   A . n 
A 1 172 HIS 172 172 ?   ?   ?   A . n 
# 
loop_
_pdbx_nonpoly_scheme.asym_id 
_pdbx_nonpoly_scheme.entity_id 
_pdbx_nonpoly_scheme.mon_id 
_pdbx_nonpoly_scheme.ndb_seq_num 
_pdbx_nonpoly_scheme.pdb_seq_num 
_pdbx_nonpoly_scheme.auth_seq_num 
_pdbx_nonpoly_scheme.pdb_mon_id 
_pdbx_nonpoly_scheme.auth_mon_id 
_pdbx_nonpoly_scheme.pdb_strand_id 
_pdbx_nonpoly_scheme.pdb_ins_code 
B 2 YGV 1   201 200 YGV LIG A . 
C 3 TRS 1   202 210 TRS TRS A . 
D 4 HOH 1   301 78  HOH HOH A . 
D 4 HOH 2   302 105 HOH HOH A . 
D 4 HOH 3   303 26  HOH HOH A . 
D 4 HOH 4   304 53  HOH HOH A . 
D 4 HOH 5   305 84  HOH HOH A . 
D 4 HOH 6   306 66  HOH HOH A . 
D 4 HOH 7   307 117 HOH HOH A . 
D 4 HOH 8   308 40  HOH HOH A . 
D 4 HOH 9   309 101 HOH HOH A . 
D 4 HOH 10  310 97  HOH HOH A . 
D 4 HOH 11  311 18  HOH HOH A . 
D 4 HOH 12  312 107 HOH HOH A . 
D 4 HOH 13  313 13  HOH HOH A . 
D 4 HOH 14  314 32  HOH HOH A . 
D 4 HOH 15  315 63  HOH HOH A . 
D 4 HOH 16  316 19  HOH HOH A . 
D 4 HOH 17  317 83  HOH HOH A . 
D 4 HOH 18  318 75  HOH HOH A . 
D 4 HOH 19  319 35  HOH HOH A . 
D 4 HOH 20  320 20  HOH HOH A . 
D 4 HOH 21  321 64  HOH HOH A . 
D 4 HOH 22  322 81  HOH HOH A . 
D 4 HOH 23  323 37  HOH HOH A . 
D 4 HOH 24  324 16  HOH HOH A . 
D 4 HOH 25  325 77  HOH HOH A . 
D 4 HOH 26  326 9   HOH HOH A . 
D 4 HOH 27  327 118 HOH HOH A . 
D 4 HOH 28  328 4   HOH HOH A . 
D 4 HOH 29  329 127 HOH HOH A . 
D 4 HOH 30  330 51  HOH HOH A . 
D 4 HOH 31  331 5   HOH HOH A . 
D 4 HOH 32  332 28  HOH HOH A . 
D 4 HOH 33  333 85  HOH HOH A . 
D 4 HOH 34  334 56  HOH HOH A . 
D 4 HOH 35  335 17  HOH HOH A . 
D 4 HOH 36  336 96  HOH HOH A . 
D 4 HOH 37  337 46  HOH HOH A . 
D 4 HOH 38  338 89  HOH HOH A . 
D 4 HOH 39  339 73  HOH HOH A . 
D 4 HOH 40  340 113 HOH HOH A . 
D 4 HOH 41  341 112 HOH HOH A . 
D 4 HOH 42  342 12  HOH HOH A . 
D 4 HOH 43  343 58  HOH HOH A . 
D 4 HOH 44  344 122 HOH HOH A . 
D 4 HOH 45  345 92  HOH HOH A . 
D 4 HOH 46  346 91  HOH HOH A . 
D 4 HOH 47  347 10  HOH HOH A . 
D 4 HOH 48  348 48  HOH HOH A . 
D 4 HOH 49  349 61  HOH HOH A . 
D 4 HOH 50  350 25  HOH HOH A . 
D 4 HOH 51  351 41  HOH HOH A . 
D 4 HOH 52  352 33  HOH HOH A . 
D 4 HOH 53  353 102 HOH HOH A . 
D 4 HOH 54  354 121 HOH HOH A . 
D 4 HOH 55  355 43  HOH HOH A . 
D 4 HOH 56  356 24  HOH HOH A . 
D 4 HOH 57  357 123 HOH HOH A . 
D 4 HOH 58  358 2   HOH HOH A . 
D 4 HOH 59  359 86  HOH HOH A . 
D 4 HOH 60  360 30  HOH HOH A . 
D 4 HOH 61  361 99  HOH HOH A . 
D 4 HOH 62  362 3   HOH HOH A . 
D 4 HOH 63  363 11  HOH HOH A . 
D 4 HOH 64  364 21  HOH HOH A . 
D 4 HOH 65  365 22  HOH HOH A . 
D 4 HOH 66  366 29  HOH HOH A . 
D 4 HOH 67  367 23  HOH HOH A . 
D 4 HOH 68  368 55  HOH HOH A . 
D 4 HOH 69  369 7   HOH HOH A . 
D 4 HOH 70  370 54  HOH HOH A . 
D 4 HOH 71  371 38  HOH HOH A . 
D 4 HOH 72  372 31  HOH HOH A . 
D 4 HOH 73  373 119 HOH HOH A . 
D 4 HOH 74  374 14  HOH HOH A . 
D 4 HOH 75  375 39  HOH HOH A . 
D 4 HOH 76  376 59  HOH HOH A . 
D 4 HOH 77  377 67  HOH HOH A . 
D 4 HOH 78  378 57  HOH HOH A . 
D 4 HOH 79  379 44  HOH HOH A . 
D 4 HOH 80  380 62  HOH HOH A . 
D 4 HOH 81  381 74  HOH HOH A . 
D 4 HOH 82  382 8   HOH HOH A . 
D 4 HOH 83  383 36  HOH HOH A . 
D 4 HOH 84  384 50  HOH HOH A . 
D 4 HOH 85  385 80  HOH HOH A . 
D 4 HOH 86  386 6   HOH HOH A . 
D 4 HOH 87  387 34  HOH HOH A . 
D 4 HOH 88  388 93  HOH HOH A . 
D 4 HOH 89  389 27  HOH HOH A . 
D 4 HOH 90  390 103 HOH HOH A . 
D 4 HOH 91  391 49  HOH HOH A . 
D 4 HOH 92  392 70  HOH HOH A . 
D 4 HOH 93  393 47  HOH HOH A . 
D 4 HOH 94  394 98  HOH HOH A . 
D 4 HOH 95  395 114 HOH HOH A . 
D 4 HOH 96  396 68  HOH HOH A . 
D 4 HOH 97  397 1   HOH HOH A . 
D 4 HOH 98  398 104 HOH HOH A . 
D 4 HOH 99  399 60  HOH HOH A . 
D 4 HOH 100 400 90  HOH HOH A . 
D 4 HOH 101 401 115 HOH HOH A . 
D 4 HOH 102 402 126 HOH HOH A . 
D 4 HOH 103 403 108 HOH HOH A . 
D 4 HOH 104 404 94  HOH HOH A . 
D 4 HOH 105 405 109 HOH HOH A . 
D 4 HOH 106 406 124 HOH HOH A . 
D 4 HOH 107 407 128 HOH HOH A . 
D 4 HOH 108 408 87  HOH HOH A . 
D 4 HOH 109 409 45  HOH HOH A . 
D 4 HOH 110 410 111 HOH HOH A . 
D 4 HOH 111 411 52  HOH HOH A . 
D 4 HOH 112 412 129 HOH HOH A . 
D 4 HOH 113 413 88  HOH HOH A . 
D 4 HOH 114 414 125 HOH HOH A . 
D 4 HOH 115 415 76  HOH HOH A . 
D 4 HOH 116 416 116 HOH HOH A . 
# 
_pdbx_struct_assembly.id                   1 
_pdbx_struct_assembly.details              author_and_software_defined_assembly 
_pdbx_struct_assembly.method_details       PISA 
_pdbx_struct_assembly.oligomeric_details   monomeric 
_pdbx_struct_assembly.oligomeric_count     1 
# 
_pdbx_struct_assembly_gen.assembly_id       1 
_pdbx_struct_assembly_gen.oper_expression   1 
_pdbx_struct_assembly_gen.asym_id_list      A,B,C,D 
# 
_pdbx_struct_oper_list.id                   1 
_pdbx_struct_oper_list.type                 'identity operation' 
_pdbx_struct_oper_list.name                 1_555 
_pdbx_struct_oper_list.symmetry_operation   x,y,z 
_pdbx_struct_oper_list.matrix[1][1]         1.0000000000 
_pdbx_struct_oper_list.matrix[1][2]         0.0000000000 
_pdbx_struct_oper_list.matrix[1][3]         0.0000000000 
_pdbx_struct_oper_list.vector[1]            0.0000000000 
_pdbx_struct_oper_list.matrix[2][1]         0.0000000000 
_pdbx_struct_oper_list.matrix[2][2]         1.0000000000 
_pdbx_struct_oper_list.matrix[2][3]         0.0000000000 
_pdbx_struct_oper_list.vector[2]            0.0000000000 
_pdbx_struct_oper_list.matrix[3][1]         0.0000000000 
_pdbx_struct_oper_list.matrix[3][2]         0.0000000000 
_pdbx_struct_oper_list.matrix[3][3]         1.0000000000 
_pdbx_struct_oper_list.vector[3]            0.0000000000 
# 
loop_
_pdbx_audit_revision_history.ordinal 
_pdbx_audit_revision_history.data_content_type 
_pdbx_audit_revision_history.major_revision 
_pdbx_audit_revision_history.minor_revision 
_pdbx_audit_revision_history.revision_date 
1 'Structure model' 1 0 2021-05-19 
2 'Structure model' 1 1 2021-12-08 
3 'Structure model' 1 2 2023-10-18 
# 
_pdbx_audit_revision_details.ordinal             1 
_pdbx_audit_revision_details.revision_ordinal    1 
_pdbx_audit_revision_details.data_content_type   'Structure model' 
_pdbx_audit_revision_details.provider            repository 
_pdbx_audit_revision_details.type                'Initial release' 
_pdbx_audit_revision_details.description         ? 
_pdbx_audit_revision_details.details             ? 
# 
loop_
_pdbx_audit_revision_group.ordinal 
_pdbx_audit_revision_group.revision_ordinal 
_pdbx_audit_revision_group.data_content_type 
_pdbx_audit_revision_group.group 
1 2 'Structure model' 'Database references'    
2 3 'Structure model' 'Data collection'        
3 3 'Structure model' 'Refinement description' 
# 
loop_
_pdbx_audit_revision_category.ordinal 
_pdbx_audit_revision_category.revision_ordinal 
_pdbx_audit_revision_category.data_content_type 
_pdbx_audit_revision_category.category 
1 2 'Structure model' citation                      
2 2 'Structure model' citation_author               
3 2 'Structure model' database_2                    
4 3 'Structure model' chem_comp_atom                
5 3 'Structure model' chem_comp_bond                
6 3 'Structure model' pdbx_initial_refinement_model 
# 
loop_
_pdbx_audit_revision_item.ordinal 
_pdbx_audit_revision_item.revision_ordinal 
_pdbx_audit_revision_item.data_content_type 
_pdbx_audit_revision_item.item 
1  2 'Structure model' '_citation.country'                   
2  2 'Structure model' '_citation.journal_abbrev'            
3  2 'Structure model' '_citation.journal_id_ASTM'           
4  2 'Structure model' '_citation.journal_id_CSD'            
5  2 'Structure model' '_citation.journal_id_ISSN'           
6  2 'Structure model' '_citation.journal_volume'            
7  2 'Structure model' '_citation.pdbx_database_id_DOI'      
8  2 'Structure model' '_citation.pdbx_database_id_PubMed'   
9  2 'Structure model' '_citation.title'                     
10 2 'Structure model' '_citation.year'                      
11 2 'Structure model' '_citation_author.identifier_ORCID'   
12 2 'Structure model' '_database_2.pdbx_DOI'                
13 2 'Structure model' '_database_2.pdbx_database_accession' 
# 
_phasing.method   MR 
# 
loop_
_software.citation_id 
_software.classification 
_software.compiler_name 
_software.compiler_version 
_software.contact_author 
_software.contact_author_email 
_software.date 
_software.description 
_software.dependencies 
_software.hardware 
_software.language 
_software.location 
_software.mods 
_software.name 
_software.os 
_software.os_version 
_software.type 
_software.version 
_software.pdbx_ordinal 
? 'data reduction'  ? ? 'Wolfgang Kabsch' Wolfgang.Kabsch@mpimf-heidelberg.mpg.de ?               ? ? ? ?          
http://www.mpimf-heidelberg.mpg.de/~kabsch/xds/     ? XDS         ? ? package .           1 
? 'data scaling'    ? ? 'Phil Evans'      ?                                       29/03/17        ? ? ? ?          
http://www.mrc-lmb.cam.ac.uk/harry/pre/aimless.html ? Aimless     ? ? program 0.5.32      2 
? phasing           ? ? 'Alexei Vaguine'  alexei@ysbl.york.ac.uk                  ?               ? ? ? Fortran_77 
http://www.ccp4.ac.uk/dist/html/molrep.html         ? MOLREP      ? ? program .           3 
? refinement        ? ? 'Paul D. Adams'   PDAdams@lbl.gov                         ?               ? ? ? C++        
http://www.phenix-online.org/                       ? PHENIX      ? ? package 1.11.1_2575 4 
? 'data extraction' ? ? PDB               deposit@deposit.rcsb.org                'Oct. 31, 2020' ? ? ? C++        
http://sw-tools.pdb.org/apps/PDB_EXTRACT/           ? PDB_EXTRACT ? ? package 3.27        5 
# 
_pdbx_entry_details.entry_id                 7LX8 
_pdbx_entry_details.has_ligand_of_interest   Y 
_pdbx_entry_details.compound_details         ? 
_pdbx_entry_details.source_details           ? 
_pdbx_entry_details.nonpolymer_details       ? 
_pdbx_entry_details.sequence_details         ? 
# 
loop_
_pdbx_unobs_or_zero_occ_atoms.id 
_pdbx_unobs_or_zero_occ_atoms.PDB_model_num 
_pdbx_unobs_or_zero_occ_atoms.polymer_flag 
_pdbx_unobs_or_zero_occ_atoms.occupancy_flag 
_pdbx_unobs_or_zero_occ_atoms.auth_asym_id 
_pdbx_unobs_or_zero_occ_atoms.auth_comp_id 
_pdbx_unobs_or_zero_occ_atoms.auth_seq_id 
_pdbx_unobs_or_zero_occ_atoms.PDB_ins_code 
_pdbx_unobs_or_zero_occ_atoms.auth_atom_id 
_pdbx_unobs_or_zero_occ_atoms.label_alt_id 
_pdbx_unobs_or_zero_occ_atoms.label_asym_id 
_pdbx_unobs_or_zero_occ_atoms.label_comp_id 
_pdbx_unobs_or_zero_occ_atoms.label_seq_id 
_pdbx_unobs_or_zero_occ_atoms.label_atom_id 
1 1 Y 1 A THR 109 ? OG1 ? A THR 109 OG1 
2 1 Y 1 A THR 109 ? CG2 ? A THR 109 CG2 
3 1 Y 1 A ASN 116 ? OD1 ? A ASN 116 OD1 
4 1 Y 1 A ASN 116 ? ND2 ? A ASN 116 ND2 
5 1 Y 1 A LYS 162 ? CG  ? A LYS 162 CG  
6 1 Y 1 A LYS 162 ? CD  ? A LYS 162 CD  
7 1 Y 1 A LYS 162 ? CE  ? A LYS 162 CE  
8 1 Y 1 A LYS 162 ? NZ  ? A LYS 162 NZ  
# 
loop_
_pdbx_unobs_or_zero_occ_residues.id 
_pdbx_unobs_or_zero_occ_residues.PDB_model_num 
_pdbx_unobs_or_zero_occ_residues.polymer_flag 
_pdbx_unobs_or_zero_occ_residues.occupancy_flag 
_pdbx_unobs_or_zero_occ_residues.auth_asym_id 
_pdbx_unobs_or_zero_occ_residues.auth_comp_id 
_pdbx_unobs_or_zero_occ_residues.auth_seq_id 
_pdbx_unobs_or_zero_occ_residues.PDB_ins_code 
_pdbx_unobs_or_zero_occ_residues.label_asym_id 
_pdbx_unobs_or_zero_occ_residues.label_comp_id 
_pdbx_unobs_or_zero_occ_residues.label_seq_id 
1  1 Y 1 A VAL 111 ? A VAL 111 
2  1 Y 1 A ASN 163 ? A ASN 163 
3  1 Y 1 A LEU 164 ? A LEU 164 
4  1 Y 1 A LEU 165 ? A LEU 165 
5  1 Y 1 A GLU 166 ? A GLU 166 
6  1 Y 1 A HIS 167 ? A HIS 167 
7  1 Y 1 A HIS 168 ? A HIS 168 
8  1 Y 1 A HIS 169 ? A HIS 169 
9  1 Y 1 A HIS 170 ? A HIS 170 
10 1 Y 1 A HIS 171 ? A HIS 171 
11 1 Y 1 A HIS 172 ? A HIS 172 
# 
loop_
_chem_comp_atom.comp_id 
_chem_comp_atom.atom_id 
_chem_comp_atom.type_symbol 
_chem_comp_atom.pdbx_aromatic_flag 
_chem_comp_atom.pdbx_stereo_config 
_chem_comp_atom.pdbx_ordinal 
ALA N    N  N N 1   
ALA CA   C  N S 2   
ALA C    C  N N 3   
ALA O    O  N N 4   
ALA CB   C  N N 5   
ALA OXT  O  N N 6   
ALA H    H  N N 7   
ALA H2   H  N N 8   
ALA HA   H  N N 9   
ALA HB1  H  N N 10  
ALA HB2  H  N N 11  
ALA HB3  H  N N 12  
ALA HXT  H  N N 13  
ARG N    N  N N 14  
ARG CA   C  N S 15  
ARG C    C  N N 16  
ARG O    O  N N 17  
ARG CB   C  N N 18  
ARG CG   C  N N 19  
ARG CD   C  N N 20  
ARG NE   N  N N 21  
ARG CZ   C  N N 22  
ARG NH1  N  N N 23  
ARG NH2  N  N N 24  
ARG OXT  O  N N 25  
ARG H    H  N N 26  
ARG H2   H  N N 27  
ARG HA   H  N N 28  
ARG HB2  H  N N 29  
ARG HB3  H  N N 30  
ARG HG2  H  N N 31  
ARG HG3  H  N N 32  
ARG HD2  H  N N 33  
ARG HD3  H  N N 34  
ARG HE   H  N N 35  
ARG HH11 H  N N 36  
ARG HH12 H  N N 37  
ARG HH21 H  N N 38  
ARG HH22 H  N N 39  
ARG HXT  H  N N 40  
ASN N    N  N N 41  
ASN CA   C  N S 42  
ASN C    C  N N 43  
ASN O    O  N N 44  
ASN CB   C  N N 45  
ASN CG   C  N N 46  
ASN OD1  O  N N 47  
ASN ND2  N  N N 48  
ASN OXT  O  N N 49  
ASN H    H  N N 50  
ASN H2   H  N N 51  
ASN HA   H  N N 52  
ASN HB2  H  N N 53  
ASN HB3  H  N N 54  
ASN HD21 H  N N 55  
ASN HD22 H  N N 56  
ASN HXT  H  N N 57  
ASP N    N  N N 58  
ASP CA   C  N S 59  
ASP C    C  N N 60  
ASP O    O  N N 61  
ASP CB   C  N N 62  
ASP CG   C  N N 63  
ASP OD1  O  N N 64  
ASP OD2  O  N N 65  
ASP OXT  O  N N 66  
ASP H    H  N N 67  
ASP H2   H  N N 68  
ASP HA   H  N N 69  
ASP HB2  H  N N 70  
ASP HB3  H  N N 71  
ASP HD2  H  N N 72  
ASP HXT  H  N N 73  
CYS N    N  N N 74  
CYS CA   C  N R 75  
CYS C    C  N N 76  
CYS O    O  N N 77  
CYS CB   C  N N 78  
CYS SG   S  N N 79  
CYS OXT  O  N N 80  
CYS H    H  N N 81  
CYS H2   H  N N 82  
CYS HA   H  N N 83  
CYS HB2  H  N N 84  
CYS HB3  H  N N 85  
CYS HG   H  N N 86  
CYS HXT  H  N N 87  
GLN N    N  N N 88  
GLN CA   C  N S 89  
GLN C    C  N N 90  
GLN O    O  N N 91  
GLN CB   C  N N 92  
GLN CG   C  N N 93  
GLN CD   C  N N 94  
GLN OE1  O  N N 95  
GLN NE2  N  N N 96  
GLN OXT  O  N N 97  
GLN H    H  N N 98  
GLN H2   H  N N 99  
GLN HA   H  N N 100 
GLN HB2  H  N N 101 
GLN HB3  H  N N 102 
GLN HG2  H  N N 103 
GLN HG3  H  N N 104 
GLN HE21 H  N N 105 
GLN HE22 H  N N 106 
GLN HXT  H  N N 107 
GLU N    N  N N 108 
GLU CA   C  N S 109 
GLU C    C  N N 110 
GLU O    O  N N 111 
GLU CB   C  N N 112 
GLU CG   C  N N 113 
GLU CD   C  N N 114 
GLU OE1  O  N N 115 
GLU OE2  O  N N 116 
GLU OXT  O  N N 117 
GLU H    H  N N 118 
GLU H2   H  N N 119 
GLU HA   H  N N 120 
GLU HB2  H  N N 121 
GLU HB3  H  N N 122 
GLU HG2  H  N N 123 
GLU HG3  H  N N 124 
GLU HE2  H  N N 125 
GLU HXT  H  N N 126 
GLY N    N  N N 127 
GLY CA   C  N N 128 
GLY C    C  N N 129 
GLY O    O  N N 130 
GLY OXT  O  N N 131 
GLY H    H  N N 132 
GLY H2   H  N N 133 
GLY HA2  H  N N 134 
GLY HA3  H  N N 135 
GLY HXT  H  N N 136 
HIS N    N  N N 137 
HIS CA   C  N S 138 
HIS C    C  N N 139 
HIS O    O  N N 140 
HIS CB   C  N N 141 
HIS CG   C  Y N 142 
HIS ND1  N  Y N 143 
HIS CD2  C  Y N 144 
HIS CE1  C  Y N 145 
HIS NE2  N  Y N 146 
HIS OXT  O  N N 147 
HIS H    H  N N 148 
HIS H2   H  N N 149 
HIS HA   H  N N 150 
HIS HB2  H  N N 151 
HIS HB3  H  N N 152 
HIS HD1  H  N N 153 
HIS HD2  H  N N 154 
HIS HE1  H  N N 155 
HIS HE2  H  N N 156 
HIS HXT  H  N N 157 
HOH O    O  N N 158 
HOH H1   H  N N 159 
HOH H2   H  N N 160 
ILE N    N  N N 161 
ILE CA   C  N S 162 
ILE C    C  N N 163 
ILE O    O  N N 164 
ILE CB   C  N S 165 
ILE CG1  C  N N 166 
ILE CG2  C  N N 167 
ILE CD1  C  N N 168 
ILE OXT  O  N N 169 
ILE H    H  N N 170 
ILE H2   H  N N 171 
ILE HA   H  N N 172 
ILE HB   H  N N 173 
ILE HG12 H  N N 174 
ILE HG13 H  N N 175 
ILE HG21 H  N N 176 
ILE HG22 H  N N 177 
ILE HG23 H  N N 178 
ILE HD11 H  N N 179 
ILE HD12 H  N N 180 
ILE HD13 H  N N 181 
ILE HXT  H  N N 182 
LEU N    N  N N 183 
LEU CA   C  N S 184 
LEU C    C  N N 185 
LEU O    O  N N 186 
LEU CB   C  N N 187 
LEU CG   C  N N 188 
LEU CD1  C  N N 189 
LEU CD2  C  N N 190 
LEU OXT  O  N N 191 
LEU H    H  N N 192 
LEU H2   H  N N 193 
LEU HA   H  N N 194 
LEU HB2  H  N N 195 
LEU HB3  H  N N 196 
LEU HG   H  N N 197 
LEU HD11 H  N N 198 
LEU HD12 H  N N 199 
LEU HD13 H  N N 200 
LEU HD21 H  N N 201 
LEU HD22 H  N N 202 
LEU HD23 H  N N 203 
LEU HXT  H  N N 204 
LYS N    N  N N 205 
LYS CA   C  N S 206 
LYS C    C  N N 207 
LYS O    O  N N 208 
LYS CB   C  N N 209 
LYS CG   C  N N 210 
LYS CD   C  N N 211 
LYS CE   C  N N 212 
LYS NZ   N  N N 213 
LYS OXT  O  N N 214 
LYS H    H  N N 215 
LYS H2   H  N N 216 
LYS HA   H  N N 217 
LYS HB2  H  N N 218 
LYS HB3  H  N N 219 
LYS HG2  H  N N 220 
LYS HG3  H  N N 221 
LYS HD2  H  N N 222 
LYS HD3  H  N N 223 
LYS HE2  H  N N 224 
LYS HE3  H  N N 225 
LYS HZ1  H  N N 226 
LYS HZ2  H  N N 227 
LYS HZ3  H  N N 228 
LYS HXT  H  N N 229 
MET N    N  N N 230 
MET CA   C  N S 231 
MET C    C  N N 232 
MET O    O  N N 233 
MET CB   C  N N 234 
MET CG   C  N N 235 
MET SD   S  N N 236 
MET CE   C  N N 237 
MET OXT  O  N N 238 
MET H    H  N N 239 
MET H2   H  N N 240 
MET HA   H  N N 241 
MET HB2  H  N N 242 
MET HB3  H  N N 243 
MET HG2  H  N N 244 
MET HG3  H  N N 245 
MET HE1  H  N N 246 
MET HE2  H  N N 247 
MET HE3  H  N N 248 
MET HXT  H  N N 249 
PHE N    N  N N 250 
PHE CA   C  N S 251 
PHE C    C  N N 252 
PHE O    O  N N 253 
PHE CB   C  N N 254 
PHE CG   C  Y N 255 
PHE CD1  C  Y N 256 
PHE CD2  C  Y N 257 
PHE CE1  C  Y N 258 
PHE CE2  C  Y N 259 
PHE CZ   C  Y N 260 
PHE OXT  O  N N 261 
PHE H    H  N N 262 
PHE H2   H  N N 263 
PHE HA   H  N N 264 
PHE HB2  H  N N 265 
PHE HB3  H  N N 266 
PHE HD1  H  N N 267 
PHE HD2  H  N N 268 
PHE HE1  H  N N 269 
PHE HE2  H  N N 270 
PHE HZ   H  N N 271 
PHE HXT  H  N N 272 
PRO N    N  N N 273 
PRO CA   C  N S 274 
PRO C    C  N N 275 
PRO O    O  N N 276 
PRO CB   C  N N 277 
PRO CG   C  N N 278 
PRO CD   C  N N 279 
PRO OXT  O  N N 280 
PRO H    H  N N 281 
PRO HA   H  N N 282 
PRO HB2  H  N N 283 
PRO HB3  H  N N 284 
PRO HG2  H  N N 285 
PRO HG3  H  N N 286 
PRO HD2  H  N N 287 
PRO HD3  H  N N 288 
PRO HXT  H  N N 289 
SER N    N  N N 290 
SER CA   C  N S 291 
SER C    C  N N 292 
SER O    O  N N 293 
SER CB   C  N N 294 
SER OG   O  N N 295 
SER OXT  O  N N 296 
SER H    H  N N 297 
SER H2   H  N N 298 
SER HA   H  N N 299 
SER HB2  H  N N 300 
SER HB3  H  N N 301 
SER HG   H  N N 302 
SER HXT  H  N N 303 
THR N    N  N N 304 
THR CA   C  N S 305 
THR C    C  N N 306 
THR O    O  N N 307 
THR CB   C  N R 308 
THR OG1  O  N N 309 
THR CG2  C  N N 310 
THR OXT  O  N N 311 
THR H    H  N N 312 
THR H2   H  N N 313 
THR HA   H  N N 314 
THR HB   H  N N 315 
THR HG1  H  N N 316 
THR HG21 H  N N 317 
THR HG22 H  N N 318 
THR HG23 H  N N 319 
THR HXT  H  N N 320 
TRP N    N  N N 321 
TRP CA   C  N S 322 
TRP C    C  N N 323 
TRP O    O  N N 324 
TRP CB   C  N N 325 
TRP CG   C  Y N 326 
TRP CD1  C  Y N 327 
TRP CD2  C  Y N 328 
TRP NE1  N  Y N 329 
TRP CE2  C  Y N 330 
TRP CE3  C  Y N 331 
TRP CZ2  C  Y N 332 
TRP CZ3  C  Y N 333 
TRP CH2  C  Y N 334 
TRP OXT  O  N N 335 
TRP H    H  N N 336 
TRP H2   H  N N 337 
TRP HA   H  N N 338 
TRP HB2  H  N N 339 
TRP HB3  H  N N 340 
TRP HD1  H  N N 341 
TRP HE1  H  N N 342 
TRP HE3  H  N N 343 
TRP HZ2  H  N N 344 
TRP HZ3  H  N N 345 
TRP HH2  H  N N 346 
TRP HXT  H  N N 347 
TRS C    C  N N 348 
TRS C1   C  N N 349 
TRS C2   C  N N 350 
TRS C3   C  N N 351 
TRS N    N  N N 352 
TRS O1   O  N N 353 
TRS O2   O  N N 354 
TRS O3   O  N N 355 
TRS H11  H  N N 356 
TRS H12  H  N N 357 
TRS H21  H  N N 358 
TRS H22  H  N N 359 
TRS H31  H  N N 360 
TRS H32  H  N N 361 
TRS HN1  H  N N 362 
TRS HN2  H  N N 363 
TRS HN3  H  N N 364 
TRS HO1  H  N N 365 
TRS HO2  H  N N 366 
TRS HO3  H  N N 367 
TYR N    N  N N 368 
TYR CA   C  N S 369 
TYR C    C  N N 370 
TYR O    O  N N 371 
TYR CB   C  N N 372 
TYR CG   C  Y N 373 
TYR CD1  C  Y N 374 
TYR CD2  C  Y N 375 
TYR CE1  C  Y N 376 
TYR CE2  C  Y N 377 
TYR CZ   C  Y N 378 
TYR OH   O  N N 379 
TYR OXT  O  N N 380 
TYR H    H  N N 381 
TYR H2   H  N N 382 
TYR HA   H  N N 383 
TYR HB2  H  N N 384 
TYR HB3  H  N N 385 
TYR HD1  H  N N 386 
TYR HD2  H  N N 387 
TYR HE1  H  N N 388 
TYR HE2  H  N N 389 
TYR HH   H  N N 390 
TYR HXT  H  N N 391 
VAL N    N  N N 392 
VAL CA   C  N S 393 
VAL C    C  N N 394 
VAL O    O  N N 395 
VAL CB   C  N N 396 
VAL CG1  C  N N 397 
VAL CG2  C  N N 398 
VAL OXT  O  N N 399 
VAL H    H  N N 400 
VAL H2   H  N N 401 
VAL HA   H  N N 402 
VAL HB   H  N N 403 
VAL HG11 H  N N 404 
VAL HG12 H  N N 405 
VAL HG13 H  N N 406 
VAL HG21 H  N N 407 
VAL HG22 H  N N 408 
VAL HG23 H  N N 409 
VAL HXT  H  N N 410 
YGV C01  C  N N 411 
YGV C03  C  Y N 412 
YGV C04  C  Y N 413 
YGV C05  C  Y N 414 
YGV C06  C  Y N 415 
YGV C07  C  Y N 416 
YGV C08  C  Y N 417 
YGV S02  S  N N 418 
YGV CL09 CL N N 419 
YGV H1   H  N N 420 
YGV H2   H  N N 421 
YGV H3   H  N N 422 
YGV H4   H  N N 423 
YGV H5   H  N N 424 
YGV H6   H  N N 425 
YGV H7   H  N N 426 
# 
loop_
_chem_comp_bond.comp_id 
_chem_comp_bond.atom_id_1 
_chem_comp_bond.atom_id_2 
_chem_comp_bond.value_order 
_chem_comp_bond.pdbx_aromatic_flag 
_chem_comp_bond.pdbx_stereo_config 
_chem_comp_bond.pdbx_ordinal 
ALA N    CA   sing N N 1   
ALA N    H    sing N N 2   
ALA N    H2   sing N N 3   
ALA CA   C    sing N N 4   
ALA CA   CB   sing N N 5   
ALA CA   HA   sing N N 6   
ALA C    O    doub N N 7   
ALA C    OXT  sing N N 8   
ALA CB   HB1  sing N N 9   
ALA CB   HB2  sing N N 10  
ALA CB   HB3  sing N N 11  
ALA OXT  HXT  sing N N 12  
ARG N    CA   sing N N 13  
ARG N    H    sing N N 14  
ARG N    H2   sing N N 15  
ARG CA   C    sing N N 16  
ARG CA   CB   sing N N 17  
ARG CA   HA   sing N N 18  
ARG C    O    doub N N 19  
ARG C    OXT  sing N N 20  
ARG CB   CG   sing N N 21  
ARG CB   HB2  sing N N 22  
ARG CB   HB3  sing N N 23  
ARG CG   CD   sing N N 24  
ARG CG   HG2  sing N N 25  
ARG CG   HG3  sing N N 26  
ARG CD   NE   sing N N 27  
ARG CD   HD2  sing N N 28  
ARG CD   HD3  sing N N 29  
ARG NE   CZ   sing N N 30  
ARG NE   HE   sing N N 31  
ARG CZ   NH1  sing N N 32  
ARG CZ   NH2  doub N N 33  
ARG NH1  HH11 sing N N 34  
ARG NH1  HH12 sing N N 35  
ARG NH2  HH21 sing N N 36  
ARG NH2  HH22 sing N N 37  
ARG OXT  HXT  sing N N 38  
ASN N    CA   sing N N 39  
ASN N    H    sing N N 40  
ASN N    H2   sing N N 41  
ASN CA   C    sing N N 42  
ASN CA   CB   sing N N 43  
ASN CA   HA   sing N N 44  
ASN C    O    doub N N 45  
ASN C    OXT  sing N N 46  
ASN CB   CG   sing N N 47  
ASN CB   HB2  sing N N 48  
ASN CB   HB3  sing N N 49  
ASN CG   OD1  doub N N 50  
ASN CG   ND2  sing N N 51  
ASN ND2  HD21 sing N N 52  
ASN ND2  HD22 sing N N 53  
ASN OXT  HXT  sing N N 54  
ASP N    CA   sing N N 55  
ASP N    H    sing N N 56  
ASP N    H2   sing N N 57  
ASP CA   C    sing N N 58  
ASP CA   CB   sing N N 59  
ASP CA   HA   sing N N 60  
ASP C    O    doub N N 61  
ASP C    OXT  sing N N 62  
ASP CB   CG   sing N N 63  
ASP CB   HB2  sing N N 64  
ASP CB   HB3  sing N N 65  
ASP CG   OD1  doub N N 66  
ASP CG   OD2  sing N N 67  
ASP OD2  HD2  sing N N 68  
ASP OXT  HXT  sing N N 69  
CYS N    CA   sing N N 70  
CYS N    H    sing N N 71  
CYS N    H2   sing N N 72  
CYS CA   C    sing N N 73  
CYS CA   CB   sing N N 74  
CYS CA   HA   sing N N 75  
CYS C    O    doub N N 76  
CYS C    OXT  sing N N 77  
CYS CB   SG   sing N N 78  
CYS CB   HB2  sing N N 79  
CYS CB   HB3  sing N N 80  
CYS SG   HG   sing N N 81  
CYS OXT  HXT  sing N N 82  
GLN N    CA   sing N N 83  
GLN N    H    sing N N 84  
GLN N    H2   sing N N 85  
GLN CA   C    sing N N 86  
GLN CA   CB   sing N N 87  
GLN CA   HA   sing N N 88  
GLN C    O    doub N N 89  
GLN C    OXT  sing N N 90  
GLN CB   CG   sing N N 91  
GLN CB   HB2  sing N N 92  
GLN CB   HB3  sing N N 93  
GLN CG   CD   sing N N 94  
GLN CG   HG2  sing N N 95  
GLN CG   HG3  sing N N 96  
GLN CD   OE1  doub N N 97  
GLN CD   NE2  sing N N 98  
GLN NE2  HE21 sing N N 99  
GLN NE2  HE22 sing N N 100 
GLN OXT  HXT  sing N N 101 
GLU N    CA   sing N N 102 
GLU N    H    sing N N 103 
GLU N    H2   sing N N 104 
GLU CA   C    sing N N 105 
GLU CA   CB   sing N N 106 
GLU CA   HA   sing N N 107 
GLU C    O    doub N N 108 
GLU C    OXT  sing N N 109 
GLU CB   CG   sing N N 110 
GLU CB   HB2  sing N N 111 
GLU CB   HB3  sing N N 112 
GLU CG   CD   sing N N 113 
GLU CG   HG2  sing N N 114 
GLU CG   HG3  sing N N 115 
GLU CD   OE1  doub N N 116 
GLU CD   OE2  sing N N 117 
GLU OE2  HE2  sing N N 118 
GLU OXT  HXT  sing N N 119 
GLY N    CA   sing N N 120 
GLY N    H    sing N N 121 
GLY N    H2   sing N N 122 
GLY CA   C    sing N N 123 
GLY CA   HA2  sing N N 124 
GLY CA   HA3  sing N N 125 
GLY C    O    doub N N 126 
GLY C    OXT  sing N N 127 
GLY OXT  HXT  sing N N 128 
HIS N    CA   sing N N 129 
HIS N    H    sing N N 130 
HIS N    H2   sing N N 131 
HIS CA   C    sing N N 132 
HIS CA   CB   sing N N 133 
HIS CA   HA   sing N N 134 
HIS C    O    doub N N 135 
HIS C    OXT  sing N N 136 
HIS CB   CG   sing N N 137 
HIS CB   HB2  sing N N 138 
HIS CB   HB3  sing N N 139 
HIS CG   ND1  sing Y N 140 
HIS CG   CD2  doub Y N 141 
HIS ND1  CE1  doub Y N 142 
HIS ND1  HD1  sing N N 143 
HIS CD2  NE2  sing Y N 144 
HIS CD2  HD2  sing N N 145 
HIS CE1  NE2  sing Y N 146 
HIS CE1  HE1  sing N N 147 
HIS NE2  HE2  sing N N 148 
HIS OXT  HXT  sing N N 149 
HOH O    H1   sing N N 150 
HOH O    H2   sing N N 151 
ILE N    CA   sing N N 152 
ILE N    H    sing N N 153 
ILE N    H2   sing N N 154 
ILE CA   C    sing N N 155 
ILE CA   CB   sing N N 156 
ILE CA   HA   sing N N 157 
ILE C    O    doub N N 158 
ILE C    OXT  sing N N 159 
ILE CB   CG1  sing N N 160 
ILE CB   CG2  sing N N 161 
ILE CB   HB   sing N N 162 
ILE CG1  CD1  sing N N 163 
ILE CG1  HG12 sing N N 164 
ILE CG1  HG13 sing N N 165 
ILE CG2  HG21 sing N N 166 
ILE CG2  HG22 sing N N 167 
ILE CG2  HG23 sing N N 168 
ILE CD1  HD11 sing N N 169 
ILE CD1  HD12 sing N N 170 
ILE CD1  HD13 sing N N 171 
ILE OXT  HXT  sing N N 172 
LEU N    CA   sing N N 173 
LEU N    H    sing N N 174 
LEU N    H2   sing N N 175 
LEU CA   C    sing N N 176 
LEU CA   CB   sing N N 177 
LEU CA   HA   sing N N 178 
LEU C    O    doub N N 179 
LEU C    OXT  sing N N 180 
LEU CB   CG   sing N N 181 
LEU CB   HB2  sing N N 182 
LEU CB   HB3  sing N N 183 
LEU CG   CD1  sing N N 184 
LEU CG   CD2  sing N N 185 
LEU CG   HG   sing N N 186 
LEU CD1  HD11 sing N N 187 
LEU CD1  HD12 sing N N 188 
LEU CD1  HD13 sing N N 189 
LEU CD2  HD21 sing N N 190 
LEU CD2  HD22 sing N N 191 
LEU CD2  HD23 sing N N 192 
LEU OXT  HXT  sing N N 193 
LYS N    CA   sing N N 194 
LYS N    H    sing N N 195 
LYS N    H2   sing N N 196 
LYS CA   C    sing N N 197 
LYS CA   CB   sing N N 198 
LYS CA   HA   sing N N 199 
LYS C    O    doub N N 200 
LYS C    OXT  sing N N 201 
LYS CB   CG   sing N N 202 
LYS CB   HB2  sing N N 203 
LYS CB   HB3  sing N N 204 
LYS CG   CD   sing N N 205 
LYS CG   HG2  sing N N 206 
LYS CG   HG3  sing N N 207 
LYS CD   CE   sing N N 208 
LYS CD   HD2  sing N N 209 
LYS CD   HD3  sing N N 210 
LYS CE   NZ   sing N N 211 
LYS CE   HE2  sing N N 212 
LYS CE   HE3  sing N N 213 
LYS NZ   HZ1  sing N N 214 
LYS NZ   HZ2  sing N N 215 
LYS NZ   HZ3  sing N N 216 
LYS OXT  HXT  sing N N 217 
MET N    CA   sing N N 218 
MET N    H    sing N N 219 
MET N    H2   sing N N 220 
MET CA   C    sing N N 221 
MET CA   CB   sing N N 222 
MET CA   HA   sing N N 223 
MET C    O    doub N N 224 
MET C    OXT  sing N N 225 
MET CB   CG   sing N N 226 
MET CB   HB2  sing N N 227 
MET CB   HB3  sing N N 228 
MET CG   SD   sing N N 229 
MET CG   HG2  sing N N 230 
MET CG   HG3  sing N N 231 
MET SD   CE   sing N N 232 
MET CE   HE1  sing N N 233 
MET CE   HE2  sing N N 234 
MET CE   HE3  sing N N 235 
MET OXT  HXT  sing N N 236 
PHE N    CA   sing N N 237 
PHE N    H    sing N N 238 
PHE N    H2   sing N N 239 
PHE CA   C    sing N N 240 
PHE CA   CB   sing N N 241 
PHE CA   HA   sing N N 242 
PHE C    O    doub N N 243 
PHE C    OXT  sing N N 244 
PHE CB   CG   sing N N 245 
PHE CB   HB2  sing N N 246 
PHE CB   HB3  sing N N 247 
PHE CG   CD1  doub Y N 248 
PHE CG   CD2  sing Y N 249 
PHE CD1  CE1  sing Y N 250 
PHE CD1  HD1  sing N N 251 
PHE CD2  CE2  doub Y N 252 
PHE CD2  HD2  sing N N 253 
PHE CE1  CZ   doub Y N 254 
PHE CE1  HE1  sing N N 255 
PHE CE2  CZ   sing Y N 256 
PHE CE2  HE2  sing N N 257 
PHE CZ   HZ   sing N N 258 
PHE OXT  HXT  sing N N 259 
PRO N    CA   sing N N 260 
PRO N    CD   sing N N 261 
PRO N    H    sing N N 262 
PRO CA   C    sing N N 263 
PRO CA   CB   sing N N 264 
PRO CA   HA   sing N N 265 
PRO C    O    doub N N 266 
PRO C    OXT  sing N N 267 
PRO CB   CG   sing N N 268 
PRO CB   HB2  sing N N 269 
PRO CB   HB3  sing N N 270 
PRO CG   CD   sing N N 271 
PRO CG   HG2  sing N N 272 
PRO CG   HG3  sing N N 273 
PRO CD   HD2  sing N N 274 
PRO CD   HD3  sing N N 275 
PRO OXT  HXT  sing N N 276 
SER N    CA   sing N N 277 
SER N    H    sing N N 278 
SER N    H2   sing N N 279 
SER CA   C    sing N N 280 
SER CA   CB   sing N N 281 
SER CA   HA   sing N N 282 
SER C    O    doub N N 283 
SER C    OXT  sing N N 284 
SER CB   OG   sing N N 285 
SER CB   HB2  sing N N 286 
SER CB   HB3  sing N N 287 
SER OG   HG   sing N N 288 
SER OXT  HXT  sing N N 289 
THR N    CA   sing N N 290 
THR N    H    sing N N 291 
THR N    H2   sing N N 292 
THR CA   C    sing N N 293 
THR CA   CB   sing N N 294 
THR CA   HA   sing N N 295 
THR C    O    doub N N 296 
THR C    OXT  sing N N 297 
THR CB   OG1  sing N N 298 
THR CB   CG2  sing N N 299 
THR CB   HB   sing N N 300 
THR OG1  HG1  sing N N 301 
THR CG2  HG21 sing N N 302 
THR CG2  HG22 sing N N 303 
THR CG2  HG23 sing N N 304 
THR OXT  HXT  sing N N 305 
TRP N    CA   sing N N 306 
TRP N    H    sing N N 307 
TRP N    H2   sing N N 308 
TRP CA   C    sing N N 309 
TRP CA   CB   sing N N 310 
TRP CA   HA   sing N N 311 
TRP C    O    doub N N 312 
TRP C    OXT  sing N N 313 
TRP CB   CG   sing N N 314 
TRP CB   HB2  sing N N 315 
TRP CB   HB3  sing N N 316 
TRP CG   CD1  doub Y N 317 
TRP CG   CD2  sing Y N 318 
TRP CD1  NE1  sing Y N 319 
TRP CD1  HD1  sing N N 320 
TRP CD2  CE2  doub Y N 321 
TRP CD2  CE3  sing Y N 322 
TRP NE1  CE2  sing Y N 323 
TRP NE1  HE1  sing N N 324 
TRP CE2  CZ2  sing Y N 325 
TRP CE3  CZ3  doub Y N 326 
TRP CE3  HE3  sing N N 327 
TRP CZ2  CH2  doub Y N 328 
TRP CZ2  HZ2  sing N N 329 
TRP CZ3  CH2  sing Y N 330 
TRP CZ3  HZ3  sing N N 331 
TRP CH2  HH2  sing N N 332 
TRP OXT  HXT  sing N N 333 
TRS C    C1   sing N N 334 
TRS C    C2   sing N N 335 
TRS C    C3   sing N N 336 
TRS C    N    sing N N 337 
TRS C1   O1   sing N N 338 
TRS C1   H11  sing N N 339 
TRS C1   H12  sing N N 340 
TRS C2   O2   sing N N 341 
TRS C2   H21  sing N N 342 
TRS C2   H22  sing N N 343 
TRS C3   O3   sing N N 344 
TRS C3   H31  sing N N 345 
TRS C3   H32  sing N N 346 
TRS N    HN1  sing N N 347 
TRS N    HN2  sing N N 348 
TRS N    HN3  sing N N 349 
TRS O1   HO1  sing N N 350 
TRS O2   HO2  sing N N 351 
TRS O3   HO3  sing N N 352 
TYR N    CA   sing N N 353 
TYR N    H    sing N N 354 
TYR N    H2   sing N N 355 
TYR CA   C    sing N N 356 
TYR CA   CB   sing N N 357 
TYR CA   HA   sing N N 358 
TYR C    O    doub N N 359 
TYR C    OXT  sing N N 360 
TYR CB   CG   sing N N 361 
TYR CB   HB2  sing N N 362 
TYR CB   HB3  sing N N 363 
TYR CG   CD1  doub Y N 364 
TYR CG   CD2  sing Y N 365 
TYR CD1  CE1  sing Y N 366 
TYR CD1  HD1  sing N N 367 
TYR CD2  CE2  doub Y N 368 
TYR CD2  HD2  sing N N 369 
TYR CE1  CZ   doub Y N 370 
TYR CE1  HE1  sing N N 371 
TYR CE2  CZ   sing Y N 372 
TYR CE2  HE2  sing N N 373 
TYR CZ   OH   sing N N 374 
TYR OH   HH   sing N N 375 
TYR OXT  HXT  sing N N 376 
VAL N    CA   sing N N 377 
VAL N    H    sing N N 378 
VAL N    H2   sing N N 379 
VAL CA   C    sing N N 380 
VAL CA   CB   sing N N 381 
VAL CA   HA   sing N N 382 
VAL C    O    doub N N 383 
VAL C    OXT  sing N N 384 
VAL CB   CG1  sing N N 385 
VAL CB   CG2  sing N N 386 
VAL CB   HB   sing N N 387 
VAL CG1  HG11 sing N N 388 
VAL CG1  HG12 sing N N 389 
VAL CG1  HG13 sing N N 390 
VAL CG2  HG21 sing N N 391 
VAL CG2  HG22 sing N N 392 
VAL CG2  HG23 sing N N 393 
VAL OXT  HXT  sing N N 394 
YGV CL09 C08  sing N N 395 
YGV C01  S02  sing N N 396 
YGV S02  C03  sing N N 397 
YGV C08  C03  doub Y N 398 
YGV C08  C07  sing Y N 399 
YGV C03  C04  sing Y N 400 
YGV C07  C06  doub Y N 401 
YGV C04  C05  doub Y N 402 
YGV C06  C05  sing Y N 403 
YGV C01  H1   sing N N 404 
YGV C01  H2   sing N N 405 
YGV C01  H3   sing N N 406 
YGV C04  H4   sing N N 407 
YGV C05  H5   sing N N 408 
YGV C06  H6   sing N N 409 
YGV C07  H7   sing N N 410 
# 
_pdbx_audit_support.funding_organization   
'National Institutes of Health/National Institute of General Medical Sciences (NIH/NIGMS)' 
_pdbx_audit_support.country                'United States' 
_pdbx_audit_support.grant_number           ? 
_pdbx_audit_support.ordinal                1 
# 
_pdbx_entity_instance_feature.ordinal        1 
_pdbx_entity_instance_feature.comp_id        YGV 
_pdbx_entity_instance_feature.asym_id        ? 
_pdbx_entity_instance_feature.seq_num        ? 
_pdbx_entity_instance_feature.auth_comp_id   YGV 
_pdbx_entity_instance_feature.auth_asym_id   ? 
_pdbx_entity_instance_feature.auth_seq_num   ? 
_pdbx_entity_instance_feature.feature_type   'SUBJECT OF INVESTIGATION' 
_pdbx_entity_instance_feature.details        ? 
# 
loop_
_pdbx_entity_nonpoly.entity_id 
_pdbx_entity_nonpoly.name 
_pdbx_entity_nonpoly.comp_id 
2 '1-chloro-2-(methylsulfanyl)benzene'     YGV 
3 2-AMINO-2-HYDROXYMETHYL-PROPANE-1,3-DIOL TRS 
4 water                                    HOH 
# 
_pdbx_initial_refinement_model.id               1 
_pdbx_initial_refinement_model.entity_id_list   ? 
_pdbx_initial_refinement_model.type             'experimental model' 
_pdbx_initial_refinement_model.source_name      PDB 
_pdbx_initial_refinement_model.accession_code   4W57 
_pdbx_initial_refinement_model.details          ? 
# 
_pdbx_struct_assembly_auth_evidence.id                     1 
_pdbx_struct_assembly_auth_evidence.assembly_id            1 
_pdbx_struct_assembly_auth_evidence.experimental_support   none 
_pdbx_struct_assembly_auth_evidence.details                ? 
# 
